data_1N86
#
_entry.id   1N86
#
_cell.length_a   52.328
_cell.length_b   130.093
_cell.length_c   298.313
_cell.angle_alpha   90.00
_cell.angle_beta   90.00
_cell.angle_gamma   90.00
#
_symmetry.space_group_name_H-M   'P 21 21 21'
#
loop_
_entity.id
_entity.type
_entity.pdbx_description
1 polymer 'Fibrin alpha/alpha-E chain'
2 polymer 'Fibrin beta chain'
3 polymer 'Fibrin gamma chain'
4 polymer 'fibrin alpha chain peptide ligand fragment Gly-Pro-Arg'
5 polymer 'fibrin beta chain peptide ligand fragment Gly-His-Arg-Pro-Leu-Asp-Lys'
6 non-polymer 2-acetamido-2-deoxy-alpha-D-glucopyranose
7 non-polymer alpha-D-mannopyranose
8 non-polymer 'CALCIUM ION'
#
loop_
_entity_poly.entity_id
_entity_poly.type
_entity_poly.pdbx_seq_one_letter_code
_entity_poly.pdbx_strand_id
1 'polypeptide(L)'
;VSEDLRSRIEVLKRKVIEKVQHIQLLQKNVRAQLVDMKRLEVDIDIKIRSCRGSCSRALAREVDLKDYEDQQKQLEQVIA
KDLLPSR
;
A,D
2 'polypeptide(L)'
;DNENVVNEYSSELEKHQLYIDETVNSNIPTNLRVLRSILENLRSKIQKLESDVSAQMEYCRTPCTVSCNIPVVSGKECEE
IIRKGGETSEMYLIQPDSSVKPYRVYCDMNTENGGWTVIQNRQDGSVDFGRKWDPYKQGFGNVATNTDGKNYCGLPGEYW
LGNDKISQLTRMGPTELLIEMEDWKGDKVKAHYGGFTVQNEANKYQISVNKYRGTAGNALMDGASQLMGENRTMTIHNGM
FFSTYDRDNDGWLTSDPRKQCSKEDGGGWWYNRCHAANPNGRYYWGGQYTWDMAKHGTDDGVVWMNWKGSWYSMRKMSMK
IRPFFPQQ
;
B,E
3 'polypeptide(L)'
;KMLEEIMKYEASILTHDSSIRYLQEIYNSNNQKIVNLKEKVAQLEAQCQEPCKDTVQIHDITGKDCQDIANKGAKQSGLY
FIKPLKANQQFLVYCEIDGSGNGWTVFQKRLDGSVDFKKNWIQYKEGFGHLSPTGTTEFWLGNEKIHLISTQSAIPYALR
VELEDWNGRTSTADYAMFKVGPEADKYRLTYAYFAGGDAGDAFDGFDFGDDPSDKFFTSHNGMQFSTWDNDNDKFEGNCA
EQDGSGWWMNKCHAGHLNGVYYQGGTYSKASTPNGYDNGIIWATWKTRWYSMKKTTMKIIPFNRLTIGEGQQHHLGGAKQ
AGDV
;
C,F
4 'polypeptide(L)' GPR G,H
5 'polypeptide(L)' GHRPLDK I,J
#
# COMPACT_ATOMS: atom_id res chain seq x y z
N ILE A 9 -13.63 -88.77 81.29
CA ILE A 9 -13.14 -87.36 81.35
C ILE A 9 -12.99 -86.77 79.94
N GLU A 10 -14.08 -86.23 79.41
CA GLU A 10 -14.09 -85.65 78.06
C GLU A 10 -14.01 -84.13 78.03
N VAL A 11 -15.05 -83.47 78.53
CA VAL A 11 -15.14 -82.00 78.54
C VAL A 11 -14.00 -81.28 79.27
N LEU A 12 -12.79 -81.84 79.24
CA LEU A 12 -11.63 -81.23 79.88
C LEU A 12 -10.28 -81.64 79.28
N LYS A 13 -9.83 -82.86 79.58
CA LYS A 13 -8.56 -83.34 79.07
C LYS A 13 -8.35 -83.10 77.57
N ARG A 14 -9.39 -83.31 76.76
CA ARG A 14 -9.30 -83.13 75.32
C ARG A 14 -9.89 -81.82 74.78
N LYS A 15 -11.17 -81.56 75.06
CA LYS A 15 -11.83 -80.36 74.57
C LYS A 15 -11.25 -79.02 75.04
N VAL A 16 -10.02 -79.05 75.54
CA VAL A 16 -9.35 -77.83 75.98
C VAL A 16 -8.21 -77.60 75.01
N ILE A 17 -7.35 -78.60 74.87
CA ILE A 17 -6.23 -78.50 73.97
C ILE A 17 -6.83 -78.34 72.55
N GLU A 18 -8.16 -78.30 72.50
CA GLU A 18 -8.92 -78.13 71.26
C GLU A 18 -9.34 -76.67 71.07
N LYS A 19 -9.97 -76.09 72.10
CA LYS A 19 -10.41 -74.69 72.06
C LYS A 19 -9.21 -73.81 71.72
N VAL A 20 -8.13 -74.01 72.47
CA VAL A 20 -6.88 -73.27 72.28
C VAL A 20 -6.52 -73.18 70.81
N GLN A 21 -6.46 -74.34 70.16
CA GLN A 21 -6.13 -74.39 68.74
C GLN A 21 -7.06 -73.45 68.00
N HIS A 22 -8.36 -73.61 68.22
CA HIS A 22 -9.32 -72.75 67.55
C HIS A 22 -9.19 -71.29 68.06
N ILE A 23 -8.22 -71.06 68.94
CA ILE A 23 -7.96 -69.72 69.47
C ILE A 23 -6.71 -69.18 68.81
N GLN A 24 -5.60 -69.92 68.91
CA GLN A 24 -4.35 -69.50 68.29
C GLN A 24 -4.71 -69.06 66.87
N LEU A 25 -5.38 -69.98 66.17
CA LEU A 25 -5.85 -69.75 64.82
C LEU A 25 -6.28 -68.29 64.69
N LEU A 26 -7.08 -67.83 65.64
CA LEU A 26 -7.58 -66.46 65.66
C LEU A 26 -6.43 -65.47 65.83
N GLN A 27 -5.61 -65.70 66.85
CA GLN A 27 -4.47 -64.83 67.10
C GLN A 27 -3.59 -64.76 65.87
N LYS A 28 -3.56 -65.83 65.09
CA LYS A 28 -2.73 -65.88 63.87
C LYS A 28 -3.35 -65.05 62.75
N ASN A 29 -4.56 -64.54 62.97
CA ASN A 29 -5.20 -63.75 61.95
C ASN A 29 -5.21 -62.27 62.30
N VAL A 30 -5.08 -61.96 63.59
CA VAL A 30 -5.05 -60.55 63.96
C VAL A 30 -3.68 -60.05 63.56
N ARG A 31 -2.69 -60.89 63.80
CA ARG A 31 -1.33 -60.55 63.42
C ARG A 31 -1.46 -60.17 61.95
N ALA A 32 -2.02 -61.08 61.18
CA ALA A 32 -2.22 -60.86 59.77
C ALA A 32 -3.07 -59.63 59.49
N GLN A 33 -3.95 -59.25 60.41
CA GLN A 33 -4.76 -58.08 60.16
C GLN A 33 -3.90 -56.87 60.42
N LEU A 34 -2.99 -56.98 61.38
CA LEU A 34 -2.09 -55.87 61.66
C LEU A 34 -1.28 -55.72 60.40
N VAL A 35 -1.06 -56.84 59.73
CA VAL A 35 -0.29 -56.82 58.51
C VAL A 35 -0.92 -55.82 57.56
N ASP A 36 -1.80 -56.27 56.67
CA ASP A 36 -2.34 -55.33 55.71
C ASP A 36 -2.80 -54.01 56.31
N MET A 37 -3.27 -54.00 57.56
CA MET A 37 -3.70 -52.73 58.16
C MET A 37 -2.53 -51.76 58.10
N LYS A 38 -1.44 -52.12 58.81
CA LYS A 38 -0.22 -51.32 58.82
C LYS A 38 0.01 -50.86 57.38
N ARG A 39 0.12 -51.83 56.48
CA ARG A 39 0.31 -51.53 55.07
C ARG A 39 -0.70 -50.49 54.62
N LEU A 40 -1.97 -50.75 54.89
CA LEU A 40 -3.02 -49.81 54.49
C LEU A 40 -2.78 -48.42 55.02
N GLU A 41 -2.59 -48.33 56.34
CA GLU A 41 -2.35 -47.05 56.98
C GLU A 41 -1.36 -46.32 56.08
N VAL A 42 -0.36 -47.07 55.60
CA VAL A 42 0.65 -46.54 54.72
C VAL A 42 0.17 -46.26 53.29
N ASP A 43 -0.58 -47.20 52.73
CA ASP A 43 -1.08 -47.02 51.37
C ASP A 43 -1.94 -45.76 51.24
N ILE A 44 -2.76 -45.48 52.23
CA ILE A 44 -3.60 -44.28 52.18
C ILE A 44 -2.77 -43.00 52.33
N ASP A 45 -1.85 -43.00 53.30
CA ASP A 45 -0.99 -41.85 53.55
C ASP A 45 -0.46 -41.32 52.22
N ILE A 46 0.07 -42.25 51.44
CA ILE A 46 0.62 -41.99 50.11
C ILE A 46 -0.50 -41.55 49.18
N LYS A 47 -1.42 -42.45 48.90
CA LYS A 47 -2.55 -42.18 48.03
C LYS A 47 -3.13 -40.81 48.35
N ILE A 48 -3.19 -40.46 49.64
CA ILE A 48 -3.72 -39.17 50.00
C ILE A 48 -2.71 -38.13 49.53
N ARG A 49 -1.45 -38.32 49.92
CA ARG A 49 -0.42 -37.37 49.51
C ARG A 49 -0.44 -37.14 48.02
N SER A 50 -0.58 -38.20 47.25
CA SER A 50 -0.62 -38.06 45.80
C SER A 50 -1.73 -37.08 45.37
N CYS A 51 -2.68 -36.82 46.25
CA CYS A 51 -3.75 -35.88 45.90
C CYS A 51 -3.31 -34.43 45.92
N ARG A 52 -2.21 -34.15 46.60
CA ARG A 52 -1.73 -32.78 46.72
C ARG A 52 -1.58 -32.18 45.34
N GLY A 53 -1.48 -33.04 44.34
CA GLY A 53 -1.31 -32.56 42.99
C GLY A 53 -2.51 -32.64 42.06
N SER A 54 -3.66 -33.09 42.55
CA SER A 54 -4.83 -33.19 41.69
C SER A 54 -6.00 -32.39 42.20
N CYS A 55 -6.00 -32.09 43.50
CA CYS A 55 -7.11 -31.36 44.11
C CYS A 55 -6.69 -29.98 44.67
N SER A 56 -7.63 -29.27 45.30
CA SER A 56 -7.36 -27.93 45.87
C SER A 56 -6.31 -27.97 46.98
N ARG A 57 -6.61 -28.63 48.09
CA ARG A 57 -5.65 -28.75 49.17
C ARG A 57 -5.53 -30.23 49.53
N ALA A 58 -4.47 -30.61 50.25
CA ALA A 58 -4.27 -32.01 50.61
C ALA A 58 -4.17 -32.19 52.10
N LEU A 59 -5.11 -32.95 52.68
CA LEU A 59 -5.14 -33.15 54.11
C LEU A 59 -3.80 -33.42 54.77
N ALA A 60 -3.46 -32.53 55.70
CA ALA A 60 -2.22 -32.63 56.44
C ALA A 60 -2.43 -33.67 57.54
N ARG A 61 -1.77 -34.81 57.42
CA ARG A 61 -1.96 -35.86 58.43
C ARG A 61 -0.73 -36.53 59.01
N GLU A 62 -0.93 -37.11 60.18
CA GLU A 62 0.13 -37.80 60.91
C GLU A 62 -0.14 -39.31 61.02
N VAL A 63 0.87 -40.10 60.71
CA VAL A 63 0.78 -41.55 60.77
C VAL A 63 1.72 -42.10 61.83
N ASP A 64 1.36 -41.95 63.10
CA ASP A 64 2.23 -42.43 64.18
C ASP A 64 2.31 -43.97 64.20
N LEU A 65 3.01 -44.50 63.20
CA LEU A 65 3.22 -45.92 63.02
C LEU A 65 3.59 -46.66 64.28
N LYS A 66 4.32 -45.99 65.16
CA LYS A 66 4.76 -46.61 66.39
C LYS A 66 3.73 -47.56 66.98
N ASP A 67 2.56 -47.05 67.37
CA ASP A 67 1.51 -47.88 67.98
C ASP A 67 1.40 -49.26 67.33
N TYR A 68 1.46 -49.29 66.00
CA TYR A 68 1.41 -50.55 65.29
C TYR A 68 2.59 -51.38 65.80
N GLU A 69 3.81 -50.89 65.60
CA GLU A 69 4.99 -51.59 66.05
C GLU A 69 4.77 -52.10 67.48
N ASP A 70 4.31 -51.21 68.37
CA ASP A 70 4.02 -51.61 69.75
C ASP A 70 3.16 -52.85 69.72
N GLN A 71 1.92 -52.64 69.29
CA GLN A 71 0.92 -53.70 69.20
C GLN A 71 1.39 -55.02 68.62
N GLN A 72 2.12 -55.01 67.52
CA GLN A 72 2.57 -56.28 66.98
C GLN A 72 3.71 -56.90 67.77
N LYS A 73 4.57 -56.06 68.34
CA LYS A 73 5.67 -56.60 69.14
C LYS A 73 4.99 -57.37 70.27
N GLN A 74 3.89 -56.83 70.77
CA GLN A 74 3.11 -57.44 71.85
C GLN A 74 2.37 -58.69 71.40
N LEU A 75 1.75 -58.63 70.24
CA LEU A 75 1.01 -59.77 69.73
C LEU A 75 1.91 -61.00 69.58
N GLU A 76 3.21 -60.77 69.37
CA GLU A 76 4.17 -61.88 69.21
C GLU A 76 4.74 -62.32 70.56
N GLN A 77 4.37 -61.59 71.61
CA GLN A 77 4.80 -61.91 72.96
C GLN A 77 3.74 -62.91 73.39
N VAL A 78 3.12 -63.52 72.38
CA VAL A 78 2.05 -64.50 72.54
C VAL A 78 2.38 -65.72 71.65
N ILE A 79 3.59 -66.23 71.80
CA ILE A 79 4.06 -67.38 71.04
C ILE A 79 4.83 -68.37 71.94
N ALA A 80 5.42 -67.85 73.02
CA ALA A 80 6.17 -68.70 73.95
C ALA A 80 5.18 -69.47 74.83
N LYS A 81 3.90 -69.17 74.67
CA LYS A 81 2.83 -69.81 75.44
C LYS A 81 1.96 -70.72 74.56
N ASP A 82 2.30 -70.78 73.27
CA ASP A 82 1.55 -71.62 72.34
C ASP A 82 1.93 -73.09 72.49
N LEU B 18 -2.25 -83.09 83.14
CA LEU B 18 -1.46 -83.02 84.41
C LEU B 18 -1.91 -81.81 85.25
N TYR B 19 -2.36 -80.76 84.56
CA TYR B 19 -2.85 -79.52 85.20
C TYR B 19 -2.98 -78.39 84.18
N ILE B 20 -2.87 -78.74 82.90
CA ILE B 20 -2.96 -77.77 81.81
C ILE B 20 -4.22 -76.92 81.91
N ASP B 21 -5.20 -77.40 82.67
CA ASP B 21 -6.45 -76.67 82.84
C ASP B 21 -6.24 -75.37 83.62
N GLU B 22 -4.97 -74.98 83.76
CA GLU B 22 -4.64 -73.74 84.44
C GLU B 22 -4.68 -72.66 83.37
N THR B 23 -4.43 -73.05 82.12
CA THR B 23 -4.45 -72.10 81.02
C THR B 23 -5.89 -71.61 80.86
N VAL B 24 -6.84 -72.44 81.29
CA VAL B 24 -8.25 -72.09 81.22
C VAL B 24 -8.48 -70.98 82.24
N ASN B 25 -7.53 -70.86 83.17
CA ASN B 25 -7.61 -69.87 84.24
C ASN B 25 -6.29 -69.09 84.46
N SER B 26 -5.91 -68.30 83.47
CA SER B 26 -4.69 -67.48 83.51
C SER B 26 -4.28 -67.10 82.10
N ASN B 27 -3.72 -68.07 81.38
CA ASN B 27 -3.28 -67.84 80.00
C ASN B 27 -4.49 -67.37 79.18
N ILE B 28 -5.10 -68.27 78.43
CA ILE B 28 -6.26 -67.94 77.58
C ILE B 28 -6.91 -66.59 77.87
N PRO B 29 -7.48 -66.40 79.08
CA PRO B 29 -8.11 -65.12 79.36
C PRO B 29 -7.27 -63.95 78.91
N THR B 30 -6.03 -63.88 79.37
CA THR B 30 -5.15 -62.78 78.99
C THR B 30 -4.97 -62.77 77.49
N ASN B 31 -4.77 -63.94 76.89
CA ASN B 31 -4.64 -64.00 75.46
C ASN B 31 -5.84 -63.26 74.89
N LEU B 32 -7.03 -63.73 75.23
CA LEU B 32 -8.27 -63.10 74.77
C LEU B 32 -8.32 -61.62 75.16
N ARG B 33 -7.79 -61.29 76.33
CA ARG B 33 -7.79 -59.91 76.80
C ARG B 33 -7.01 -59.10 75.79
N VAL B 34 -5.73 -59.42 75.66
CA VAL B 34 -4.87 -58.73 74.69
C VAL B 34 -5.58 -58.77 73.35
N LEU B 35 -5.72 -59.98 72.81
CA LEU B 35 -6.40 -60.25 71.56
C LEU B 35 -7.50 -59.20 71.31
N ARG B 36 -8.42 -59.07 72.26
CA ARG B 36 -9.50 -58.08 72.12
C ARG B 36 -8.86 -56.71 71.91
N SER B 37 -8.16 -56.22 72.93
CA SER B 37 -7.48 -54.93 72.88
C SER B 37 -7.25 -54.45 71.47
N ILE B 38 -6.32 -55.09 70.78
CA ILE B 38 -5.98 -54.70 69.42
C ILE B 38 -7.18 -54.65 68.46
N LEU B 39 -7.90 -55.76 68.28
CA LEU B 39 -9.05 -55.75 67.38
C LEU B 39 -9.87 -54.47 67.53
N GLU B 40 -10.05 -54.03 68.77
CA GLU B 40 -10.80 -52.81 69.03
C GLU B 40 -9.90 -51.69 68.50
N ASN B 41 -8.66 -51.67 68.99
CA ASN B 41 -7.65 -50.70 68.58
C ASN B 41 -7.63 -50.55 67.05
N LEU B 42 -7.51 -51.68 66.36
CA LEU B 42 -7.52 -51.67 64.90
C LEU B 42 -8.83 -51.09 64.45
N ARG B 43 -9.92 -51.69 64.93
CA ARG B 43 -11.25 -51.23 64.57
C ARG B 43 -11.30 -49.71 64.60
N SER B 44 -10.64 -49.13 65.60
CA SER B 44 -10.57 -47.69 65.76
C SER B 44 -9.86 -47.13 64.55
N LYS B 45 -8.60 -47.50 64.41
CA LYS B 45 -7.80 -47.04 63.29
C LYS B 45 -8.53 -47.17 61.96
N ILE B 46 -9.37 -48.19 61.83
CA ILE B 46 -10.10 -48.36 60.60
C ILE B 46 -11.15 -47.27 60.41
N GLN B 47 -11.93 -46.99 61.46
CA GLN B 47 -12.97 -45.97 61.35
C GLN B 47 -12.31 -44.60 61.21
N LYS B 48 -11.03 -44.51 61.57
CA LYS B 48 -10.32 -43.24 61.45
C LYS B 48 -9.91 -43.00 60.02
N LEU B 49 -9.24 -43.99 59.43
CA LEU B 49 -8.83 -43.87 58.05
C LEU B 49 -10.06 -43.60 57.19
N GLU B 50 -11.18 -44.17 57.59
CA GLU B 50 -12.44 -43.97 56.89
C GLU B 50 -12.61 -42.47 56.69
N SER B 51 -12.54 -41.75 57.81
CA SER B 51 -12.70 -40.30 57.85
C SER B 51 -11.69 -39.53 56.99
N ASP B 52 -10.40 -39.75 57.21
CA ASP B 52 -9.42 -39.04 56.42
C ASP B 52 -9.78 -39.21 54.95
N VAL B 53 -9.96 -40.45 54.52
CA VAL B 53 -10.31 -40.71 53.14
C VAL B 53 -11.54 -39.95 52.67
N SER B 54 -12.59 -39.93 53.48
CA SER B 54 -13.78 -39.21 53.07
C SER B 54 -13.48 -37.71 52.99
N ALA B 55 -12.71 -37.20 53.94
CA ALA B 55 -12.36 -35.79 53.96
C ALA B 55 -11.60 -35.36 52.70
N GLN B 56 -10.55 -36.10 52.35
CA GLN B 56 -9.76 -35.78 51.17
C GLN B 56 -10.60 -35.88 49.91
N MET B 57 -11.50 -36.85 49.89
CA MET B 57 -12.38 -37.05 48.76
C MET B 57 -13.11 -35.73 48.58
N GLU B 58 -13.30 -35.01 49.70
CA GLU B 58 -14.00 -33.74 49.70
C GLU B 58 -13.17 -32.54 49.26
N TYR B 59 -11.99 -32.35 49.85
CA TYR B 59 -11.16 -31.21 49.44
C TYR B 59 -11.08 -31.29 47.93
N CYS B 60 -11.28 -32.50 47.40
CA CYS B 60 -11.21 -32.74 45.96
C CYS B 60 -12.36 -32.27 45.07
N ARG B 61 -13.45 -31.80 45.66
CA ARG B 61 -14.56 -31.33 44.85
C ARG B 61 -14.04 -30.21 43.95
N THR B 62 -12.87 -29.70 44.31
CA THR B 62 -12.20 -28.63 43.56
C THR B 62 -10.75 -29.01 43.30
N PRO B 63 -10.31 -28.94 42.03
CA PRO B 63 -8.94 -29.28 41.65
C PRO B 63 -7.96 -28.16 41.95
N CYS B 64 -6.66 -28.46 41.90
CA CYS B 64 -5.63 -27.44 42.11
C CYS B 64 -5.48 -26.66 40.81
N THR B 65 -5.21 -25.37 40.89
CA THR B 65 -5.05 -24.60 39.67
C THR B 65 -3.71 -23.93 39.55
N VAL B 66 -3.33 -23.70 38.30
CA VAL B 66 -2.09 -23.03 37.96
C VAL B 66 -2.35 -22.14 36.75
N SER B 67 -1.40 -21.25 36.48
CA SER B 67 -1.51 -20.37 35.34
C SER B 67 -0.09 -20.20 34.89
N CYS B 68 0.32 -20.97 33.89
CA CYS B 68 1.68 -20.88 33.38
C CYS B 68 1.77 -20.11 32.08
N ASN B 69 1.73 -18.78 32.18
CA ASN B 69 1.85 -17.96 31.00
C ASN B 69 3.10 -18.46 30.27
N ILE B 70 3.00 -18.58 28.96
CA ILE B 70 4.10 -19.09 28.17
C ILE B 70 5.13 -18.08 27.72
N PRO B 71 6.41 -18.42 27.89
CA PRO B 71 7.55 -17.58 27.51
C PRO B 71 7.65 -17.51 26.01
N VAL B 72 7.92 -16.32 25.48
CA VAL B 72 8.02 -16.11 24.04
C VAL B 72 8.87 -17.17 23.36
N VAL B 73 10.11 -17.24 23.82
CA VAL B 73 11.10 -18.16 23.28
C VAL B 73 10.65 -19.63 23.24
N SER B 74 11.06 -20.32 22.18
CA SER B 74 10.73 -21.73 21.98
C SER B 74 11.63 -22.32 20.93
N GLY B 75 11.85 -23.63 21.01
CA GLY B 75 12.71 -24.30 20.04
C GLY B 75 12.31 -25.74 19.80
N LYS B 76 13.29 -26.59 19.54
CA LYS B 76 13.00 -28.00 19.32
C LYS B 76 13.02 -28.71 20.67
N GLU B 77 13.78 -28.14 21.61
CA GLU B 77 13.89 -28.67 22.96
C GLU B 77 14.79 -27.78 23.82
N CYS B 78 14.62 -27.86 25.13
CA CYS B 78 15.37 -27.06 26.10
C CYS B 78 16.76 -26.56 25.71
N GLU B 79 17.53 -27.38 24.98
CA GLU B 79 18.87 -26.99 24.55
C GLU B 79 18.77 -25.75 23.67
N GLU B 80 18.34 -25.98 22.43
CA GLU B 80 18.17 -24.93 21.44
C GLU B 80 17.70 -23.68 22.15
N ILE B 81 16.75 -23.87 23.06
CA ILE B 81 16.17 -22.77 23.82
C ILE B 81 17.16 -21.95 24.62
N ILE B 82 17.89 -22.58 25.53
CA ILE B 82 18.84 -21.83 26.33
C ILE B 82 19.83 -21.17 25.38
N ARG B 83 19.93 -21.76 24.19
CA ARG B 83 20.82 -21.26 23.15
C ARG B 83 20.17 -20.06 22.46
N LYS B 84 18.84 -20.02 22.48
CA LYS B 84 18.09 -18.94 21.89
C LYS B 84 17.87 -17.81 22.89
N GLY B 85 18.49 -17.91 24.06
CA GLY B 85 18.35 -16.85 25.03
C GLY B 85 17.58 -17.11 26.31
N GLY B 86 16.81 -18.19 26.36
CA GLY B 86 16.05 -18.51 27.58
C GLY B 86 17.01 -18.97 28.65
N GLU B 87 17.25 -18.11 29.64
CA GLU B 87 18.21 -18.42 30.70
C GLU B 87 17.69 -18.73 32.10
N THR B 88 16.38 -18.82 32.27
CA THR B 88 15.82 -19.12 33.58
C THR B 88 15.21 -20.50 33.57
N SER B 89 15.32 -21.19 34.68
CA SER B 89 14.73 -22.53 34.80
C SER B 89 13.25 -22.39 35.11
N GLU B 90 12.43 -22.75 34.14
CA GLU B 90 10.99 -22.67 34.27
C GLU B 90 10.34 -23.53 33.20
N MET B 91 9.09 -23.23 32.87
CA MET B 91 8.40 -24.03 31.89
C MET B 91 8.41 -23.41 30.52
N TYR B 92 8.94 -24.15 29.54
CA TYR B 92 8.98 -23.67 28.18
C TYR B 92 8.12 -24.54 27.30
N LEU B 93 7.97 -24.11 26.05
CA LEU B 93 7.13 -24.85 25.13
C LEU B 93 7.99 -25.23 23.94
N ILE B 94 8.20 -26.52 23.75
CA ILE B 94 9.02 -27.00 22.63
C ILE B 94 8.22 -27.74 21.59
N GLN B 95 8.91 -28.03 20.50
CA GLN B 95 8.35 -28.74 19.37
C GLN B 95 9.52 -29.35 18.62
N PRO B 96 10.01 -30.49 19.13
CA PRO B 96 11.14 -31.18 18.53
C PRO B 96 10.85 -31.52 17.08
N ASP B 97 9.80 -32.29 16.85
CA ASP B 97 9.45 -32.69 15.50
C ASP B 97 8.20 -31.97 14.98
N SER B 98 8.32 -31.41 13.80
CA SER B 98 7.23 -30.68 13.18
C SER B 98 6.02 -31.57 12.94
N SER B 99 6.21 -32.88 12.94
CA SER B 99 5.10 -33.81 12.70
C SER B 99 4.10 -33.83 13.84
N VAL B 100 4.51 -33.31 15.00
CA VAL B 100 3.69 -33.27 16.21
C VAL B 100 3.57 -31.85 16.76
N LYS B 101 2.44 -31.54 17.39
CA LYS B 101 2.28 -30.19 17.92
C LYS B 101 3.06 -30.00 19.22
N PRO B 102 3.60 -28.79 19.44
CA PRO B 102 4.39 -28.43 20.62
C PRO B 102 3.72 -28.84 21.90
N TYR B 103 4.52 -29.37 22.81
CA TYR B 103 4.01 -29.77 24.11
C TYR B 103 4.82 -29.00 25.15
N ARG B 104 4.28 -28.89 26.35
CA ARG B 104 4.96 -28.16 27.40
C ARG B 104 5.94 -29.07 28.11
N VAL B 105 7.04 -28.48 28.59
CA VAL B 105 8.05 -29.23 29.33
C VAL B 105 8.85 -28.29 30.23
N TYR B 106 9.48 -28.85 31.24
CA TYR B 106 10.29 -28.04 32.13
C TYR B 106 11.75 -28.07 31.70
N CYS B 107 12.38 -26.90 31.65
CA CYS B 107 13.77 -26.81 31.26
C CYS B 107 14.65 -26.44 32.42
N ASP B 108 15.72 -27.19 32.63
CA ASP B 108 16.65 -26.86 33.71
C ASP B 108 17.78 -26.09 33.06
N MET B 109 17.80 -24.77 33.27
CA MET B 109 18.83 -23.94 32.67
C MET B 109 19.92 -23.51 33.66
N ASN B 110 20.00 -24.17 34.81
CA ASN B 110 21.01 -23.82 35.81
C ASN B 110 21.98 -24.94 36.12
N THR B 111 21.44 -26.13 36.38
CA THR B 111 22.25 -27.29 36.70
C THR B 111 23.07 -27.82 35.53
N GLU B 112 24.38 -27.90 35.73
CA GLU B 112 25.32 -28.39 34.73
C GLU B 112 25.16 -27.72 33.38
N ASN B 113 25.23 -26.39 33.36
CA ASN B 113 25.14 -25.60 32.13
C ASN B 113 23.85 -25.69 31.32
N GLY B 114 22.70 -25.73 32.02
CA GLY B 114 21.40 -25.79 31.38
C GLY B 114 21.19 -26.56 30.08
N GLY B 115 20.04 -26.33 29.47
CA GLY B 115 19.68 -26.99 28.22
C GLY B 115 18.97 -28.29 28.53
N TRP B 116 18.84 -28.55 29.82
CA TRP B 116 18.20 -29.76 30.31
C TRP B 116 16.68 -29.84 30.18
N THR B 117 16.25 -30.87 29.47
CA THR B 117 14.83 -31.13 29.25
C THR B 117 14.40 -32.23 30.23
N VAL B 118 13.52 -31.90 31.18
CA VAL B 118 13.07 -32.89 32.15
C VAL B 118 12.15 -33.96 31.57
N ILE B 119 12.42 -35.20 31.89
CA ILE B 119 11.59 -36.30 31.39
C ILE B 119 10.80 -36.87 32.58
N GLN B 120 11.43 -36.85 33.75
CA GLN B 120 10.84 -37.38 34.97
C GLN B 120 11.35 -36.60 36.18
N ASN B 121 10.47 -36.33 37.14
CA ASN B 121 10.82 -35.58 38.34
C ASN B 121 9.96 -35.92 39.56
N ARG B 122 10.62 -36.20 40.67
CA ARG B 122 9.96 -36.54 41.92
C ARG B 122 10.53 -35.67 43.01
N GLN B 123 9.66 -34.99 43.76
CA GLN B 123 10.13 -34.11 44.83
C GLN B 123 9.21 -34.04 46.05
N ASP B 124 8.02 -34.60 45.92
CA ASP B 124 7.03 -34.63 47.01
C ASP B 124 6.07 -35.74 46.63
N GLY B 125 4.98 -35.89 47.37
CA GLY B 125 4.09 -36.97 47.00
C GLY B 125 3.02 -36.59 46.00
N SER B 126 2.98 -35.30 45.68
CA SER B 126 1.99 -34.73 44.79
C SER B 126 1.43 -35.56 43.62
N VAL B 127 2.14 -36.56 43.12
CA VAL B 127 1.59 -37.31 41.98
C VAL B 127 1.66 -38.83 42.02
N ASP B 128 0.54 -39.49 41.71
CA ASP B 128 0.52 -40.96 41.69
C ASP B 128 1.31 -41.44 40.48
N PHE B 129 2.25 -42.35 40.70
CA PHE B 129 3.05 -42.88 39.60
C PHE B 129 2.62 -44.29 39.23
N GLY B 130 1.90 -44.94 40.14
CA GLY B 130 1.42 -46.28 39.86
C GLY B 130 0.23 -46.17 38.94
N ARG B 131 0.52 -45.88 37.67
CA ARG B 131 -0.53 -45.72 36.66
C ARG B 131 -0.46 -46.78 35.57
N LYS B 132 -1.45 -46.77 34.67
CA LYS B 132 -1.53 -47.73 33.57
C LYS B 132 -0.66 -47.38 32.36
N TRP B 133 -0.56 -48.31 31.42
CA TRP B 133 0.27 -48.15 30.23
C TRP B 133 0.03 -46.88 29.41
N ASP B 134 -1.20 -46.70 28.95
CA ASP B 134 -1.56 -45.53 28.14
C ASP B 134 -1.07 -44.27 28.83
N PRO B 135 -1.45 -44.06 30.11
CA PRO B 135 -1.02 -42.88 30.82
C PRO B 135 0.47 -42.64 30.67
N TYR B 136 1.27 -43.65 30.96
CA TYR B 136 2.70 -43.50 30.83
C TYR B 136 3.09 -43.14 29.39
N LYS B 137 2.30 -43.62 28.44
CA LYS B 137 2.50 -43.37 27.02
C LYS B 137 2.18 -41.94 26.61
N GLN B 138 1.15 -41.36 27.25
CA GLN B 138 0.73 -39.99 26.96
C GLN B 138 1.41 -38.99 27.90
N GLY B 139 1.85 -39.47 29.05
CA GLY B 139 2.48 -38.61 30.02
C GLY B 139 1.47 -38.17 31.06
N PHE B 140 1.95 -37.73 32.21
CA PHE B 140 1.04 -37.29 33.24
C PHE B 140 1.81 -36.54 34.31
N GLY B 141 1.05 -35.84 35.14
CA GLY B 141 1.66 -35.08 36.21
C GLY B 141 1.53 -33.59 35.92
N ASN B 142 2.17 -32.82 36.79
CA ASN B 142 2.16 -31.38 36.63
C ASN B 142 3.54 -30.96 36.19
N VAL B 143 3.62 -30.43 34.98
CA VAL B 143 4.90 -30.01 34.42
C VAL B 143 5.51 -28.96 35.32
N ALA B 144 4.76 -27.91 35.60
CA ALA B 144 5.26 -26.85 36.46
C ALA B 144 4.14 -26.09 37.17
N THR B 145 4.45 -25.58 38.36
CA THR B 145 3.50 -24.80 39.13
C THR B 145 4.04 -23.37 39.18
N ASN B 146 3.17 -22.42 39.52
CA ASN B 146 3.54 -21.03 39.60
C ASN B 146 4.48 -20.73 40.75
N THR B 147 5.52 -19.98 40.44
CA THR B 147 6.50 -19.58 41.44
C THR B 147 5.76 -18.66 42.38
N ASP B 148 6.02 -18.78 43.68
CA ASP B 148 5.36 -17.93 44.65
C ASP B 148 5.27 -16.48 44.14
N GLY B 149 4.05 -16.04 43.89
CA GLY B 149 3.84 -14.69 43.41
C GLY B 149 3.85 -14.54 41.90
N LYS B 150 5.02 -14.69 41.30
CA LYS B 150 5.22 -14.56 39.85
C LYS B 150 4.12 -15.14 38.96
N ASN B 151 4.13 -14.73 37.70
CA ASN B 151 3.14 -15.17 36.73
C ASN B 151 3.56 -16.29 35.79
N TYR B 152 4.73 -16.87 36.06
CA TYR B 152 5.22 -17.96 35.23
C TYR B 152 5.51 -19.13 36.15
N CYS B 153 5.39 -20.35 35.63
CA CYS B 153 5.64 -21.50 36.47
C CYS B 153 7.12 -21.81 36.46
N GLY B 154 7.84 -21.19 37.39
CA GLY B 154 9.27 -21.38 37.49
C GLY B 154 9.62 -22.60 38.32
N LEU B 155 8.62 -23.17 38.95
CA LEU B 155 8.80 -24.36 39.76
C LEU B 155 8.32 -25.60 39.01
N PRO B 156 9.14 -26.66 38.99
CA PRO B 156 8.76 -27.89 38.30
C PRO B 156 7.80 -28.65 39.17
N GLY B 157 7.10 -29.61 38.58
CA GLY B 157 6.16 -30.42 39.35
C GLY B 157 6.52 -31.87 39.15
N GLU B 158 5.75 -32.77 39.73
CA GLU B 158 6.03 -34.18 39.53
C GLU B 158 5.36 -34.59 38.24
N TYR B 159 6.13 -35.16 37.34
CA TYR B 159 5.53 -35.60 36.10
C TYR B 159 6.40 -36.57 35.36
N TRP B 160 5.84 -37.10 34.27
CA TRP B 160 6.52 -38.04 33.41
C TRP B 160 6.05 -37.62 32.05
N LEU B 161 6.94 -36.96 31.31
CA LEU B 161 6.61 -36.51 29.98
C LEU B 161 6.25 -37.80 29.24
N GLY B 162 5.14 -37.79 28.53
CA GLY B 162 4.74 -39.00 27.80
C GLY B 162 5.83 -39.86 27.17
N ASN B 163 5.68 -41.18 27.25
CA ASN B 163 6.64 -42.12 26.67
C ASN B 163 6.95 -41.80 25.21
N ASP B 164 5.91 -41.75 24.39
CA ASP B 164 6.10 -41.45 22.99
C ASP B 164 6.97 -40.21 22.80
N LYS B 165 6.72 -39.19 23.61
CA LYS B 165 7.49 -37.96 23.52
C LYS B 165 8.96 -38.22 23.90
N ILE B 166 9.17 -39.00 24.95
CA ILE B 166 10.52 -39.31 25.39
C ILE B 166 11.23 -40.11 24.32
N SER B 167 10.51 -41.03 23.72
CA SER B 167 11.07 -41.86 22.66
C SER B 167 11.57 -40.91 21.57
N GLN B 168 10.63 -40.26 20.91
CA GLN B 168 10.93 -39.33 19.84
C GLN B 168 12.05 -38.35 20.19
N LEU B 169 12.11 -37.88 21.43
CA LEU B 169 13.15 -36.94 21.83
C LEU B 169 14.54 -37.53 21.67
N THR B 170 14.66 -38.83 21.91
CA THR B 170 15.95 -39.50 21.82
C THR B 170 16.26 -39.96 20.40
N ARG B 171 15.26 -40.47 19.71
CA ARG B 171 15.45 -40.95 18.35
C ARG B 171 15.72 -39.79 17.36
N MET B 172 15.92 -38.59 17.90
CA MET B 172 16.22 -37.44 17.06
C MET B 172 17.69 -37.47 16.72
N GLY B 173 18.50 -37.41 17.76
CA GLY B 173 19.95 -37.45 17.57
C GLY B 173 20.65 -38.04 18.79
N PRO B 174 21.98 -38.08 18.78
CA PRO B 174 22.75 -38.63 19.90
C PRO B 174 22.43 -37.90 21.21
N THR B 175 21.53 -38.50 21.99
CA THR B 175 21.05 -37.96 23.27
C THR B 175 21.74 -38.48 24.52
N GLU B 176 22.09 -37.58 25.42
CA GLU B 176 22.73 -37.99 26.67
C GLU B 176 21.70 -37.88 27.78
N LEU B 177 21.80 -38.77 28.77
CA LEU B 177 20.86 -38.75 29.89
C LEU B 177 21.50 -38.50 31.26
N LEU B 178 20.79 -37.80 32.12
CA LEU B 178 21.28 -37.49 33.45
C LEU B 178 20.22 -37.73 34.50
N ILE B 179 20.62 -38.42 35.56
CA ILE B 179 19.71 -38.72 36.65
C ILE B 179 20.24 -38.23 37.99
N GLU B 180 19.46 -37.38 38.65
CA GLU B 180 19.83 -36.83 39.93
C GLU B 180 18.87 -37.33 40.99
N MET B 181 19.31 -37.30 42.25
CA MET B 181 18.49 -37.74 43.37
C MET B 181 19.06 -37.15 44.64
N GLU B 182 18.17 -36.87 45.60
CA GLU B 182 18.58 -36.29 46.86
C GLU B 182 17.92 -37.06 48.00
N ASP B 183 18.70 -37.43 49.01
CA ASP B 183 18.18 -38.16 50.17
C ASP B 183 17.57 -37.16 51.13
N TRP B 184 16.87 -37.65 52.15
CA TRP B 184 16.22 -36.77 53.10
C TRP B 184 17.15 -35.95 53.98
N LYS B 185 18.36 -36.45 54.21
CA LYS B 185 19.30 -35.71 55.02
C LYS B 185 19.84 -34.52 54.24
N GLY B 186 19.89 -34.63 52.92
CA GLY B 186 20.36 -33.51 52.13
C GLY B 186 21.43 -33.74 51.06
N ASP B 187 22.19 -34.83 51.17
CA ASP B 187 23.26 -35.09 50.21
C ASP B 187 22.73 -35.50 48.82
N LYS B 188 23.57 -35.37 47.79
CA LYS B 188 23.16 -35.69 46.43
C LYS B 188 24.10 -36.64 45.70
N VAL B 189 23.69 -37.06 44.50
CA VAL B 189 24.46 -37.96 43.65
C VAL B 189 23.96 -37.83 42.21
N LYS B 190 24.74 -38.30 41.24
CA LYS B 190 24.35 -38.23 39.83
C LYS B 190 24.49 -39.57 39.11
N ALA B 191 24.07 -39.62 37.84
CA ALA B 191 24.16 -40.83 37.03
C ALA B 191 24.08 -40.53 35.54
N HIS B 192 25.18 -40.00 35.00
CA HIS B 192 25.27 -39.63 33.59
C HIS B 192 25.31 -40.81 32.64
N TYR B 193 24.62 -40.68 31.51
CA TYR B 193 24.59 -41.74 30.48
C TYR B 193 24.69 -41.09 29.10
N GLY B 194 25.89 -40.63 28.76
CA GLY B 194 26.13 -39.97 27.48
C GLY B 194 25.28 -40.46 26.33
N GLY B 195 24.95 -41.75 26.35
CA GLY B 195 24.12 -42.31 25.31
C GLY B 195 22.83 -42.81 25.93
N PHE B 196 21.69 -42.48 25.31
CA PHE B 196 20.41 -42.90 25.84
C PHE B 196 19.38 -42.88 24.73
N THR B 197 18.53 -43.91 24.72
CA THR B 197 17.48 -44.00 23.71
C THR B 197 16.31 -44.83 24.24
N VAL B 198 15.14 -44.66 23.63
CA VAL B 198 13.95 -45.41 24.01
C VAL B 198 13.14 -45.61 22.74
N GLN B 199 13.09 -46.83 22.25
CA GLN B 199 12.36 -47.14 21.04
C GLN B 199 10.90 -46.75 21.15
N ASN B 200 10.20 -46.71 20.02
CA ASN B 200 8.78 -46.34 20.00
C ASN B 200 7.91 -47.35 20.72
N GLU B 201 6.62 -47.06 20.80
CA GLU B 201 5.69 -47.95 21.47
C GLU B 201 5.71 -49.33 20.84
N ALA B 202 5.70 -49.36 19.51
CA ALA B 202 5.73 -50.61 18.78
C ALA B 202 6.84 -51.51 19.29
N ASN B 203 7.92 -50.92 19.78
CA ASN B 203 9.04 -51.71 20.30
C ASN B 203 9.11 -51.70 21.81
N LYS B 204 7.94 -51.71 22.44
CA LYS B 204 7.87 -51.69 23.89
C LYS B 204 8.83 -50.69 24.53
N TYR B 205 8.93 -49.50 23.95
CA TYR B 205 9.80 -48.46 24.48
C TYR B 205 11.10 -48.98 25.08
N GLN B 206 11.72 -49.94 24.40
CA GLN B 206 12.97 -50.54 24.86
C GLN B 206 14.03 -49.50 25.16
N ILE B 207 14.55 -49.55 26.38
CA ILE B 207 15.57 -48.62 26.82
C ILE B 207 16.93 -49.06 26.29
N SER B 208 17.95 -48.24 26.53
CA SER B 208 19.32 -48.52 26.10
C SER B 208 20.21 -47.36 26.49
N VAL B 209 21.28 -47.63 27.24
CA VAL B 209 22.16 -46.57 27.70
C VAL B 209 23.64 -46.93 27.67
N ASN B 210 24.47 -45.98 28.08
CA ASN B 210 25.92 -46.18 28.15
C ASN B 210 26.66 -44.94 28.63
N LYS B 211 27.99 -45.00 28.61
CA LYS B 211 28.88 -43.91 29.03
C LYS B 211 28.62 -43.36 30.45
N TYR B 212 28.44 -44.26 31.41
CA TYR B 212 28.16 -43.88 32.78
C TYR B 212 29.16 -43.03 33.58
N ARG B 213 28.97 -41.73 33.60
CA ARG B 213 29.82 -40.87 34.42
C ARG B 213 28.96 -40.91 35.69
N GLY B 214 29.49 -40.59 36.87
CA GLY B 214 28.62 -40.59 38.03
C GLY B 214 29.07 -41.00 39.41
N THR B 215 28.19 -40.77 40.38
CA THR B 215 28.43 -41.06 41.79
C THR B 215 27.36 -41.94 42.46
N ALA B 216 26.31 -42.27 41.71
CA ALA B 216 25.22 -43.09 42.24
C ALA B 216 25.41 -44.60 42.02
N GLY B 217 26.24 -44.96 41.05
CA GLY B 217 26.46 -46.36 40.75
C GLY B 217 25.60 -46.75 39.56
N ASN B 218 26.25 -47.19 38.48
CA ASN B 218 25.54 -47.57 37.26
C ASN B 218 24.52 -48.68 37.42
N ALA B 219 23.36 -48.34 37.96
CA ALA B 219 22.29 -49.29 38.14
C ALA B 219 21.72 -49.73 36.80
N LEU B 220 21.27 -48.78 36.00
CA LEU B 220 20.69 -49.10 34.70
C LEU B 220 21.48 -50.11 33.87
N MET B 221 22.81 -50.00 33.87
CA MET B 221 23.64 -50.89 33.08
C MET B 221 24.26 -52.09 33.79
N ASP B 222 24.85 -51.86 34.96
CA ASP B 222 25.49 -52.94 35.70
C ASP B 222 24.65 -53.68 36.73
N GLY B 223 23.59 -53.05 37.22
CA GLY B 223 22.74 -53.69 38.20
C GLY B 223 23.18 -53.43 39.62
N ALA B 224 22.37 -53.87 40.59
CA ALA B 224 22.66 -53.67 42.00
C ALA B 224 24.11 -53.99 42.36
N SER B 225 24.67 -53.23 43.30
CA SER B 225 26.04 -53.43 43.69
C SER B 225 26.13 -54.43 44.83
N GLN B 226 24.97 -54.92 45.25
CA GLN B 226 24.93 -55.89 46.35
C GLN B 226 24.48 -57.29 45.95
N LEU B 227 24.08 -57.48 44.71
CA LEU B 227 23.66 -58.80 44.26
C LEU B 227 24.75 -59.42 43.41
N MET B 228 25.07 -60.68 43.68
CA MET B 228 26.12 -61.38 42.94
C MET B 228 25.59 -62.14 41.73
N GLY B 229 26.51 -62.47 40.81
CA GLY B 229 26.17 -63.23 39.63
C GLY B 229 24.78 -63.10 39.04
N GLU B 230 24.13 -64.24 38.81
CA GLU B 230 22.78 -64.30 38.23
C GLU B 230 21.79 -63.35 38.90
N ASN B 231 21.96 -63.13 40.20
CA ASN B 231 21.09 -62.26 40.97
C ASN B 231 21.22 -60.79 40.60
N ARG B 232 22.37 -60.39 40.08
CA ARG B 232 22.56 -59.00 39.71
C ARG B 232 22.12 -58.79 38.28
N THR B 233 22.50 -59.69 37.39
CA THR B 233 22.15 -59.55 35.98
C THR B 233 20.65 -59.43 35.76
N MET B 234 19.86 -59.72 36.79
CA MET B 234 18.42 -59.61 36.69
C MET B 234 17.99 -58.31 37.36
N THR B 235 18.94 -57.38 37.43
CA THR B 235 18.69 -56.06 38.01
C THR B 235 19.14 -55.02 37.00
N ILE B 236 19.80 -55.48 35.94
CA ILE B 236 20.25 -54.57 34.89
C ILE B 236 19.06 -54.15 34.05
N HIS B 237 18.97 -52.84 33.78
CA HIS B 237 17.87 -52.29 33.00
C HIS B 237 18.20 -52.11 31.53
N ASN B 238 19.47 -51.85 31.23
CA ASN B 238 19.84 -51.64 29.84
C ASN B 238 19.18 -52.68 28.97
N GLY B 239 18.66 -52.24 27.82
CA GLY B 239 18.00 -53.15 26.90
C GLY B 239 16.66 -53.72 27.34
N MET B 240 16.21 -53.38 28.54
CA MET B 240 14.94 -53.89 29.04
C MET B 240 13.75 -53.19 28.40
N PHE B 241 12.57 -53.81 28.50
CA PHE B 241 11.36 -53.21 27.95
C PHE B 241 10.63 -52.46 29.06
N PHE B 242 9.64 -51.67 28.68
CA PHE B 242 8.90 -50.90 29.66
C PHE B 242 7.69 -51.72 30.10
N SER B 243 7.42 -51.71 31.40
CA SER B 243 6.30 -52.44 32.00
C SER B 243 5.43 -51.56 32.89
N THR B 244 4.12 -51.85 32.89
CA THR B 244 3.12 -51.13 33.69
C THR B 244 2.25 -52.19 34.36
N TYR B 245 1.44 -51.82 35.35
CA TYR B 245 0.68 -52.87 36.01
C TYR B 245 -0.41 -53.56 35.20
N ASP B 246 -0.41 -53.34 33.88
CA ASP B 246 -1.39 -53.99 33.03
C ASP B 246 -0.76 -54.47 31.74
N ARG B 247 0.52 -54.16 31.56
CA ARG B 247 1.28 -54.54 30.37
C ARG B 247 2.64 -55.09 30.83
N ASP B 248 2.73 -56.42 30.93
CA ASP B 248 3.96 -57.11 31.35
C ASP B 248 5.02 -57.08 30.26
N ASN B 249 6.28 -56.97 30.69
CA ASN B 249 7.42 -56.95 29.77
C ASN B 249 8.70 -57.04 30.58
N ASP B 250 8.55 -57.41 31.86
CA ASP B 250 9.70 -57.54 32.74
C ASP B 250 10.44 -58.83 32.44
N GLY B 251 11.68 -58.91 32.93
CA GLY B 251 12.49 -60.08 32.73
C GLY B 251 11.95 -61.29 33.49
N TRP B 252 10.88 -61.05 34.24
CA TRP B 252 10.25 -62.11 35.01
C TRP B 252 9.38 -62.89 34.07
N LEU B 253 9.69 -64.16 33.87
CA LEU B 253 8.90 -65.01 32.99
C LEU B 253 8.25 -66.11 33.82
N THR B 254 6.93 -66.14 33.82
CA THR B 254 6.17 -67.14 34.57
C THR B 254 4.70 -67.15 34.15
N SER B 255 4.00 -68.18 34.61
CA SER B 255 2.57 -68.34 34.32
C SER B 255 1.79 -67.52 35.35
N ASP B 256 2.36 -67.46 36.55
CA ASP B 256 1.76 -66.72 37.64
C ASP B 256 1.64 -65.25 37.23
N PRO B 257 0.42 -64.73 37.21
CA PRO B 257 0.17 -63.33 36.84
C PRO B 257 0.46 -62.34 37.98
N ARG B 258 0.26 -62.79 39.22
CA ARG B 258 0.50 -61.95 40.38
C ARG B 258 1.98 -61.55 40.47
N LYS B 259 2.81 -62.24 39.69
CA LYS B 259 4.24 -61.98 39.67
C LYS B 259 4.65 -61.15 38.46
N GLN B 260 4.62 -59.83 38.61
CA GLN B 260 4.99 -58.90 37.56
C GLN B 260 5.59 -57.68 38.24
N CYS B 261 6.92 -57.54 38.15
CA CYS B 261 7.62 -56.42 38.77
C CYS B 261 6.85 -55.12 38.83
N SER B 262 6.05 -54.83 37.81
CA SER B 262 5.29 -53.59 37.79
C SER B 262 4.13 -53.59 38.79
N LYS B 263 3.43 -54.71 38.90
CA LYS B 263 2.32 -54.79 39.86
C LYS B 263 2.94 -54.53 41.23
N GLU B 264 4.06 -55.19 41.49
CA GLU B 264 4.81 -55.01 42.74
C GLU B 264 5.65 -53.80 42.37
N ASP B 265 6.54 -53.36 43.24
CA ASP B 265 7.37 -52.19 42.92
C ASP B 265 6.54 -51.01 42.42
N GLY B 266 5.23 -51.10 42.63
CA GLY B 266 4.24 -50.10 42.25
C GLY B 266 4.49 -48.93 41.30
N GLY B 267 4.83 -49.24 40.05
CA GLY B 267 5.05 -48.17 39.10
C GLY B 267 5.15 -48.70 37.69
N GLY B 268 5.58 -47.83 36.79
CA GLY B 268 5.77 -48.17 35.40
C GLY B 268 7.22 -47.84 35.10
N TRP B 269 7.97 -48.81 34.59
CA TRP B 269 9.37 -48.56 34.33
C TRP B 269 9.99 -49.74 33.64
N TRP B 270 11.17 -49.55 33.05
CA TRP B 270 11.86 -50.64 32.36
C TRP B 270 12.24 -51.73 33.36
N TYR B 271 11.32 -52.66 33.59
CA TYR B 271 11.54 -53.72 34.53
C TYR B 271 12.18 -54.94 33.87
N ASN B 272 13.08 -55.57 34.61
CA ASN B 272 13.82 -56.74 34.17
C ASN B 272 13.88 -57.65 35.37
N ARG B 273 12.89 -58.52 35.52
CA ARG B 273 12.86 -59.38 36.69
C ARG B 273 13.04 -58.40 37.84
N CYS B 274 12.46 -57.22 37.61
CA CYS B 274 12.43 -56.10 38.53
C CYS B 274 13.49 -55.04 38.42
N HIS B 275 14.27 -54.80 39.47
CA HIS B 275 15.21 -53.69 39.35
C HIS B 275 16.42 -53.62 40.26
N ALA B 276 17.13 -52.51 40.06
CA ALA B 276 18.32 -52.16 40.81
C ALA B 276 18.03 -50.73 41.22
N ALA B 277 17.28 -50.05 40.36
CA ALA B 277 16.89 -48.67 40.57
C ALA B 277 15.48 -48.49 40.04
N ASN B 278 14.59 -47.99 40.89
CA ASN B 278 13.21 -47.82 40.50
C ASN B 278 12.64 -46.44 40.77
N PRO B 279 12.90 -45.48 39.87
CA PRO B 279 12.35 -44.13 40.09
C PRO B 279 10.88 -44.37 39.78
N ASN B 280 10.06 -43.35 39.78
CA ASN B 280 8.64 -43.61 39.48
C ASN B 280 8.08 -44.65 40.44
N GLY B 281 8.86 -44.98 41.46
CA GLY B 281 8.40 -45.96 42.42
C GLY B 281 7.35 -45.32 43.29
N ARG B 282 7.30 -45.76 44.54
CA ARG B 282 6.36 -45.23 45.51
C ARG B 282 7.13 -44.17 46.30
N TYR B 283 6.46 -43.07 46.63
CA TYR B 283 7.11 -42.00 47.37
C TYR B 283 6.92 -42.10 48.88
N TYR B 284 7.72 -42.94 49.55
CA TYR B 284 7.60 -43.10 51.00
C TYR B 284 8.22 -41.92 51.70
N TRP B 285 7.47 -41.27 52.58
CA TRP B 285 8.00 -40.12 53.26
C TRP B 285 9.10 -40.53 54.24
N GLY B 286 10.09 -39.67 54.41
CA GLY B 286 11.16 -39.98 55.33
C GLY B 286 12.32 -40.72 54.72
N GLY B 287 12.03 -41.59 53.75
CA GLY B 287 13.10 -42.34 53.11
C GLY B 287 13.28 -43.74 53.69
N GLN B 288 13.26 -43.85 55.01
CA GLN B 288 13.42 -45.14 55.66
C GLN B 288 12.12 -45.92 55.60
N TYR B 289 12.11 -47.02 54.85
CA TYR B 289 10.89 -47.83 54.79
C TYR B 289 11.21 -49.33 54.86
N THR B 290 10.22 -50.10 55.31
CA THR B 290 10.36 -51.55 55.49
C THR B 290 9.40 -52.38 54.65
N TRP B 291 9.68 -53.68 54.57
CA TRP B 291 8.85 -54.60 53.81
C TRP B 291 7.42 -54.72 54.36
N ASP B 292 7.30 -54.81 55.68
CA ASP B 292 6.00 -54.94 56.33
C ASP B 292 5.27 -53.61 56.27
N MET B 293 5.57 -52.84 55.24
CA MET B 293 5.01 -51.51 55.05
C MET B 293 4.56 -51.37 53.61
N ALA B 294 5.18 -52.15 52.73
CA ALA B 294 4.89 -52.14 51.30
C ALA B 294 3.67 -52.96 50.90
N LYS B 295 2.76 -52.34 50.17
CA LYS B 295 1.55 -53.01 49.73
C LYS B 295 1.79 -54.42 49.25
N HIS B 296 2.99 -54.69 48.72
CA HIS B 296 3.32 -56.02 48.21
C HIS B 296 4.58 -56.65 48.80
N GLY B 297 5.10 -56.04 49.86
CA GLY B 297 6.27 -56.58 50.50
C GLY B 297 7.53 -56.50 49.68
N THR B 298 7.45 -55.83 48.54
CA THR B 298 8.61 -55.67 47.67
C THR B 298 9.26 -54.34 47.99
N ASP B 299 10.47 -54.14 47.49
CA ASP B 299 11.17 -52.90 47.75
C ASP B 299 10.67 -51.79 46.83
N ASP B 300 9.35 -51.71 46.64
CA ASP B 300 8.76 -50.67 45.79
C ASP B 300 8.99 -49.33 46.44
N GLY B 301 9.28 -48.33 45.63
CA GLY B 301 9.55 -47.02 46.19
C GLY B 301 10.68 -46.36 45.44
N VAL B 302 10.79 -45.05 45.59
CA VAL B 302 11.83 -44.27 44.91
C VAL B 302 13.20 -44.73 45.36
N VAL B 303 13.64 -45.84 44.79
CA VAL B 303 14.92 -46.41 45.17
C VAL B 303 15.95 -46.55 44.09
N TRP B 304 17.21 -46.40 44.52
CA TRP B 304 18.36 -46.55 43.66
C TRP B 304 19.25 -47.38 44.57
N MET B 305 19.15 -48.70 44.41
CA MET B 305 19.90 -49.62 45.26
C MET B 305 21.37 -49.28 45.37
N ASN B 306 22.04 -49.17 44.24
CA ASN B 306 23.47 -48.88 44.22
C ASN B 306 23.91 -47.70 45.07
N TRP B 307 23.02 -47.10 45.84
CA TRP B 307 23.41 -45.97 46.67
C TRP B 307 22.77 -45.96 48.06
N LYS B 308 21.66 -46.66 48.23
CA LYS B 308 21.00 -46.66 49.53
C LYS B 308 20.32 -47.99 49.87
N GLY B 309 20.39 -48.93 48.92
CA GLY B 309 19.79 -50.24 49.12
C GLY B 309 18.32 -50.22 48.80
N SER B 310 17.74 -51.40 48.64
CA SER B 310 16.33 -51.53 48.32
C SER B 310 15.39 -50.84 49.27
N TRP B 311 15.85 -50.56 50.49
CA TRP B 311 14.97 -49.95 51.48
C TRP B 311 15.11 -48.47 51.80
N TYR B 312 15.03 -47.62 50.78
CA TYR B 312 15.12 -46.18 50.99
C TYR B 312 14.64 -45.39 49.77
N SER B 313 13.47 -44.76 49.91
CA SER B 313 12.89 -43.97 48.85
C SER B 313 13.42 -42.56 48.99
N MET B 314 13.95 -42.01 47.91
CA MET B 314 14.51 -40.66 47.91
C MET B 314 13.50 -39.58 48.32
N ARG B 315 14.00 -38.35 48.42
CA ARG B 315 13.18 -37.19 48.76
C ARG B 315 13.04 -36.40 47.46
N LYS B 316 13.95 -36.69 46.52
CA LYS B 316 13.94 -36.06 45.20
C LYS B 316 14.65 -36.95 44.19
N MET B 317 14.00 -37.16 43.04
CA MET B 317 14.57 -38.00 41.97
C MET B 317 14.13 -37.42 40.62
N SER B 318 15.09 -37.21 39.71
CA SER B 318 14.74 -36.62 38.41
C SER B 318 15.59 -37.02 37.21
N MET B 319 14.91 -37.33 36.11
CA MET B 319 15.54 -37.72 34.86
C MET B 319 15.44 -36.63 33.81
N LYS B 320 16.57 -36.00 33.50
CA LYS B 320 16.62 -34.92 32.51
C LYS B 320 17.56 -35.27 31.36
N ILE B 321 17.21 -34.82 30.16
CA ILE B 321 18.02 -35.08 28.96
C ILE B 321 18.59 -33.84 28.28
N ARG B 322 19.43 -34.10 27.28
CA ARG B 322 20.10 -33.07 26.49
C ARG B 322 20.70 -33.79 25.29
N PRO B 323 21.05 -33.06 24.23
CA PRO B 323 21.61 -33.76 23.08
C PRO B 323 23.08 -34.17 23.17
N PHE B 324 24.00 -33.20 23.19
CA PHE B 324 25.44 -33.50 23.27
C PHE B 324 26.11 -33.81 21.91
N GLU C 10 -15.58 -77.72 86.09
CA GLU C 10 -15.07 -76.55 85.31
C GLU C 10 -15.75 -76.43 83.95
N ALA C 11 -17.08 -76.47 83.95
CA ALA C 11 -17.86 -76.34 82.72
C ALA C 11 -18.43 -74.92 82.71
N SER C 12 -18.08 -74.18 83.76
CA SER C 12 -18.52 -72.80 83.95
C SER C 12 -17.50 -71.80 83.40
N ILE C 13 -16.24 -72.23 83.37
CA ILE C 13 -15.15 -71.40 82.88
C ILE C 13 -14.88 -71.65 81.39
N LEU C 14 -15.89 -72.13 80.70
CA LEU C 14 -15.80 -72.37 79.28
C LEU C 14 -16.83 -71.46 78.64
N THR C 15 -16.83 -70.23 79.13
CA THR C 15 -17.68 -69.17 78.61
C THR C 15 -16.75 -68.70 77.50
N HIS C 16 -15.48 -69.06 77.66
CA HIS C 16 -14.43 -68.74 76.70
C HIS C 16 -14.90 -69.14 75.32
N ASP C 17 -15.45 -70.35 75.21
CA ASP C 17 -15.95 -70.89 73.95
C ASP C 17 -16.97 -69.97 73.27
N SER C 18 -17.78 -69.30 74.08
CA SER C 18 -18.79 -68.37 73.56
C SER C 18 -18.22 -66.95 73.65
N SER C 19 -17.23 -66.79 74.53
CA SER C 19 -16.54 -65.52 74.75
C SER C 19 -15.53 -65.28 73.63
N ILE C 20 -14.77 -66.32 73.29
CA ILE C 20 -13.78 -66.25 72.23
C ILE C 20 -14.47 -65.74 70.98
N ARG C 21 -15.46 -66.50 70.51
CA ARG C 21 -16.21 -66.19 69.30
C ARG C 21 -16.55 -64.71 69.13
N TYR C 22 -16.64 -63.96 70.23
CA TYR C 22 -16.95 -62.52 70.14
C TYR C 22 -15.82 -61.75 69.44
N LEU C 23 -14.59 -61.98 69.91
CA LEU C 23 -13.42 -61.34 69.32
C LEU C 23 -13.54 -61.68 67.85
N GLN C 24 -13.75 -62.97 67.62
CA GLN C 24 -13.93 -63.53 66.28
C GLN C 24 -14.98 -62.66 65.57
N GLU C 25 -16.18 -62.63 66.16
CA GLU C 25 -17.33 -61.88 65.66
C GLU C 25 -16.93 -60.51 65.15
N ILE C 26 -15.92 -59.92 65.78
CA ILE C 26 -15.37 -58.60 65.45
C ILE C 26 -14.53 -58.64 64.18
N TYR C 27 -13.53 -59.50 64.19
CA TYR C 27 -12.61 -59.70 63.07
C TYR C 27 -13.35 -59.47 61.76
N ASN C 28 -14.29 -60.36 61.46
CA ASN C 28 -15.09 -60.30 60.23
C ASN C 28 -15.70 -58.93 60.02
N SER C 29 -16.00 -58.24 61.12
CA SER C 29 -16.56 -56.90 61.05
C SER C 29 -15.43 -56.07 60.47
N ASN C 30 -14.27 -56.20 61.07
CA ASN C 30 -13.11 -55.47 60.60
C ASN C 30 -12.93 -55.79 59.13
N ASN C 31 -12.45 -56.98 58.82
CA ASN C 31 -12.24 -57.36 57.42
C ASN C 31 -13.29 -56.70 56.54
N GLN C 32 -14.54 -56.71 57.00
CA GLN C 32 -15.61 -56.07 56.26
C GLN C 32 -15.21 -54.63 56.03
N LYS C 33 -15.17 -53.84 57.10
CA LYS C 33 -14.81 -52.43 57.00
C LYS C 33 -13.52 -52.31 56.20
N ILE C 34 -12.58 -53.20 56.49
CA ILE C 34 -11.29 -53.19 55.83
C ILE C 34 -11.37 -53.41 54.34
N VAL C 35 -12.58 -53.50 53.81
CA VAL C 35 -12.73 -53.68 52.38
C VAL C 35 -13.55 -52.53 51.84
N ASN C 36 -14.61 -52.15 52.56
CA ASN C 36 -15.40 -51.01 52.10
C ASN C 36 -14.35 -49.95 51.80
N LEU C 37 -13.49 -49.75 52.79
CA LEU C 37 -12.41 -48.79 52.72
C LEU C 37 -11.58 -49.00 51.45
N LYS C 38 -10.97 -50.16 51.32
CA LYS C 38 -10.17 -50.46 50.14
C LYS C 38 -10.88 -49.94 48.88
N GLU C 39 -12.20 -49.97 48.90
CA GLU C 39 -12.95 -49.47 47.77
C GLU C 39 -12.89 -47.96 47.84
N LYS C 40 -13.49 -47.40 48.89
CA LYS C 40 -13.52 -45.98 49.09
C LYS C 40 -12.23 -45.34 48.62
N VAL C 41 -11.10 -45.91 49.04
CA VAL C 41 -9.79 -45.39 48.64
C VAL C 41 -9.68 -45.34 47.11
N ALA C 42 -10.07 -46.43 46.46
CA ALA C 42 -10.03 -46.46 45.01
C ALA C 42 -10.89 -45.32 44.46
N GLN C 43 -11.99 -45.02 45.17
CA GLN C 43 -12.88 -43.93 44.76
C GLN C 43 -12.11 -42.62 44.85
N LEU C 44 -11.04 -42.62 45.65
CA LEU C 44 -10.22 -41.44 45.81
C LEU C 44 -9.12 -41.47 44.79
N GLU C 45 -8.43 -42.61 44.68
CA GLU C 45 -7.35 -42.71 43.70
C GLU C 45 -7.85 -42.28 42.32
N ALA C 46 -9.16 -42.41 42.11
CA ALA C 46 -9.79 -42.06 40.85
C ALA C 46 -9.80 -40.55 40.57
N GLN C 47 -10.01 -39.75 41.60
CA GLN C 47 -10.05 -38.31 41.42
C GLN C 47 -8.66 -37.70 41.45
N CYS C 48 -7.75 -38.31 42.20
CA CYS C 48 -6.39 -37.79 42.29
C CYS C 48 -5.45 -38.35 41.22
N GLN C 49 -5.87 -38.22 39.97
CA GLN C 49 -5.08 -38.68 38.83
C GLN C 49 -4.80 -37.48 37.95
N GLU C 50 -5.89 -36.83 37.54
CA GLU C 50 -5.79 -35.67 36.67
C GLU C 50 -4.76 -34.68 37.23
N PRO C 51 -4.06 -33.97 36.35
CA PRO C 51 -3.07 -33.01 36.86
C PRO C 51 -3.90 -31.85 37.40
N CYS C 52 -3.41 -30.65 37.21
CA CYS C 52 -4.20 -29.51 37.63
C CYS C 52 -4.73 -28.88 36.35
N LYS C 53 -5.86 -28.19 36.45
CA LYS C 53 -6.41 -27.56 35.26
C LYS C 53 -5.64 -26.26 35.07
N ASP C 54 -5.00 -26.12 33.91
CA ASP C 54 -4.23 -24.93 33.60
C ASP C 54 -5.12 -23.95 32.84
N THR C 55 -5.15 -22.70 33.29
CA THR C 55 -5.98 -21.67 32.66
C THR C 55 -5.52 -21.26 31.26
N VAL C 56 -4.22 -21.36 31.01
CA VAL C 56 -3.73 -20.99 29.69
C VAL C 56 -4.01 -22.12 28.72
N GLN C 57 -4.53 -21.76 27.56
CA GLN C 57 -4.82 -22.75 26.55
C GLN C 57 -4.61 -22.13 25.17
N ILE C 58 -4.53 -22.97 24.15
CA ILE C 58 -4.27 -22.48 22.80
C ILE C 58 -5.31 -22.86 21.76
N HIS C 59 -6.00 -21.86 21.23
CA HIS C 59 -7.03 -22.10 20.24
C HIS C 59 -6.45 -22.97 19.12
N ASP C 60 -7.28 -23.87 18.59
CA ASP C 60 -6.84 -24.81 17.56
C ASP C 60 -6.52 -24.25 16.19
N ILE C 61 -7.23 -23.20 15.79
CA ILE C 61 -7.02 -22.59 14.48
C ILE C 61 -5.61 -22.06 14.26
N THR C 62 -5.14 -22.11 13.01
CA THR C 62 -3.80 -21.66 12.67
C THR C 62 -3.87 -20.77 11.44
N GLY C 63 -2.72 -20.24 11.04
CA GLY C 63 -2.66 -19.39 9.87
C GLY C 63 -1.35 -18.62 9.73
N LYS C 64 -1.28 -17.80 8.68
CA LYS C 64 -0.09 -16.98 8.39
C LYS C 64 0.06 -15.86 9.41
N ASP C 65 -1.01 -15.13 9.64
CA ASP C 65 -1.01 -14.03 10.59
C ASP C 65 -2.28 -14.09 11.42
N CYS C 66 -2.34 -13.27 12.48
CA CYS C 66 -3.53 -13.26 13.33
C CYS C 66 -4.79 -12.96 12.54
N GLN C 67 -4.69 -12.06 11.57
CA GLN C 67 -5.85 -11.71 10.75
C GLN C 67 -6.34 -12.94 10.00
N ASP C 68 -5.41 -13.66 9.39
CA ASP C 68 -5.77 -14.87 8.64
C ASP C 68 -6.66 -15.70 9.55
N ILE C 69 -6.26 -15.81 10.81
CA ILE C 69 -7.01 -16.58 11.79
C ILE C 69 -8.42 -16.02 12.03
N ALA C 70 -8.51 -14.72 12.26
CA ALA C 70 -9.80 -14.13 12.48
C ALA C 70 -10.69 -14.56 11.33
N ASN C 71 -10.18 -14.38 10.12
CA ASN C 71 -10.92 -14.73 8.91
C ASN C 71 -11.40 -16.16 8.98
N LYS C 72 -10.50 -17.07 9.36
CA LYS C 72 -10.85 -18.47 9.44
C LYS C 72 -11.96 -18.76 10.44
N GLY C 73 -12.40 -17.74 11.15
CA GLY C 73 -13.48 -17.93 12.10
C GLY C 73 -13.20 -17.77 13.59
N ALA C 74 -11.94 -17.56 13.97
CA ALA C 74 -11.60 -17.39 15.37
C ALA C 74 -12.29 -16.13 15.84
N LYS C 75 -12.69 -16.12 17.11
CA LYS C 75 -13.40 -14.96 17.64
C LYS C 75 -12.81 -14.40 18.92
N GLN C 76 -12.19 -15.25 19.73
CA GLN C 76 -11.62 -14.80 20.99
C GLN C 76 -10.16 -14.39 20.87
N SER C 77 -9.82 -13.25 21.47
CA SER C 77 -8.45 -12.77 21.46
C SER C 77 -7.71 -13.68 22.41
N GLY C 78 -6.59 -14.23 21.97
CA GLY C 78 -5.85 -15.12 22.85
C GLY C 78 -4.56 -15.62 22.26
N LEU C 79 -4.14 -16.80 22.70
CA LEU C 79 -2.92 -17.37 22.20
C LEU C 79 -3.21 -18.30 21.02
N TYR C 80 -2.44 -18.11 19.95
CA TYR C 80 -2.59 -18.87 18.72
C TYR C 80 -1.24 -19.22 18.10
N PHE C 81 -1.29 -20.12 17.12
CA PHE C 81 -0.09 -20.53 16.41
C PHE C 81 -0.18 -20.05 14.99
N ILE C 82 0.79 -19.24 14.57
CA ILE C 82 0.80 -18.77 13.20
C ILE C 82 2.01 -19.39 12.52
N LYS C 83 1.84 -19.70 11.24
CA LYS C 83 2.91 -20.28 10.46
C LYS C 83 2.98 -19.42 9.20
N PRO C 84 3.77 -18.35 9.26
CA PRO C 84 3.97 -17.42 8.15
C PRO C 84 4.62 -18.14 6.96
N LEU C 85 4.36 -17.62 5.76
CA LEU C 85 4.91 -18.19 4.53
C LEU C 85 6.36 -18.72 4.63
N LYS C 86 7.31 -17.89 4.24
CA LYS C 86 8.73 -18.26 4.23
C LYS C 86 9.34 -18.62 5.58
N ALA C 87 8.54 -19.22 6.47
CA ALA C 87 9.05 -19.57 7.80
C ALA C 87 9.06 -21.05 8.07
N ASN C 88 10.01 -21.49 8.89
CA ASN C 88 10.17 -22.91 9.26
C ASN C 88 9.15 -23.31 10.32
N GLN C 89 9.64 -23.49 11.53
CA GLN C 89 8.81 -23.89 12.67
C GLN C 89 7.79 -22.81 13.09
N GLN C 90 6.51 -23.11 12.94
CA GLN C 90 5.44 -22.21 13.35
C GLN C 90 5.72 -21.78 14.79
N PHE C 91 5.23 -20.60 15.17
CA PHE C 91 5.45 -20.11 16.52
C PHE C 91 4.17 -19.56 17.14
N LEU C 92 4.17 -19.50 18.46
CA LEU C 92 3.02 -19.02 19.19
C LEU C 92 3.01 -17.50 19.25
N VAL C 93 1.81 -16.93 19.31
CA VAL C 93 1.65 -15.49 19.38
C VAL C 93 0.33 -15.15 20.05
N TYR C 94 0.14 -13.87 20.37
CA TYR C 94 -1.09 -13.40 20.99
C TYR C 94 -1.91 -12.59 20.01
N CYS C 95 -3.06 -13.11 19.60
CA CYS C 95 -3.90 -12.39 18.67
C CYS C 95 -4.92 -11.54 19.43
N GLU C 96 -5.30 -10.43 18.82
CA GLU C 96 -6.27 -9.51 19.40
C GLU C 96 -7.37 -9.36 18.34
N ILE C 97 -8.57 -9.83 18.66
CA ILE C 97 -9.66 -9.77 17.70
C ILE C 97 -10.85 -8.93 18.15
N ASP C 98 -11.26 -7.98 17.31
CA ASP C 98 -12.39 -7.14 17.66
C ASP C 98 -13.69 -7.67 17.10
N GLY C 99 -14.81 -7.14 17.62
CA GLY C 99 -16.12 -7.55 17.18
C GLY C 99 -16.28 -7.43 15.68
N SER C 100 -15.63 -6.42 15.12
CA SER C 100 -15.67 -6.16 13.70
C SER C 100 -15.01 -7.32 12.95
N GLY C 101 -14.11 -8.03 13.63
CA GLY C 101 -13.44 -9.16 13.01
C GLY C 101 -12.03 -8.89 12.53
N ASN C 102 -11.36 -7.92 13.15
CA ASN C 102 -9.99 -7.60 12.78
C ASN C 102 -9.04 -8.40 13.65
N GLY C 103 -7.99 -8.94 13.02
CA GLY C 103 -7.04 -9.75 13.75
C GLY C 103 -5.69 -9.13 13.98
N TRP C 104 -5.56 -8.45 15.10
CA TRP C 104 -4.29 -7.83 15.46
C TRP C 104 -3.30 -8.86 15.98
N THR C 105 -2.08 -8.81 15.48
CA THR C 105 -1.06 -9.72 15.94
C THR C 105 0.00 -8.85 16.61
N VAL C 106 0.17 -9.06 17.90
CA VAL C 106 1.08 -8.26 18.73
C VAL C 106 2.52 -8.72 18.88
N PHE C 107 3.48 -7.82 18.71
CA PHE C 107 4.87 -8.24 18.92
C PHE C 107 5.53 -7.58 20.12
N GLN C 108 4.78 -6.76 20.85
CA GLN C 108 5.34 -6.09 22.03
C GLN C 108 4.26 -5.55 22.96
N LYS C 109 4.42 -5.79 24.26
CA LYS C 109 3.46 -5.30 25.26
C LYS C 109 4.14 -4.93 26.58
N ARG C 110 3.83 -3.73 27.07
CA ARG C 110 4.39 -3.26 28.33
C ARG C 110 3.19 -2.89 29.20
N LEU C 111 3.31 -3.04 30.52
CA LEU C 111 2.19 -2.70 31.38
C LEU C 111 2.43 -2.75 32.87
N ASP C 112 3.56 -3.26 33.31
CA ASP C 112 3.80 -3.26 34.74
C ASP C 112 5.26 -3.29 35.09
N GLY C 113 6.10 -3.56 34.11
CA GLY C 113 7.52 -3.62 34.38
C GLY C 113 7.87 -4.90 35.11
N SER C 114 7.26 -6.00 34.68
CA SER C 114 7.53 -7.28 35.29
C SER C 114 8.78 -7.85 34.62
N VAL C 115 8.95 -7.50 33.35
CA VAL C 115 10.08 -7.99 32.58
C VAL C 115 11.22 -7.01 32.48
N ASP C 116 12.44 -7.57 32.42
CA ASP C 116 13.70 -6.84 32.32
C ASP C 116 13.99 -6.67 30.85
N PHE C 117 13.74 -5.48 30.31
CA PHE C 117 13.96 -5.27 28.88
C PHE C 117 15.39 -4.98 28.47
N LYS C 118 16.30 -4.97 29.43
CA LYS C 118 17.71 -4.73 29.15
C LYS C 118 18.26 -6.09 28.72
N LYS C 119 17.74 -6.62 27.63
CA LYS C 119 18.17 -7.91 27.11
C LYS C 119 19.18 -7.75 25.97
N ASN C 120 19.83 -8.86 25.62
CA ASN C 120 20.84 -8.90 24.56
C ASN C 120 20.30 -9.10 23.17
N TRP C 121 21.21 -9.09 22.20
CA TRP C 121 20.86 -9.21 20.79
C TRP C 121 20.05 -10.45 20.46
N ILE C 122 20.66 -11.60 20.67
CA ILE C 122 20.03 -12.87 20.39
C ILE C 122 18.64 -12.86 20.98
N GLN C 123 18.58 -12.57 22.27
CA GLN C 123 17.31 -12.54 22.97
C GLN C 123 16.28 -11.76 22.14
N TYR C 124 16.59 -10.52 21.78
CA TYR C 124 15.68 -9.72 21.00
C TYR C 124 15.37 -10.35 19.66
N LYS C 125 16.25 -11.22 19.18
CA LYS C 125 16.05 -11.90 17.90
C LYS C 125 14.92 -12.91 18.04
N GLU C 126 15.13 -13.86 18.96
CA GLU C 126 14.17 -14.92 19.21
C GLU C 126 12.99 -14.44 20.06
N GLY C 127 13.22 -13.44 20.91
CA GLY C 127 12.16 -12.93 21.74
C GLY C 127 12.27 -13.33 23.20
N PHE C 128 11.44 -12.73 24.05
CA PHE C 128 11.45 -13.03 25.47
C PHE C 128 10.19 -12.53 26.14
N GLY C 129 10.03 -12.87 27.42
CA GLY C 129 8.85 -12.46 28.15
C GLY C 129 7.85 -13.60 28.07
N HIS C 130 6.63 -13.38 28.54
CA HIS C 130 5.58 -14.40 28.49
C HIS C 130 4.30 -13.99 27.76
N LEU C 131 3.53 -14.99 27.34
CA LEU C 131 2.30 -14.73 26.63
C LEU C 131 1.11 -15.30 27.42
N SER C 132 0.05 -14.50 27.55
CA SER C 132 -1.13 -14.94 28.29
C SER C 132 -2.33 -14.79 27.39
N PRO C 133 -3.39 -15.59 27.64
CA PRO C 133 -4.59 -15.52 26.82
C PRO C 133 -5.29 -14.21 27.14
N THR C 134 -5.14 -13.78 28.38
CA THR C 134 -5.74 -12.52 28.82
C THR C 134 -5.04 -11.30 28.23
N GLY C 135 -3.78 -11.48 27.85
CA GLY C 135 -3.03 -10.37 27.29
C GLY C 135 -2.78 -9.41 28.42
N THR C 136 -2.22 -9.96 29.50
CA THR C 136 -1.92 -9.19 30.70
C THR C 136 -0.47 -9.39 31.08
N THR C 137 0.33 -9.81 30.13
CA THR C 137 1.72 -10.07 30.38
C THR C 137 2.64 -9.32 29.42
N GLU C 138 3.80 -8.91 29.91
CA GLU C 138 4.76 -8.17 29.08
C GLU C 138 5.56 -9.12 28.18
N PHE C 139 6.01 -8.62 27.03
CA PHE C 139 6.80 -9.46 26.13
C PHE C 139 7.29 -8.76 24.87
N TRP C 140 8.20 -9.43 24.17
CA TRP C 140 8.77 -8.96 22.92
C TRP C 140 8.77 -10.17 22.01
N LEU C 141 7.90 -10.18 21.01
CA LEU C 141 7.77 -11.33 20.13
C LEU C 141 9.03 -11.87 19.52
N GLY C 142 9.96 -11.00 19.17
CA GLY C 142 11.20 -11.47 18.56
C GLY C 142 11.43 -10.96 17.16
N ASN C 143 12.41 -10.08 17.02
CA ASN C 143 12.76 -9.50 15.73
C ASN C 143 12.57 -10.46 14.59
N GLU C 144 13.27 -11.59 14.67
CA GLU C 144 13.20 -12.58 13.62
C GLU C 144 11.75 -12.92 13.30
N LYS C 145 11.00 -13.33 14.32
CA LYS C 145 9.60 -13.66 14.11
C LYS C 145 8.87 -12.52 13.42
N ILE C 146 9.02 -11.33 13.99
CA ILE C 146 8.39 -10.13 13.44
C ILE C 146 8.72 -10.00 11.96
N HIS C 147 9.99 -10.18 11.62
CA HIS C 147 10.42 -10.08 10.25
C HIS C 147 9.52 -10.94 9.40
N LEU C 148 9.61 -12.24 9.61
CA LEU C 148 8.84 -13.22 8.88
C LEU C 148 7.39 -12.82 8.67
N ILE C 149 6.77 -12.35 9.73
CA ILE C 149 5.38 -11.95 9.67
C ILE C 149 5.12 -10.79 8.73
N SER C 150 5.94 -9.75 8.86
CA SER C 150 5.81 -8.53 8.06
C SER C 150 6.26 -8.70 6.61
N THR C 151 6.91 -9.81 6.29
CA THR C 151 7.39 -10.02 4.93
C THR C 151 6.91 -11.33 4.26
N GLN C 152 5.83 -11.22 3.49
CA GLN C 152 5.20 -12.33 2.77
C GLN C 152 4.53 -11.74 1.52
N SER C 153 4.94 -12.24 0.36
CA SER C 153 4.44 -11.78 -0.95
C SER C 153 3.98 -10.32 -0.92
N ALA C 154 4.77 -9.54 -0.18
CA ALA C 154 4.56 -8.12 -0.02
C ALA C 154 3.18 -7.57 0.30
N ILE C 155 2.31 -8.33 0.95
CA ILE C 155 1.03 -7.73 1.31
C ILE C 155 1.45 -6.79 2.43
N PRO C 156 1.01 -5.54 2.38
CA PRO C 156 1.37 -4.57 3.39
C PRO C 156 0.63 -4.70 4.71
N TYR C 157 1.36 -4.55 5.81
CA TYR C 157 0.75 -4.58 7.14
C TYR C 157 0.75 -3.16 7.65
N ALA C 158 0.31 -2.98 8.87
CA ALA C 158 0.28 -1.66 9.47
C ALA C 158 0.66 -1.80 10.94
N LEU C 159 1.51 -0.89 11.39
CA LEU C 159 1.93 -0.94 12.76
C LEU C 159 1.09 0.03 13.53
N ARG C 160 0.36 -0.46 14.54
CA ARG C 160 -0.41 0.42 15.37
C ARG C 160 0.25 0.46 16.73
N VAL C 161 0.67 1.64 17.12
CA VAL C 161 1.30 1.80 18.40
C VAL C 161 0.19 2.31 19.29
N GLU C 162 -0.09 1.60 20.39
CA GLU C 162 -1.13 2.02 21.32
C GLU C 162 -0.51 2.28 22.67
N LEU C 163 -0.61 3.52 23.11
CA LEU C 163 -0.04 3.95 24.38
C LEU C 163 -1.10 4.30 25.40
N GLU C 164 -0.82 4.02 26.68
CA GLU C 164 -1.73 4.36 27.78
C GLU C 164 -0.94 4.98 28.94
N ASP C 165 -1.30 6.20 29.32
CA ASP C 165 -0.60 6.89 30.40
C ASP C 165 -1.08 6.44 31.78
N TRP C 166 -0.55 7.09 32.81
CA TRP C 166 -0.92 6.76 34.17
C TRP C 166 -2.13 7.58 34.59
N ASN C 167 -3.11 7.59 33.71
CA ASN C 167 -4.34 8.32 33.94
C ASN C 167 -5.36 7.77 32.99
N GLY C 168 -5.22 6.50 32.65
CA GLY C 168 -6.15 5.88 31.73
C GLY C 168 -6.39 6.62 30.43
N ARG C 169 -5.51 7.55 30.09
CA ARG C 169 -5.67 8.27 28.84
C ARG C 169 -4.88 7.42 27.85
N THR C 170 -5.43 7.18 26.67
CA THR C 170 -4.74 6.38 25.68
C THR C 170 -4.68 7.12 24.37
N SER C 171 -3.84 6.65 23.48
CA SER C 171 -3.66 7.27 22.17
C SER C 171 -3.01 6.25 21.26
N THR C 172 -3.03 6.50 19.96
CA THR C 172 -2.45 5.55 19.03
C THR C 172 -1.64 6.23 17.97
N ALA C 173 -0.80 5.44 17.31
CA ALA C 173 0.06 5.90 16.23
C ALA C 173 0.06 4.79 15.20
N ASP C 174 -0.38 5.10 13.99
CA ASP C 174 -0.43 4.11 12.92
C ASP C 174 0.66 4.33 11.90
N TYR C 175 1.23 3.24 11.42
CA TYR C 175 2.28 3.30 10.43
C TYR C 175 1.96 2.33 9.29
N ALA C 176 1.84 2.88 8.08
CA ALA C 176 1.50 2.10 6.89
C ALA C 176 2.69 1.43 6.21
N MET C 177 2.43 0.26 5.64
CA MET C 177 3.46 -0.51 4.96
C MET C 177 4.60 -0.76 5.91
N PHE C 178 4.26 -1.37 7.05
CA PHE C 178 5.22 -1.70 8.10
C PHE C 178 5.98 -2.97 7.76
N LYS C 179 7.30 -2.93 7.92
CA LYS C 179 8.15 -4.07 7.64
C LYS C 179 9.34 -4.04 8.59
N VAL C 180 9.96 -5.20 8.78
CA VAL C 180 11.14 -5.28 9.63
C VAL C 180 12.12 -6.13 8.85
N GLY C 181 13.30 -5.58 8.58
CA GLY C 181 14.30 -6.31 7.80
C GLY C 181 14.84 -7.60 8.37
N PRO C 182 15.44 -8.45 7.52
CA PRO C 182 16.03 -9.75 7.87
C PRO C 182 17.36 -9.55 8.62
N GLU C 183 17.61 -10.38 9.63
CA GLU C 183 18.81 -10.28 10.45
C GLU C 183 20.04 -9.76 9.68
N ALA C 184 20.13 -10.14 8.40
CA ALA C 184 21.24 -9.73 7.55
C ALA C 184 21.50 -8.24 7.72
N ASP C 185 20.60 -7.42 7.16
CA ASP C 185 20.64 -5.95 7.23
C ASP C 185 20.15 -5.58 8.62
N LYS C 186 20.70 -6.26 9.62
CA LYS C 186 20.30 -6.07 11.01
C LYS C 186 18.79 -6.16 11.00
N TYR C 187 18.09 -5.43 11.86
CA TYR C 187 16.66 -5.58 11.76
C TYR C 187 15.98 -4.30 11.35
N ARG C 188 16.70 -3.55 10.53
CA ARG C 188 16.23 -2.26 10.02
C ARG C 188 14.70 -2.20 9.89
N LEU C 189 14.12 -1.20 10.55
CA LEU C 189 12.69 -0.99 10.52
C LEU C 189 12.36 0.06 9.46
N THR C 190 11.35 -0.21 8.64
CA THR C 190 10.96 0.75 7.62
C THR C 190 9.45 0.82 7.46
N TYR C 191 8.96 2.02 7.15
CA TYR C 191 7.54 2.19 6.96
C TYR C 191 7.23 3.22 5.87
N ALA C 192 6.12 3.02 5.18
CA ALA C 192 5.71 3.91 4.11
C ALA C 192 5.52 5.34 4.57
N TYR C 193 4.63 5.51 5.54
CA TYR C 193 4.32 6.83 6.08
C TYR C 193 3.48 6.71 7.33
N PHE C 194 3.32 7.82 8.02
CA PHE C 194 2.54 7.85 9.23
C PHE C 194 1.07 7.91 8.81
N ALA C 195 0.29 6.91 9.20
CA ALA C 195 -1.12 6.87 8.82
C ALA C 195 -2.00 7.82 9.60
N GLY C 196 -1.72 7.99 10.89
CA GLY C 196 -2.51 8.88 11.71
C GLY C 196 -2.60 8.45 13.17
N GLY C 197 -3.11 9.33 14.03
CA GLY C 197 -3.23 8.98 15.42
C GLY C 197 -2.93 10.13 16.34
N ASP C 198 -3.70 10.24 17.42
CA ASP C 198 -3.52 11.33 18.37
C ASP C 198 -2.20 11.19 19.11
N ALA C 199 -1.59 10.01 19.02
CA ALA C 199 -0.31 9.79 19.69
C ALA C 199 0.85 10.59 19.08
N GLY C 200 0.69 11.05 17.85
CA GLY C 200 1.75 11.83 17.23
C GLY C 200 2.83 10.96 16.63
N ASP C 201 3.39 11.39 15.50
CA ASP C 201 4.43 10.60 14.83
C ASP C 201 5.81 10.77 15.41
N ALA C 202 6.12 9.94 16.41
CA ALA C 202 7.42 10.01 17.05
C ALA C 202 8.53 9.51 16.13
N PHE C 203 8.33 8.33 15.53
CA PHE C 203 9.34 7.75 14.65
C PHE C 203 9.89 8.75 13.66
N ASP C 204 9.12 9.81 13.41
CA ASP C 204 9.56 10.83 12.46
C ASP C 204 10.57 11.76 13.10
N GLY C 205 11.00 11.43 14.31
CA GLY C 205 11.95 12.28 14.98
C GLY C 205 11.19 13.41 15.66
N PHE C 206 11.74 13.91 16.77
CA PHE C 206 11.09 14.97 17.53
C PHE C 206 12.02 16.15 17.71
N ASP C 207 11.46 17.36 17.70
CA ASP C 207 12.23 18.58 17.90
C ASP C 207 12.42 18.79 19.39
N PHE C 208 13.26 17.98 20.01
CA PHE C 208 13.48 18.08 21.43
C PHE C 208 13.79 19.50 21.87
N GLY C 209 14.60 20.22 21.10
CA GLY C 209 14.90 21.60 21.47
C GLY C 209 16.28 21.88 22.05
N ASP C 210 17.10 20.85 22.19
CA ASP C 210 18.44 21.06 22.70
C ASP C 210 19.39 21.35 21.53
N ASP C 211 18.94 21.00 20.32
CA ASP C 211 19.71 21.22 19.10
C ASP C 211 18.88 20.92 17.87
N PRO C 212 19.04 21.71 16.81
CA PRO C 212 18.28 21.50 15.57
C PRO C 212 18.35 20.07 15.08
N SER C 213 19.56 19.54 15.05
CA SER C 213 19.79 18.19 14.58
C SER C 213 18.89 17.15 15.25
N ASP C 214 18.42 17.44 16.46
CA ASP C 214 17.59 16.49 17.19
C ASP C 214 16.56 15.73 16.36
N LYS C 215 15.57 16.45 15.84
CA LYS C 215 14.53 15.80 15.07
C LYS C 215 15.15 14.85 14.09
N PHE C 216 16.19 15.29 13.41
CA PHE C 216 16.84 14.43 12.44
C PHE C 216 17.48 13.23 13.08
N PHE C 217 18.11 13.46 14.21
CA PHE C 217 18.77 12.38 14.91
C PHE C 217 17.86 11.50 15.72
N THR C 218 16.62 11.91 15.91
CA THR C 218 15.70 11.09 16.68
C THR C 218 14.63 10.39 15.88
N SER C 219 14.80 10.33 14.56
CA SER C 219 13.84 9.65 13.70
C SER C 219 14.18 8.16 13.78
N HIS C 220 13.18 7.32 13.54
CA HIS C 220 13.42 5.88 13.58
C HIS C 220 13.20 5.17 12.25
N ASN C 221 12.48 5.79 11.33
CA ASN C 221 12.27 5.12 10.05
C ASN C 221 13.64 4.94 9.41
N GLY C 222 13.90 3.72 8.95
CA GLY C 222 15.16 3.43 8.31
C GLY C 222 16.31 3.06 9.24
N MET C 223 16.06 3.06 10.55
CA MET C 223 17.12 2.71 11.50
C MET C 223 17.25 1.20 11.63
N GLN C 224 18.44 0.76 12.02
CA GLN C 224 18.68 -0.66 12.22
C GLN C 224 18.51 -0.94 13.71
N PHE C 225 18.14 -2.16 14.07
CA PHE C 225 17.94 -2.45 15.47
C PHE C 225 19.28 -2.51 16.21
N SER C 226 19.29 -2.15 17.50
CA SER C 226 20.53 -2.16 18.28
C SER C 226 20.31 -2.69 19.69
N THR C 227 21.30 -3.44 20.18
CA THR C 227 21.30 -4.03 21.53
C THR C 227 22.70 -3.79 22.07
N TRP C 228 22.83 -3.67 23.40
CA TRP C 228 24.14 -3.41 23.97
C TRP C 228 25.25 -4.21 23.28
N ASP C 229 24.95 -5.44 22.89
CA ASP C 229 25.94 -6.32 22.25
C ASP C 229 25.98 -6.25 20.71
N ASN C 230 25.29 -5.28 20.13
CA ASN C 230 25.24 -5.15 18.67
C ASN C 230 24.90 -3.71 18.25
N ASP C 231 25.82 -2.78 18.49
CA ASP C 231 25.61 -1.36 18.17
C ASP C 231 25.45 -1.05 16.68
N ASN C 232 24.31 -0.49 16.30
CA ASN C 232 24.06 -0.13 14.90
C ASN C 232 23.38 1.24 14.82
N ASP C 233 23.52 2.00 15.90
CA ASP C 233 22.95 3.33 16.01
C ASP C 233 23.83 4.36 15.34
N LYS C 234 23.19 5.42 14.85
CA LYS C 234 23.87 6.50 14.16
C LYS C 234 24.59 7.35 15.18
N PHE C 235 24.83 6.79 16.36
CA PHE C 235 25.47 7.50 17.47
C PHE C 235 26.91 7.05 17.73
N GLU C 236 27.79 8.04 17.93
CA GLU C 236 29.21 7.80 18.19
C GLU C 236 29.37 6.69 19.21
N GLY C 237 28.70 6.86 20.34
CA GLY C 237 28.76 5.88 21.40
C GLY C 237 27.82 4.71 21.15
N ASN C 238 27.04 4.38 22.18
CA ASN C 238 26.10 3.27 22.07
C ASN C 238 24.80 3.53 22.83
N CYS C 239 23.75 3.91 22.09
CA CYS C 239 22.45 4.19 22.69
C CYS C 239 21.94 2.95 23.42
N ALA C 240 21.90 1.82 22.71
CA ALA C 240 21.43 0.58 23.31
C ALA C 240 21.96 0.38 24.72
N GLU C 241 23.28 0.42 24.87
CA GLU C 241 23.89 0.23 26.19
C GLU C 241 23.46 1.31 27.16
N GLN C 242 23.64 2.55 26.77
CA GLN C 242 23.27 3.67 27.63
C GLN C 242 21.85 3.55 28.16
N ASP C 243 20.87 3.82 27.31
CA ASP C 243 19.46 3.78 27.72
C ASP C 243 19.03 2.43 28.27
N GLY C 244 19.81 1.40 28.00
CA GLY C 244 19.49 0.08 28.51
C GLY C 244 18.29 -0.63 27.90
N SER C 245 18.40 -1.01 26.63
CA SER C 245 17.30 -1.70 25.97
C SER C 245 17.70 -2.27 24.62
N GLY C 246 16.69 -2.55 23.81
CA GLY C 246 16.89 -3.07 22.48
C GLY C 246 15.92 -2.23 21.68
N TRP C 247 16.39 -1.62 20.59
CA TRP C 247 15.49 -0.77 19.82
C TRP C 247 16.17 -0.11 18.66
N TRP C 248 15.38 0.28 17.67
CA TRP C 248 15.90 0.92 16.49
C TRP C 248 16.43 2.29 16.84
N MET C 249 17.65 2.35 17.33
CA MET C 249 18.21 3.64 17.71
C MET C 249 18.77 4.39 16.51
N ASN C 250 18.91 5.70 16.67
CA ASN C 250 19.46 6.60 15.66
C ASN C 250 20.48 7.30 16.54
N LYS C 251 20.36 8.60 16.69
CA LYS C 251 21.26 9.27 17.62
C LYS C 251 20.37 9.14 18.83
N CYS C 252 20.03 7.88 19.04
CA CYS C 252 19.20 7.41 20.12
C CYS C 252 17.70 7.34 19.87
N HIS C 253 16.90 8.32 20.28
CA HIS C 253 15.48 8.12 20.04
C HIS C 253 14.49 9.21 20.36
N ALA C 254 13.31 9.08 19.77
CA ALA C 254 12.21 10.01 20.01
C ALA C 254 11.11 9.10 20.54
N GLY C 255 11.22 7.82 20.19
CA GLY C 255 10.26 6.83 20.62
C GLY C 255 11.05 5.66 21.18
N HIS C 256 10.78 5.31 22.43
CA HIS C 256 11.52 4.25 23.08
C HIS C 256 10.59 3.31 23.86
N LEU C 257 9.76 2.56 23.15
CA LEU C 257 8.82 1.71 23.82
C LEU C 257 9.47 0.58 24.57
N ASN C 258 10.68 0.18 24.18
CA ASN C 258 11.31 -0.92 24.90
C ASN C 258 12.14 -0.39 26.06
N GLY C 259 11.88 0.88 26.38
CA GLY C 259 12.60 1.52 27.46
C GLY C 259 12.52 0.87 28.83
N VAL C 260 12.93 1.63 29.84
CA VAL C 260 12.92 1.16 31.22
C VAL C 260 11.60 1.55 31.83
N TYR C 261 10.89 0.58 32.35
CA TYR C 261 9.60 0.83 32.98
C TYR C 261 9.77 1.70 34.24
N TYR C 262 9.06 2.83 34.29
CA TYR C 262 9.15 3.71 35.43
C TYR C 262 7.78 3.82 36.09
N GLN C 263 7.64 3.20 37.25
CA GLN C 263 6.37 3.24 37.97
C GLN C 263 6.03 4.71 38.26
N GLY C 264 4.75 5.03 38.22
CA GLY C 264 4.34 6.40 38.50
C GLY C 264 4.29 7.26 37.26
N GLY C 265 5.03 6.87 36.25
CA GLY C 265 5.01 7.64 35.01
C GLY C 265 6.09 8.69 34.87
N THR C 266 6.24 9.55 35.87
CA THR C 266 7.25 10.59 35.79
C THR C 266 8.59 10.19 36.38
N TYR C 267 9.66 10.78 35.88
CA TYR C 267 11.00 10.54 36.38
C TYR C 267 11.91 11.72 36.02
N SER C 268 13.18 11.66 36.39
CA SER C 268 14.09 12.77 36.09
C SER C 268 15.55 12.35 36.01
N LYS C 269 16.36 13.21 35.40
CA LYS C 269 17.78 12.94 35.24
C LYS C 269 18.34 12.20 36.46
N ALA C 270 17.97 12.70 37.63
CA ALA C 270 18.41 12.12 38.89
C ALA C 270 18.32 10.60 38.91
N SER C 271 17.12 10.10 38.65
CA SER C 271 16.83 8.66 38.66
C SER C 271 17.42 7.83 37.51
N THR C 272 18.03 8.50 36.55
CA THR C 272 18.60 7.81 35.39
C THR C 272 20.07 7.49 35.52
N PRO C 273 20.46 6.29 35.07
CA PRO C 273 21.86 5.84 35.13
C PRO C 273 22.85 6.87 34.61
N ASN C 274 22.78 7.15 33.30
CA ASN C 274 23.69 8.11 32.69
C ASN C 274 22.96 9.36 32.19
N GLY C 275 22.35 10.11 33.11
CA GLY C 275 21.65 11.34 32.80
C GLY C 275 20.75 11.44 31.56
N TYR C 276 20.54 10.32 30.87
CA TYR C 276 19.71 10.34 29.67
C TYR C 276 18.37 9.64 29.88
N ASP C 277 17.33 10.23 29.30
CA ASP C 277 15.97 9.69 29.37
C ASP C 277 15.96 8.34 28.72
N ASN C 278 15.72 7.30 29.51
CA ASN C 278 15.70 5.93 29.02
C ASN C 278 14.35 5.28 29.21
N GLY C 279 13.40 6.07 29.67
CA GLY C 279 12.07 5.54 29.91
C GLY C 279 11.29 5.21 28.65
N ILE C 280 10.19 4.51 28.84
CA ILE C 280 9.34 4.13 27.74
C ILE C 280 8.68 5.42 27.35
N ILE C 281 9.29 6.12 26.40
CA ILE C 281 8.78 7.41 25.98
C ILE C 281 8.30 7.53 24.53
N TRP C 282 7.45 8.52 24.30
CA TRP C 282 6.94 8.78 22.96
C TRP C 282 6.82 10.30 22.86
N ALA C 283 8.00 10.93 22.79
CA ALA C 283 8.15 12.38 22.73
C ALA C 283 7.03 13.24 22.12
N THR C 284 6.40 12.79 21.05
CA THR C 284 5.34 13.61 20.44
C THR C 284 4.08 13.73 21.28
N TRP C 285 3.91 12.83 22.26
CA TRP C 285 2.71 12.85 23.10
C TRP C 285 2.95 13.42 24.48
N LYS C 286 3.82 12.77 25.24
CA LYS C 286 4.17 13.24 26.58
C LYS C 286 5.63 13.69 26.46
N THR C 287 6.19 14.26 27.52
CA THR C 287 7.58 14.71 27.45
C THR C 287 8.50 13.51 27.51
N ARG C 288 9.80 13.78 27.40
CA ARG C 288 10.81 12.72 27.42
C ARG C 288 10.96 12.14 28.81
N TRP C 289 10.37 12.82 29.79
CA TRP C 289 10.47 12.35 31.17
C TRP C 289 9.21 11.79 31.78
N TYR C 290 8.37 11.24 30.92
CA TYR C 290 7.14 10.60 31.35
C TYR C 290 7.23 9.25 30.64
N SER C 291 7.05 8.16 31.37
CA SER C 291 7.14 6.85 30.78
C SER C 291 5.87 6.03 30.92
N MET C 292 5.10 5.99 29.84
CA MET C 292 3.83 5.25 29.73
C MET C 292 3.59 4.16 30.75
N LYS C 293 2.31 3.91 31.04
CA LYS C 293 1.95 2.87 31.97
C LYS C 293 1.78 1.60 31.15
N LYS C 294 1.23 1.77 29.96
CA LYS C 294 1.01 0.65 29.06
C LYS C 294 1.52 0.94 27.66
N THR C 295 2.09 -0.08 27.03
CA THR C 295 2.63 0.03 25.69
C THR C 295 2.21 -1.20 24.93
N THR C 296 1.99 -1.06 23.64
CA THR C 296 1.60 -2.21 22.85
C THR C 296 1.83 -1.99 21.35
N MET C 297 2.64 -2.87 20.76
CA MET C 297 2.95 -2.75 19.34
C MET C 297 2.38 -3.94 18.59
N LYS C 298 1.38 -3.68 17.76
CA LYS C 298 0.71 -4.74 17.02
C LYS C 298 0.62 -4.43 15.54
N ILE C 299 0.43 -5.48 14.72
CA ILE C 299 0.31 -5.27 13.30
C ILE C 299 -0.89 -5.98 12.69
N ILE C 300 -1.32 -5.46 11.55
CA ILE C 300 -2.48 -6.00 10.86
C ILE C 300 -2.38 -5.60 9.40
N PRO C 301 -2.74 -6.49 8.48
CA PRO C 301 -2.68 -6.19 7.04
C PRO C 301 -3.29 -4.82 6.80
N PHE C 302 -2.56 -3.97 6.10
CA PHE C 302 -3.02 -2.61 5.83
C PHE C 302 -4.39 -2.50 5.20
N ASN C 303 -4.77 -3.51 4.44
CA ASN C 303 -6.08 -3.45 3.79
C ASN C 303 -7.16 -3.49 4.86
N ARG C 304 -6.91 -2.90 6.02
CA ARG C 304 -7.90 -2.93 7.08
C ARG C 304 -8.05 -1.62 7.89
N ILE D 9 -29.46 66.88 -98.79
CA ILE D 9 -28.29 66.06 -98.34
C ILE D 9 -28.77 64.70 -97.82
N GLU D 10 -28.06 63.62 -98.16
CA GLU D 10 -28.46 62.29 -97.70
C GLU D 10 -27.37 61.21 -97.62
N VAL D 11 -26.78 60.86 -98.77
CA VAL D 11 -25.74 59.82 -98.86
C VAL D 11 -24.87 59.50 -97.63
N LEU D 12 -24.63 60.49 -96.76
CA LEU D 12 -23.82 60.27 -95.56
C LEU D 12 -23.74 61.39 -94.50
N LYS D 13 -24.25 62.59 -94.78
CA LYS D 13 -24.19 63.68 -93.81
C LYS D 13 -25.26 63.57 -92.72
N ARG D 14 -25.81 62.37 -92.57
CA ARG D 14 -26.85 62.10 -91.59
C ARG D 14 -26.92 60.58 -91.43
N LYS D 15 -26.14 59.88 -92.26
CA LYS D 15 -26.08 58.43 -92.25
C LYS D 15 -24.77 57.96 -91.62
N VAL D 16 -24.09 58.88 -90.95
CA VAL D 16 -22.84 58.59 -90.26
C VAL D 16 -23.04 58.96 -88.79
N ILE D 17 -24.07 59.77 -88.53
CA ILE D 17 -24.38 60.18 -87.17
C ILE D 17 -25.09 59.00 -86.51
N GLU D 18 -25.86 58.25 -87.31
CA GLU D 18 -26.53 57.06 -86.82
C GLU D 18 -25.41 56.07 -86.58
N LYS D 19 -24.18 56.52 -86.85
CA LYS D 19 -22.97 55.71 -86.69
C LYS D 19 -22.10 56.29 -85.57
N VAL D 20 -22.48 57.47 -85.07
CA VAL D 20 -21.74 58.11 -83.97
C VAL D 20 -22.27 57.45 -82.70
N GLN D 21 -23.35 56.70 -82.88
CA GLN D 21 -23.99 55.96 -81.79
C GLN D 21 -23.38 54.57 -81.90
N HIS D 22 -22.81 54.28 -83.06
CA HIS D 22 -22.16 53.00 -83.34
C HIS D 22 -20.70 53.07 -82.95
N ILE D 23 -20.26 54.26 -82.57
CA ILE D 23 -18.88 54.49 -82.16
C ILE D 23 -18.89 55.01 -80.71
N GLN D 24 -19.84 55.89 -80.40
CA GLN D 24 -19.96 56.45 -79.06
C GLN D 24 -20.72 55.47 -78.19
N LEU D 25 -20.89 54.25 -78.69
CA LEU D 25 -21.58 53.20 -77.96
C LEU D 25 -20.50 52.35 -77.31
N LEU D 26 -19.88 51.49 -78.10
CA LEU D 26 -18.82 50.63 -77.59
C LEU D 26 -17.96 51.51 -76.72
N GLN D 27 -17.39 52.55 -77.33
CA GLN D 27 -16.53 53.48 -76.61
C GLN D 27 -17.05 53.80 -75.21
N LYS D 28 -18.37 53.80 -75.04
CA LYS D 28 -18.98 54.09 -73.74
C LYS D 28 -19.45 52.83 -73.01
N ASN D 29 -19.65 51.76 -73.77
CA ASN D 29 -20.07 50.47 -73.23
C ASN D 29 -18.84 49.65 -72.87
N VAL D 30 -17.79 49.81 -73.67
CA VAL D 30 -16.55 49.11 -73.42
C VAL D 30 -15.85 49.84 -72.29
N ARG D 31 -16.09 51.15 -72.19
CA ARG D 31 -15.45 51.90 -71.11
C ARG D 31 -15.84 51.25 -69.81
N ALA D 32 -17.15 51.09 -69.62
CA ALA D 32 -17.68 50.47 -68.43
C ALA D 32 -17.34 48.97 -68.44
N GLN D 33 -17.54 48.32 -69.59
CA GLN D 33 -17.25 46.91 -69.70
C GLN D 33 -15.79 46.62 -69.36
N LEU D 34 -15.01 47.68 -69.15
CA LEU D 34 -13.61 47.49 -68.79
C LEU D 34 -13.53 47.46 -67.27
N VAL D 35 -13.98 48.56 -66.67
CA VAL D 35 -13.97 48.69 -65.23
C VAL D 35 -14.43 47.41 -64.56
N ASP D 36 -15.47 46.79 -65.10
CA ASP D 36 -15.98 45.56 -64.51
C ASP D 36 -14.90 44.50 -64.48
N MET D 37 -14.05 44.48 -65.49
CA MET D 37 -12.97 43.50 -65.52
C MET D 37 -11.98 43.79 -64.40
N LYS D 38 -11.83 45.08 -64.08
CA LYS D 38 -10.92 45.46 -63.01
C LYS D 38 -11.53 44.94 -61.72
N ARG D 39 -12.74 45.41 -61.43
CA ARG D 39 -13.46 45.00 -60.24
C ARG D 39 -13.55 43.48 -60.16
N LEU D 40 -13.55 42.83 -61.32
CA LEU D 40 -13.63 41.37 -61.34
C LEU D 40 -12.29 40.76 -60.99
N GLU D 41 -11.25 41.15 -61.72
CA GLU D 41 -9.95 40.56 -61.46
C GLU D 41 -9.46 40.88 -60.06
N VAL D 42 -9.75 42.08 -59.56
CA VAL D 42 -9.34 42.38 -58.21
C VAL D 42 -10.04 41.31 -57.37
N ASP D 43 -11.38 41.26 -57.46
CA ASP D 43 -12.17 40.29 -56.71
C ASP D 43 -11.58 38.89 -56.79
N ILE D 44 -11.64 38.28 -57.96
CA ILE D 44 -11.11 36.93 -58.12
C ILE D 44 -9.72 36.72 -57.53
N ASP D 45 -8.92 37.78 -57.45
CA ASP D 45 -7.60 37.66 -56.87
C ASP D 45 -7.82 37.27 -55.41
N ILE D 46 -8.49 38.16 -54.67
CA ILE D 46 -8.76 37.89 -53.27
C ILE D 46 -9.44 36.54 -53.15
N LYS D 47 -10.62 36.44 -53.76
CA LYS D 47 -11.38 35.19 -53.71
C LYS D 47 -10.38 34.04 -53.76
N ILE D 48 -9.76 33.82 -54.92
CA ILE D 48 -8.80 32.74 -55.01
C ILE D 48 -7.90 32.69 -53.77
N ARG D 49 -7.36 33.83 -53.37
CA ARG D 49 -6.46 33.85 -52.21
C ARG D 49 -7.09 33.32 -50.92
N SER D 50 -8.32 33.76 -50.64
CA SER D 50 -9.02 33.33 -49.43
C SER D 50 -8.99 31.82 -49.34
N CYS D 51 -8.88 31.21 -50.51
CA CYS D 51 -8.87 29.76 -50.63
C CYS D 51 -7.54 29.12 -50.19
N ARG D 52 -6.57 29.96 -49.80
CA ARG D 52 -5.24 29.47 -49.38
C ARG D 52 -5.34 28.67 -48.10
N GLY D 53 -6.25 29.11 -47.24
CA GLY D 53 -6.45 28.46 -45.96
C GLY D 53 -7.65 27.55 -45.88
N SER D 54 -8.11 27.08 -47.03
CA SER D 54 -9.25 26.19 -47.09
C SER D 54 -8.88 24.95 -47.90
N CYS D 55 -8.23 25.15 -49.04
CA CYS D 55 -7.82 24.04 -49.88
C CYS D 55 -6.36 23.63 -49.68
N SER D 56 -5.97 22.56 -50.36
CA SER D 56 -4.63 22.04 -50.26
C SER D 56 -3.58 23.09 -50.55
N ARG D 57 -3.79 23.85 -51.63
CA ARG D 57 -2.82 24.86 -52.03
C ARG D 57 -3.43 25.91 -52.96
N ALA D 58 -3.06 27.17 -52.76
CA ALA D 58 -3.58 28.27 -53.57
C ALA D 58 -2.87 28.40 -54.89
N LEU D 59 -2.92 29.60 -55.45
CA LEU D 59 -2.27 29.86 -56.71
C LEU D 59 -1.49 31.15 -56.58
N ALA D 60 -0.21 31.09 -56.93
CA ALA D 60 0.61 32.27 -56.87
C ALA D 60 0.41 32.99 -58.20
N ARG D 61 -0.11 34.22 -58.14
CA ARG D 61 -0.34 34.99 -59.34
C ARG D 61 -0.60 36.46 -59.00
N GLU D 62 0.16 37.33 -59.66
CA GLU D 62 0.00 38.76 -59.44
C GLU D 62 -0.99 39.32 -60.47
N VAL D 63 -1.63 40.42 -60.10
CA VAL D 63 -2.58 41.05 -61.00
C VAL D 63 -1.89 42.20 -61.73
N ASP D 64 -1.84 42.09 -63.06
CA ASP D 64 -1.22 43.12 -63.89
C ASP D 64 -2.10 44.37 -63.81
N LEU D 65 -2.29 44.86 -62.59
CA LEU D 65 -3.12 46.04 -62.37
C LEU D 65 -2.82 47.11 -63.41
N LYS D 66 -1.63 47.69 -63.30
CA LYS D 66 -1.15 48.74 -64.20
C LYS D 66 -1.85 48.72 -65.57
N ASP D 67 -1.55 47.68 -66.36
CA ASP D 67 -2.12 47.52 -67.69
C ASP D 67 -3.53 48.09 -67.83
N TYR D 68 -4.36 47.90 -66.81
CA TYR D 68 -5.72 48.41 -66.88
C TYR D 68 -5.70 49.93 -66.88
N GLU D 69 -4.96 50.53 -65.95
CA GLU D 69 -4.88 51.99 -65.91
C GLU D 69 -4.34 52.53 -67.25
N ASP D 70 -3.58 51.68 -67.94
CA ASP D 70 -3.04 52.04 -69.26
C ASP D 70 -4.23 52.15 -70.19
N GLN D 71 -4.82 51.01 -70.55
CA GLN D 71 -5.99 50.96 -71.44
C GLN D 71 -7.12 51.84 -70.93
N GLN D 72 -6.99 52.28 -69.67
CA GLN D 72 -7.99 53.15 -69.05
C GLN D 72 -7.88 54.57 -69.60
N LYS D 73 -6.66 54.97 -69.90
CA LYS D 73 -6.39 56.29 -70.43
C LYS D 73 -6.60 56.34 -71.95
N GLN D 74 -6.17 55.30 -72.68
CA GLN D 74 -6.37 55.25 -74.13
C GLN D 74 -7.87 55.39 -74.35
N LEU D 75 -8.60 55.27 -73.25
CA LEU D 75 -10.04 55.39 -73.25
C LEU D 75 -10.43 56.86 -73.36
N GLU D 76 -10.02 57.68 -72.39
CA GLU D 76 -10.36 59.10 -72.42
C GLU D 76 -9.44 59.93 -73.31
N GLN D 77 -8.64 59.24 -74.12
CA GLN D 77 -7.73 59.88 -75.08
C GLN D 77 -8.45 59.80 -76.42
N VAL D 78 -9.49 58.97 -76.44
CA VAL D 78 -10.30 58.77 -77.64
C VAL D 78 -11.74 59.23 -77.33
N ILE D 79 -11.93 59.73 -76.12
CA ILE D 79 -13.23 60.25 -75.69
C ILE D 79 -13.21 61.75 -75.93
N ALA D 80 -12.00 62.29 -76.03
CA ALA D 80 -11.79 63.72 -76.26
C ALA D 80 -11.16 64.01 -77.63
N LYS D 81 -11.71 63.41 -78.68
CA LYS D 81 -11.20 63.60 -80.04
C LYS D 81 -12.26 63.12 -81.04
N ASP D 82 -13.53 63.28 -80.67
CA ASP D 82 -14.65 62.84 -81.52
C ASP D 82 -15.49 64.01 -82.04
N LEU E 18 -20.47 70.12 -93.41
CA LEU E 18 -19.96 70.52 -94.75
C LEU E 18 -18.60 69.89 -95.08
N TYR E 19 -17.68 69.84 -94.12
CA TYR E 19 -16.36 69.25 -94.36
C TYR E 19 -16.00 68.10 -93.41
N ILE E 20 -16.91 67.71 -92.52
CA ILE E 20 -16.65 66.61 -91.58
C ILE E 20 -16.72 65.30 -92.37
N ASP E 21 -15.98 65.25 -93.48
CA ASP E 21 -15.94 64.07 -94.34
C ASP E 21 -14.52 63.50 -94.43
N GLU E 22 -13.58 64.11 -93.72
CA GLU E 22 -12.21 63.62 -93.72
C GLU E 22 -11.98 62.72 -92.52
N THR E 23 -13.00 62.59 -91.67
CA THR E 23 -12.93 61.76 -90.46
C THR E 23 -13.03 60.27 -90.80
N VAL E 24 -13.98 59.94 -91.67
CA VAL E 24 -14.20 58.56 -92.09
C VAL E 24 -12.96 58.00 -92.78
N ASN E 25 -11.92 58.82 -92.87
CA ASN E 25 -10.65 58.44 -93.50
C ASN E 25 -9.48 58.27 -92.51
N SER E 26 -9.33 59.22 -91.58
CA SER E 26 -8.25 59.18 -90.60
C SER E 26 -8.68 59.19 -89.13
N ASN E 27 -9.69 59.98 -88.79
CA ASN E 27 -10.17 60.07 -87.40
C ASN E 27 -10.82 58.81 -86.84
N ILE E 28 -11.75 58.20 -87.58
CA ILE E 28 -12.41 56.98 -87.10
C ILE E 28 -11.60 55.71 -87.28
N PRO E 29 -10.87 55.57 -88.40
CA PRO E 29 -10.07 54.34 -88.56
C PRO E 29 -9.02 54.28 -87.45
N THR E 30 -9.12 55.22 -86.52
CA THR E 30 -8.25 55.31 -85.35
C THR E 30 -9.12 55.31 -84.10
N ASN E 31 -10.24 56.03 -84.16
CA ASN E 31 -11.20 56.08 -83.05
C ASN E 31 -11.88 54.72 -82.99
N LEU E 32 -11.32 53.77 -83.73
CA LEU E 32 -11.85 52.41 -83.82
C LEU E 32 -10.74 51.41 -83.50
N ARG E 33 -9.51 51.71 -83.91
CA ARG E 33 -8.38 50.81 -83.65
C ARG E 33 -8.25 50.50 -82.16
N VAL E 34 -8.68 51.47 -81.33
CA VAL E 34 -8.63 51.31 -79.88
C VAL E 34 -9.43 50.06 -79.57
N LEU E 35 -10.75 50.21 -79.60
CA LEU E 35 -11.69 49.11 -79.33
C LEU E 35 -11.08 47.75 -79.69
N ARG E 36 -10.37 47.70 -80.81
CA ARG E 36 -9.74 46.46 -81.22
C ARG E 36 -8.67 46.13 -80.19
N SER E 37 -7.65 46.97 -80.10
CA SER E 37 -6.54 46.77 -79.15
C SER E 37 -6.99 46.50 -77.72
N ILE E 38 -8.30 46.67 -77.48
CA ILE E 38 -8.86 46.46 -76.15
C ILE E 38 -9.78 45.25 -76.14
N LEU E 39 -10.96 45.39 -76.74
CA LEU E 39 -11.92 44.28 -76.77
C LEU E 39 -11.24 42.99 -77.22
N GLU E 40 -10.01 43.10 -77.71
CA GLU E 40 -9.26 41.94 -78.15
C GLU E 40 -8.48 41.42 -76.94
N ASN E 41 -8.01 42.38 -76.15
CA ASN E 41 -7.24 42.12 -74.95
C ASN E 41 -8.11 41.51 -73.87
N LEU E 42 -9.18 42.20 -73.49
CA LEU E 42 -10.07 41.68 -72.47
C LEU E 42 -10.53 40.28 -72.86
N ARG E 43 -11.16 40.19 -74.03
CA ARG E 43 -11.64 38.91 -74.56
C ARG E 43 -10.58 37.86 -74.29
N SER E 44 -9.32 38.28 -74.33
CA SER E 44 -8.19 37.39 -74.09
C SER E 44 -7.83 37.32 -72.60
N LYS E 45 -7.74 38.50 -71.97
CA LYS E 45 -7.39 38.60 -70.56
C LYS E 45 -8.49 38.10 -69.61
N ILE E 46 -9.53 37.49 -70.18
CA ILE E 46 -10.60 36.94 -69.36
C ILE E 46 -10.37 35.44 -69.29
N GLN E 47 -9.87 34.87 -70.38
CA GLN E 47 -9.57 33.44 -70.45
C GLN E 47 -8.58 33.10 -69.34
N LYS E 48 -7.64 34.00 -69.11
CA LYS E 48 -6.63 33.82 -68.07
C LYS E 48 -7.36 33.53 -66.77
N LEU E 49 -8.36 34.37 -66.48
CA LEU E 49 -9.16 34.23 -65.27
C LEU E 49 -9.89 32.90 -65.28
N GLU E 50 -10.83 32.74 -66.21
CA GLU E 50 -11.58 31.48 -66.29
C GLU E 50 -10.60 30.35 -66.06
N SER E 51 -9.36 30.58 -66.49
CA SER E 51 -8.28 29.61 -66.36
C SER E 51 -7.76 29.48 -64.94
N ASP E 52 -7.35 30.59 -64.32
CA ASP E 52 -6.86 30.52 -62.94
C ASP E 52 -7.87 29.73 -62.12
N VAL E 53 -9.13 30.18 -62.18
CA VAL E 53 -10.21 29.54 -61.42
C VAL E 53 -10.41 28.06 -61.67
N SER E 54 -10.75 27.68 -62.91
CA SER E 54 -10.98 26.29 -63.23
C SER E 54 -9.83 25.45 -62.72
N ALA E 55 -8.76 26.14 -62.30
CA ALA E 55 -7.55 25.52 -61.74
C ALA E 55 -7.65 25.42 -60.24
N GLN E 56 -7.86 26.56 -59.58
CA GLN E 56 -7.97 26.59 -58.13
C GLN E 56 -9.05 25.63 -57.71
N MET E 57 -10.10 25.55 -58.52
CA MET E 57 -11.20 24.66 -58.25
C MET E 57 -10.62 23.25 -58.31
N GLU E 58 -9.69 23.06 -59.24
CA GLU E 58 -9.00 21.79 -59.44
C GLU E 58 -8.21 21.44 -58.17
N TYR E 59 -7.44 22.42 -57.68
CA TYR E 59 -6.63 22.20 -56.48
C TYR E 59 -7.49 21.78 -55.29
N CYS E 60 -8.54 22.55 -55.07
CA CYS E 60 -9.47 22.35 -53.98
C CYS E 60 -10.12 20.98 -53.78
N ARG E 61 -9.93 20.06 -54.72
CA ARG E 61 -10.51 18.75 -54.57
C ARG E 61 -10.00 18.16 -53.26
N THR E 62 -8.96 18.79 -52.74
CA THR E 62 -8.33 18.37 -51.50
C THR E 62 -8.14 19.58 -50.59
N PRO E 63 -8.58 19.50 -49.33
CA PRO E 63 -8.46 20.61 -48.38
C PRO E 63 -7.07 20.68 -47.76
N CYS E 64 -6.78 21.79 -47.09
CA CYS E 64 -5.49 21.94 -46.43
C CYS E 64 -5.59 21.22 -45.09
N THR E 65 -4.52 20.60 -44.63
CA THR E 65 -4.57 19.90 -43.35
C THR E 65 -3.58 20.41 -42.33
N VAL E 66 -3.95 20.17 -41.07
CA VAL E 66 -3.12 20.56 -39.94
C VAL E 66 -3.27 19.47 -38.88
N SER E 67 -2.39 19.52 -37.90
CA SER E 67 -2.42 18.57 -36.82
C SER E 67 -1.94 19.35 -35.62
N CYS E 68 -2.88 19.87 -34.85
CA CYS E 68 -2.53 20.64 -33.67
C CYS E 68 -2.64 19.84 -32.38
N ASN E 69 -1.64 19.01 -32.10
CA ASN E 69 -1.66 18.24 -30.88
C ASN E 69 -1.90 19.25 -29.75
N ILE E 70 -2.77 18.88 -28.82
CA ILE E 70 -3.12 19.77 -27.74
C ILE E 70 -2.19 19.76 -26.53
N PRO E 71 -1.81 20.95 -26.05
CA PRO E 71 -0.93 21.14 -24.90
C PRO E 71 -1.68 20.74 -23.63
N VAL E 72 -1.01 20.02 -22.73
CA VAL E 72 -1.63 19.57 -21.49
C VAL E 72 -2.40 20.67 -20.78
N VAL E 73 -1.67 21.75 -20.48
CA VAL E 73 -2.21 22.88 -19.76
C VAL E 73 -3.47 23.47 -20.39
N SER E 74 -4.38 23.91 -19.53
CA SER E 74 -5.63 24.51 -19.96
C SER E 74 -6.27 25.26 -18.80
N GLY E 75 -7.06 26.29 -19.12
CA GLY E 75 -7.73 27.07 -18.08
C GLY E 75 -9.07 27.63 -18.54
N LYS E 76 -9.43 28.80 -18.03
CA LYS E 76 -10.67 29.43 -18.43
C LYS E 76 -10.42 30.26 -19.66
N GLU E 77 -9.17 30.71 -19.82
CA GLU E 77 -8.75 31.51 -20.96
C GLU E 77 -7.26 31.83 -20.90
N CYS E 78 -6.67 32.13 -22.05
CA CYS E 78 -5.24 32.41 -22.16
C CYS E 78 -4.50 32.98 -20.96
N GLU E 79 -5.15 33.86 -20.20
CA GLU E 79 -4.55 34.46 -18.99
C GLU E 79 -4.18 33.35 -18.00
N GLU E 80 -5.22 32.85 -17.31
CA GLU E 80 -5.09 31.78 -16.33
C GLU E 80 -4.00 30.83 -16.82
N ILE E 81 -4.04 30.52 -18.11
CA ILE E 81 -3.08 29.61 -18.70
C ILE E 81 -1.63 30.04 -18.57
N ILE E 82 -1.27 31.22 -19.07
CA ILE E 82 0.11 31.64 -18.96
C ILE E 82 0.45 31.68 -17.47
N ARG E 83 -0.59 31.79 -16.66
CA ARG E 83 -0.42 31.82 -15.21
C ARG E 83 -0.21 30.41 -14.69
N LYS E 84 -0.75 29.43 -15.42
CA LYS E 84 -0.59 28.04 -15.04
C LYS E 84 0.67 27.45 -15.63
N GLY E 85 1.51 28.29 -16.24
CA GLY E 85 2.76 27.78 -16.79
C GLY E 85 2.95 27.73 -18.30
N GLY E 86 1.88 27.88 -19.07
CA GLY E 86 2.02 27.85 -20.52
C GLY E 86 2.70 29.14 -20.96
N GLU E 87 3.96 29.05 -21.37
CA GLU E 87 4.73 30.23 -21.76
C GLU E 87 5.09 30.44 -23.23
N THR E 88 4.55 29.60 -24.11
CA THR E 88 4.81 29.74 -25.54
C THR E 88 3.54 30.19 -26.25
N SER E 89 3.71 31.01 -27.28
CA SER E 89 2.56 31.47 -28.05
C SER E 89 2.22 30.41 -29.07
N GLU E 90 1.07 29.77 -28.86
CA GLU E 90 0.59 28.72 -29.74
C GLU E 90 -0.89 28.51 -29.50
N MET E 91 -1.38 27.32 -29.85
CA MET E 91 -2.79 27.04 -29.69
C MET E 91 -3.10 26.29 -28.43
N TYR E 92 -3.95 26.87 -27.59
CA TYR E 92 -4.35 26.23 -26.35
C TYR E 92 -5.83 25.91 -26.39
N LEU E 93 -6.27 25.19 -25.37
CA LEU E 93 -7.66 24.80 -25.31
C LEU E 93 -8.22 25.33 -24.02
N ILE E 94 -9.18 26.25 -24.12
CA ILE E 94 -9.78 26.84 -22.94
C ILE E 94 -11.22 26.44 -22.74
N GLN E 95 -11.76 26.83 -21.59
CA GLN E 95 -13.12 26.57 -21.21
C GLN E 95 -13.48 27.62 -20.16
N PRO E 96 -13.81 28.82 -20.62
CA PRO E 96 -14.17 29.91 -19.72
C PRO E 96 -15.33 29.52 -18.84
N ASP E 97 -16.46 29.19 -19.46
CA ASP E 97 -17.65 28.81 -18.70
C ASP E 97 -17.93 27.32 -18.78
N SER E 98 -18.14 26.72 -17.61
CA SER E 98 -18.42 25.30 -17.52
C SER E 98 -19.71 24.93 -18.25
N SER E 99 -20.57 25.90 -18.51
CA SER E 99 -21.85 25.63 -19.20
C SER E 99 -21.65 25.25 -20.65
N VAL E 100 -20.45 25.52 -21.18
CA VAL E 100 -20.10 25.23 -22.56
C VAL E 100 -18.84 24.37 -22.67
N LYS E 101 -18.74 23.53 -23.69
CA LYS E 101 -17.54 22.71 -23.82
C LYS E 101 -16.35 23.50 -24.37
N PRO E 102 -15.14 23.19 -23.90
CA PRO E 102 -13.90 23.84 -24.29
C PRO E 102 -13.75 23.97 -25.79
N TYR E 103 -13.28 25.13 -26.21
CA TYR E 103 -13.05 25.38 -27.62
C TYR E 103 -11.58 25.75 -27.74
N ARG E 104 -11.04 25.62 -28.95
CA ARG E 104 -9.65 25.95 -29.18
C ARG E 104 -9.52 27.45 -29.48
N VAL E 105 -8.37 28.00 -29.09
CA VAL E 105 -8.09 29.41 -29.33
C VAL E 105 -6.59 29.64 -29.33
N TYR E 106 -6.15 30.74 -29.93
CA TYR E 106 -4.72 31.04 -29.96
C TYR E 106 -4.38 31.99 -28.82
N CYS E 107 -3.28 31.70 -28.13
CA CYS E 107 -2.85 32.53 -27.01
C CYS E 107 -1.57 33.24 -27.35
N ASP E 108 -1.54 34.56 -27.12
CA ASP E 108 -0.33 35.32 -27.36
C ASP E 108 0.35 35.47 -26.01
N MET E 109 1.40 34.70 -25.78
CA MET E 109 2.11 34.75 -24.51
C MET E 109 3.43 35.51 -24.58
N ASN E 110 3.63 36.31 -25.63
CA ASN E 110 4.87 37.08 -25.76
C ASN E 110 4.63 38.59 -25.78
N THR E 111 3.71 39.03 -26.62
CA THR E 111 3.39 40.43 -26.75
C THR E 111 2.71 41.03 -25.54
N GLU E 112 3.32 42.08 -25.00
CA GLU E 112 2.81 42.80 -23.84
C GLU E 112 2.48 41.89 -22.67
N ASN E 113 3.45 41.09 -22.24
CA ASN E 113 3.29 40.18 -21.10
C ASN E 113 2.23 39.08 -21.21
N GLY E 114 2.10 38.49 -22.40
CA GLY E 114 1.16 37.41 -22.63
C GLY E 114 -0.19 37.38 -21.93
N GLY E 115 -0.86 36.23 -22.03
CA GLY E 115 -2.17 36.06 -21.42
C GLY E 115 -3.24 36.46 -22.42
N TRP E 116 -2.78 36.88 -23.59
CA TRP E 116 -3.63 37.32 -24.68
C TRP E 116 -4.39 36.25 -25.43
N THR E 117 -5.72 36.40 -25.40
CA THR E 117 -6.63 35.50 -26.08
C THR E 117 -7.04 36.14 -27.39
N VAL E 118 -6.65 35.57 -28.53
CA VAL E 118 -7.02 36.14 -29.82
C VAL E 118 -8.50 35.98 -30.18
N ILE E 119 -9.10 37.07 -30.64
CA ILE E 119 -10.50 37.05 -31.00
C ILE E 119 -10.58 37.15 -32.52
N GLN E 120 -9.67 37.94 -33.10
CA GLN E 120 -9.63 38.17 -34.54
C GLN E 120 -8.18 38.37 -35.00
N ASN E 121 -7.83 37.80 -36.15
CA ASN E 121 -6.48 37.92 -36.69
C ASN E 121 -6.41 37.86 -38.21
N ARG E 122 -5.73 38.83 -38.80
CA ARG E 122 -5.55 38.92 -40.24
C ARG E 122 -4.07 39.08 -40.54
N GLN E 123 -3.54 38.22 -41.42
CA GLN E 123 -2.11 38.28 -41.75
C GLN E 123 -1.77 37.90 -43.17
N ASP E 124 -2.76 37.37 -43.88
CA ASP E 124 -2.60 36.99 -45.29
C ASP E 124 -4.01 36.88 -45.84
N GLY E 125 -4.16 36.42 -47.06
CA GLY E 125 -5.51 36.34 -47.61
C GLY E 125 -6.24 35.06 -47.26
N SER E 126 -5.50 34.13 -46.68
CA SER E 126 -6.01 32.81 -46.34
C SER E 126 -7.48 32.60 -45.99
N VAL E 127 -8.18 33.62 -45.51
CA VAL E 127 -9.58 33.38 -45.14
C VAL E 127 -10.62 34.42 -45.55
N ASP E 128 -11.75 33.96 -46.11
CA ASP E 128 -12.82 34.87 -46.51
C ASP E 128 -13.51 35.42 -45.27
N PHE E 129 -13.64 36.73 -45.19
CA PHE E 129 -14.29 37.33 -44.02
C PHE E 129 -15.69 37.81 -44.36
N GLY E 130 -15.95 37.96 -45.66
CA GLY E 130 -17.26 38.40 -46.08
C GLY E 130 -18.19 37.20 -45.99
N ARG E 131 -18.58 36.88 -44.75
CA ARG E 131 -19.47 35.76 -44.47
C ARG E 131 -20.81 36.19 -43.88
N LYS E 132 -21.72 35.22 -43.71
CA LYS E 132 -23.04 35.48 -43.18
C LYS E 132 -23.09 35.55 -41.66
N TRP E 133 -24.25 35.95 -41.13
CA TRP E 133 -24.43 36.10 -39.69
C TRP E 133 -24.09 34.90 -38.81
N ASP E 134 -24.74 33.77 -39.08
CA ASP E 134 -24.49 32.55 -38.31
C ASP E 134 -22.99 32.29 -38.23
N PRO E 135 -22.31 32.22 -39.40
CA PRO E 135 -20.88 31.97 -39.36
C PRO E 135 -20.17 32.86 -38.36
N TYR E 136 -20.39 34.17 -38.45
CA TYR E 136 -19.75 35.06 -37.51
C TYR E 136 -20.12 34.72 -36.06
N LYS E 137 -21.32 34.18 -35.88
CA LYS E 137 -21.84 33.77 -34.56
C LYS E 137 -21.17 32.50 -34.03
N GLN E 138 -20.85 31.58 -34.93
CA GLN E 138 -20.21 30.34 -34.53
C GLN E 138 -18.67 30.47 -34.61
N GLY E 139 -18.21 31.41 -35.41
CA GLY E 139 -16.78 31.58 -35.59
C GLY E 139 -16.31 30.85 -36.84
N PHE E 140 -15.16 31.26 -37.37
CA PHE E 140 -14.66 30.59 -38.55
C PHE E 140 -13.21 30.95 -38.76
N GLY E 141 -12.57 30.18 -39.62
CA GLY E 141 -11.17 30.42 -39.91
C GLY E 141 -10.30 29.32 -39.35
N ASN E 142 -9.00 29.51 -39.45
CA ASN E 142 -8.06 28.55 -38.93
C ASN E 142 -7.44 29.17 -37.71
N VAL E 143 -7.68 28.54 -36.55
CA VAL E 143 -7.14 29.04 -35.30
C VAL E 143 -5.63 29.06 -35.38
N ALA E 144 -5.05 27.93 -35.73
CA ALA E 144 -3.59 27.85 -35.83
C ALA E 144 -3.13 26.76 -36.78
N THR E 145 -1.96 26.98 -37.38
CA THR E 145 -1.39 26.00 -38.27
C THR E 145 -0.12 25.50 -37.62
N ASN E 146 0.39 24.37 -38.10
CA ASN E 146 1.60 23.77 -37.57
C ASN E 146 2.84 24.58 -37.87
N THR E 147 3.65 24.76 -36.84
CA THR E 147 4.90 25.50 -36.98
C THR E 147 5.78 24.63 -37.86
N ASP E 148 6.51 25.26 -38.77
CA ASP E 148 7.39 24.51 -39.66
C ASP E 148 8.11 23.37 -38.91
N GLY E 149 7.76 22.14 -39.26
CA GLY E 149 8.38 21.00 -38.61
C GLY E 149 7.65 20.50 -37.37
N LYS E 150 7.71 21.28 -36.30
CA LYS E 150 7.09 20.93 -35.02
C LYS E 150 5.71 20.27 -35.09
N ASN E 151 5.30 19.67 -33.97
CA ASN E 151 4.03 18.96 -33.89
C ASN E 151 2.89 19.74 -33.23
N TYR E 152 3.11 21.02 -32.96
CA TYR E 152 2.08 21.83 -32.35
C TYR E 152 1.87 23.04 -33.24
N CYS E 153 0.67 23.59 -33.23
CA CYS E 153 0.41 24.73 -34.08
C CYS E 153 0.79 25.99 -33.35
N GLY E 154 2.07 26.37 -33.51
CA GLY E 154 2.58 27.55 -32.84
C GLY E 154 2.32 28.82 -33.63
N LEU E 155 1.83 28.63 -34.85
CA LEU E 155 1.52 29.75 -35.72
C LEU E 155 0.01 29.96 -35.75
N PRO E 156 -0.44 31.20 -35.58
CA PRO E 156 -1.87 31.53 -35.60
C PRO E 156 -2.33 31.57 -37.03
N GLY E 157 -3.63 31.51 -37.24
CA GLY E 157 -4.16 31.58 -38.59
C GLY E 157 -5.17 32.70 -38.65
N GLU E 158 -5.83 32.87 -39.78
CA GLU E 158 -6.82 33.92 -39.85
C GLU E 158 -8.11 33.34 -39.32
N TYR E 159 -8.71 34.02 -38.36
CA TYR E 159 -9.95 33.52 -37.84
C TYR E 159 -10.70 34.57 -37.05
N TRP E 160 -11.91 34.21 -36.67
CA TRP E 160 -12.79 35.05 -35.89
C TRP E 160 -13.44 34.06 -34.95
N LEU E 161 -13.00 34.08 -33.70
CA LEU E 161 -13.55 33.20 -32.70
C LEU E 161 -15.03 33.56 -32.69
N GLY E 162 -15.91 32.56 -32.75
CA GLY E 162 -17.35 32.84 -32.75
C GLY E 162 -17.85 33.99 -31.89
N ASN E 163 -18.81 34.75 -32.41
CA ASN E 163 -19.38 35.88 -31.68
C ASN E 163 -19.83 35.49 -30.27
N ASP E 164 -20.70 34.48 -30.17
CA ASP E 164 -21.18 34.03 -28.88
C ASP E 164 -20.04 33.83 -27.92
N LYS E 165 -18.96 33.21 -28.39
CA LYS E 165 -17.80 32.96 -27.55
C LYS E 165 -17.16 34.28 -27.11
N ILE E 166 -17.06 35.23 -28.05
CA ILE E 166 -16.45 36.52 -27.74
C ILE E 166 -17.32 37.24 -26.73
N SER E 167 -18.63 37.15 -26.92
CA SER E 167 -19.57 37.78 -26.01
C SER E 167 -19.27 37.26 -24.62
N GLN E 168 -19.58 35.98 -24.44
CA GLN E 168 -19.38 35.31 -23.16
C GLN E 168 -18.00 35.59 -22.54
N LEU E 169 -16.96 35.67 -23.36
CA LEU E 169 -15.62 35.94 -22.84
C LEU E 169 -15.53 37.27 -22.10
N THR E 170 -16.29 38.24 -22.59
CA THR E 170 -16.27 39.56 -22.00
C THR E 170 -17.26 39.70 -20.83
N ARG E 171 -18.44 39.10 -20.98
CA ARG E 171 -19.45 39.17 -19.95
C ARG E 171 -19.06 38.36 -18.71
N MET E 172 -17.82 37.89 -18.69
CA MET E 172 -17.33 37.14 -17.54
C MET E 172 -16.92 38.14 -16.46
N GLY E 173 -15.95 38.98 -16.82
CA GLY E 173 -15.47 39.98 -15.90
C GLY E 173 -14.94 41.20 -16.63
N PRO E 174 -14.39 42.19 -15.90
CA PRO E 174 -13.85 43.41 -16.51
C PRO E 174 -12.74 43.09 -17.51
N THR E 175 -13.13 43.02 -18.79
CA THR E 175 -12.23 42.68 -19.88
C THR E 175 -11.60 43.86 -20.63
N GLU E 176 -10.31 43.78 -20.87
CA GLU E 176 -9.64 44.84 -21.62
C GLU E 176 -9.37 44.33 -23.04
N LEU E 177 -9.41 45.23 -24.02
CA LEU E 177 -9.19 44.85 -25.41
C LEU E 177 -7.96 45.53 -26.06
N LEU E 178 -7.31 44.81 -26.96
CA LEU E 178 -6.14 45.35 -27.62
C LEU E 178 -6.17 45.02 -29.09
N ILE E 179 -5.91 46.03 -29.91
CA ILE E 179 -5.90 45.86 -31.35
C ILE E 179 -4.59 46.33 -31.96
N GLU E 180 -3.94 45.41 -32.66
CA GLU E 180 -2.67 45.68 -33.32
C GLU E 180 -2.84 45.58 -34.83
N MET E 181 -1.93 46.22 -35.56
CA MET E 181 -1.97 46.21 -37.00
C MET E 181 -0.60 46.59 -37.55
N GLU E 182 -0.26 46.03 -38.70
CA GLU E 182 1.02 46.30 -39.31
C GLU E 182 0.83 46.63 -40.79
N ASP E 183 1.44 47.72 -41.26
CA ASP E 183 1.34 48.13 -42.66
C ASP E 183 2.34 47.30 -43.46
N TRP E 184 2.26 47.42 -44.77
CA TRP E 184 3.14 46.66 -45.64
C TRP E 184 4.61 47.05 -45.58
N LYS E 185 4.89 48.29 -45.24
CA LYS E 185 6.27 48.72 -45.15
C LYS E 185 6.92 48.13 -43.90
N GLY E 186 6.13 47.89 -42.87
CA GLY E 186 6.69 47.28 -41.67
C GLY E 186 6.39 47.90 -40.33
N ASP E 187 5.99 49.17 -40.31
CA ASP E 187 5.70 49.84 -39.04
C ASP E 187 4.43 49.33 -38.33
N LYS E 188 4.30 49.59 -37.04
CA LYS E 188 3.14 49.12 -36.28
C LYS E 188 2.45 50.20 -35.44
N VAL E 189 1.32 49.84 -34.84
CA VAL E 189 0.53 50.74 -34.00
C VAL E 189 -0.40 49.89 -33.12
N LYS E 190 -0.95 50.49 -32.06
CA LYS E 190 -1.83 49.76 -31.14
C LYS E 190 -3.13 50.51 -30.88
N ALA E 191 -4.05 49.87 -30.15
CA ALA E 191 -5.33 50.50 -29.82
C ALA E 191 -5.97 49.85 -28.59
N HIS E 192 -5.43 50.17 -27.41
CA HIS E 192 -5.92 49.62 -26.14
C HIS E 192 -7.28 50.14 -25.71
N TYR E 193 -8.09 49.24 -25.16
CA TYR E 193 -9.43 49.59 -24.67
C TYR E 193 -9.69 48.85 -23.36
N GLY E 194 -9.04 49.34 -22.30
CA GLY E 194 -9.18 48.75 -20.97
C GLY E 194 -10.53 48.14 -20.67
N GLY E 195 -11.58 48.72 -21.24
CA GLY E 195 -12.91 48.20 -21.04
C GLY E 195 -13.45 47.75 -22.38
N PHE E 196 -14.05 46.56 -22.41
CA PHE E 196 -14.59 46.05 -23.65
C PHE E 196 -15.64 45.00 -23.36
N THR E 197 -16.74 45.04 -24.10
CA THR E 197 -17.83 44.08 -23.91
C THR E 197 -18.61 43.91 -25.21
N VAL E 198 -19.33 42.79 -25.32
CA VAL E 198 -20.16 42.51 -26.49
C VAL E 198 -21.33 41.69 -26.01
N GLN E 199 -22.51 42.31 -25.99
CA GLN E 199 -23.71 41.64 -25.53
C GLN E 199 -23.97 40.36 -26.31
N ASN E 200 -24.87 39.53 -25.79
CA ASN E 200 -25.20 38.27 -26.45
C ASN E 200 -25.91 38.50 -27.79
N GLU E 201 -26.21 37.40 -28.49
CA GLU E 201 -26.86 37.47 -29.78
C GLU E 201 -28.19 38.19 -29.65
N ALA E 202 -28.94 37.82 -28.62
CA ALA E 202 -30.23 38.44 -28.38
C ALA E 202 -30.14 39.96 -28.42
N ASN E 203 -28.99 40.51 -28.05
CA ASN E 203 -28.80 41.95 -28.06
C ASN E 203 -27.91 42.41 -29.21
N LYS E 204 -28.06 41.76 -30.35
CA LYS E 204 -27.28 42.09 -31.52
C LYS E 204 -25.80 42.32 -31.22
N TYR E 205 -25.23 41.49 -30.34
CA TYR E 205 -23.81 41.59 -29.99
C TYR E 205 -23.32 43.02 -29.90
N GLN E 206 -24.12 43.89 -29.29
CA GLN E 206 -23.77 45.30 -29.15
C GLN E 206 -22.41 45.49 -28.51
N ILE E 207 -21.54 46.24 -29.19
CA ILE E 207 -20.19 46.50 -28.71
C ILE E 207 -20.24 47.61 -27.69
N SER E 208 -19.08 47.89 -27.08
CA SER E 208 -18.96 48.94 -26.07
C SER E 208 -17.53 48.94 -25.57
N VAL E 209 -16.87 50.09 -25.63
CA VAL E 209 -15.46 50.16 -25.20
C VAL E 209 -15.12 51.45 -24.47
N ASN E 210 -13.84 51.57 -24.08
CA ASN E 210 -13.35 52.76 -23.39
C ASN E 210 -11.88 52.64 -22.99
N LYS E 211 -11.38 53.64 -22.27
CA LYS E 211 -9.99 53.69 -21.80
C LYS E 211 -8.92 53.52 -22.90
N TYR E 212 -9.09 54.27 -23.99
CA TYR E 212 -8.19 54.20 -25.12
C TYR E 212 -6.71 54.59 -24.95
N ARG E 213 -5.84 53.62 -24.71
CA ARG E 213 -4.41 53.91 -24.65
C ARG E 213 -4.11 53.67 -26.12
N GLY E 214 -3.00 54.17 -26.67
CA GLY E 214 -2.77 53.86 -28.08
C GLY E 214 -2.08 54.83 -29.02
N THR E 215 -1.74 54.31 -30.20
CA THR E 215 -1.07 55.06 -31.24
C THR E 215 -1.79 55.04 -32.60
N ALA E 216 -2.87 54.27 -32.70
CA ALA E 216 -3.62 54.17 -33.96
C ALA E 216 -4.74 55.19 -34.10
N GLY E 217 -5.18 55.75 -32.98
CA GLY E 217 -6.26 56.71 -33.01
C GLY E 217 -7.56 56.03 -32.64
N ASN E 218 -8.20 56.49 -31.58
CA ASN E 218 -9.45 55.89 -31.11
C ASN E 218 -10.60 55.88 -32.13
N ALA E 219 -10.53 54.97 -33.09
CA ALA E 219 -11.58 54.87 -34.09
C ALA E 219 -12.89 54.37 -33.48
N LEU E 220 -12.83 53.22 -32.82
CA LEU E 220 -14.03 52.66 -32.21
C LEU E 220 -14.88 53.63 -31.41
N MET E 221 -14.24 54.52 -30.65
CA MET E 221 -14.98 55.48 -29.82
C MET E 221 -15.18 56.88 -30.38
N ASP E 222 -14.12 57.48 -30.92
CA ASP E 222 -14.19 58.84 -31.45
C ASP E 222 -14.51 58.98 -32.93
N GLY E 223 -14.24 57.96 -33.72
CA GLY E 223 -14.52 58.03 -35.14
C GLY E 223 -13.34 58.56 -35.94
N ALA E 224 -13.47 58.53 -37.27
CA ALA E 224 -12.41 58.99 -38.17
C ALA E 224 -11.84 60.33 -37.73
N SER E 225 -10.54 60.51 -37.93
CA SER E 225 -9.88 61.75 -37.54
C SER E 225 -9.93 62.76 -38.68
N GLN E 226 -10.54 62.36 -39.79
CA GLN E 226 -10.65 63.23 -40.96
C GLN E 226 -12.07 63.69 -41.29
N LEU E 227 -13.06 63.16 -40.59
CA LEU E 227 -14.44 63.58 -40.83
C LEU E 227 -14.90 64.53 -39.74
N MET E 228 -15.51 65.64 -40.14
CA MET E 228 -15.98 66.63 -39.18
C MET E 228 -17.42 66.41 -38.73
N GLY E 229 -17.78 67.04 -37.62
CA GLY E 229 -19.12 66.96 -37.07
C GLY E 229 -19.93 65.71 -37.35
N GLU E 230 -21.15 65.90 -37.85
CA GLU E 230 -22.08 64.81 -38.16
C GLU E 230 -21.44 63.69 -38.96
N ASN E 231 -20.49 64.04 -39.81
CA ASN E 231 -19.80 63.07 -40.66
C ASN E 231 -18.89 62.12 -39.88
N ARG E 232 -18.42 62.55 -38.72
CA ARG E 232 -17.54 61.70 -37.93
C ARG E 232 -18.37 60.83 -36.99
N THR E 233 -19.36 61.44 -36.34
CA THR E 233 -20.19 60.71 -35.39
C THR E 233 -20.87 59.49 -36.02
N MET E 234 -20.82 59.39 -37.35
CA MET E 234 -21.41 58.25 -38.03
C MET E 234 -20.28 57.30 -38.41
N THR E 235 -19.18 57.41 -37.67
CA THR E 235 -18.01 56.57 -37.88
C THR E 235 -17.63 55.96 -36.54
N ILE E 236 -18.27 56.43 -35.48
CA ILE E 236 -18.00 55.88 -34.15
C ILE E 236 -18.67 54.51 -34.04
N HIS E 237 -17.92 53.54 -33.50
CA HIS E 237 -18.43 52.19 -33.34
C HIS E 237 -18.97 51.90 -31.96
N ASN E 238 -18.43 52.56 -30.94
CA ASN E 238 -18.89 52.32 -29.60
C ASN E 238 -20.41 52.28 -29.58
N GLY E 239 -20.97 51.33 -28.84
CA GLY E 239 -22.41 51.19 -28.74
C GLY E 239 -23.14 50.69 -29.98
N MET E 240 -22.41 50.49 -31.07
CA MET E 240 -23.01 50.00 -32.31
C MET E 240 -23.36 48.52 -32.27
N PHE E 241 -24.25 48.10 -33.17
CA PHE E 241 -24.63 46.69 -33.24
C PHE E 241 -23.78 45.99 -34.30
N PHE E 242 -23.85 44.67 -34.31
CA PHE E 242 -23.07 43.92 -35.27
C PHE E 242 -23.92 43.68 -36.50
N SER E 243 -23.31 43.85 -37.68
CA SER E 243 -23.98 43.68 -38.97
C SER E 243 -23.23 42.70 -39.89
N THR E 244 -23.99 41.98 -40.71
CA THR E 244 -23.45 41.01 -41.68
C THR E 244 -24.22 41.26 -42.97
N TYR E 245 -23.75 40.74 -44.10
CA TYR E 245 -24.46 41.02 -45.34
C TYR E 245 -25.86 40.43 -45.48
N ASP E 246 -26.42 39.92 -44.39
CA ASP E 246 -27.79 39.40 -44.45
C ASP E 246 -28.57 39.78 -43.20
N ARG E 247 -27.90 40.47 -42.29
CA ARG E 247 -28.52 40.94 -41.05
C ARG E 247 -28.08 42.39 -40.80
N ASP E 248 -28.94 43.34 -41.20
CA ASP E 248 -28.66 44.77 -41.06
C ASP E 248 -28.80 45.22 -39.61
N ASN E 249 -27.97 46.18 -39.23
CA ASN E 249 -27.99 46.73 -37.88
C ASN E 249 -27.05 47.93 -37.83
N ASP E 250 -26.68 48.41 -39.01
CA ASP E 250 -25.79 49.56 -39.11
C ASP E 250 -26.57 50.83 -38.84
N GLY E 251 -25.83 51.91 -38.57
CA GLY E 251 -26.45 53.19 -38.29
C GLY E 251 -27.12 53.78 -39.52
N TRP E 252 -26.99 53.09 -40.65
CA TRP E 252 -27.59 53.51 -41.91
C TRP E 252 -29.04 53.11 -41.87
N LEU E 253 -29.93 54.10 -41.90
CA LEU E 253 -31.36 53.81 -41.87
C LEU E 253 -31.97 54.27 -43.19
N THR E 254 -32.54 53.32 -43.92
CA THR E 254 -33.15 53.62 -45.22
C THR E 254 -34.01 52.47 -45.69
N SER E 255 -34.80 52.73 -46.73
CA SER E 255 -35.68 51.73 -47.33
C SER E 255 -34.84 50.94 -48.34
N ASP E 256 -33.89 51.64 -48.95
CA ASP E 256 -33.01 51.04 -49.93
C ASP E 256 -32.22 49.90 -49.27
N PRO E 257 -32.39 48.68 -49.77
CA PRO E 257 -31.68 47.51 -49.24
C PRO E 257 -30.23 47.40 -49.68
N ARG E 258 -29.95 47.88 -50.89
CA ARG E 258 -28.59 47.84 -51.43
C ARG E 258 -27.65 48.68 -50.58
N LYS E 259 -28.21 49.52 -49.71
CA LYS E 259 -27.41 50.37 -48.84
C LYS E 259 -27.35 49.81 -47.42
N GLN E 260 -26.33 48.98 -47.17
CA GLN E 260 -26.10 48.36 -45.87
C GLN E 260 -24.59 48.21 -45.71
N CYS E 261 -23.99 49.03 -44.87
CA CYS E 261 -22.56 49.00 -44.65
C CYS E 261 -21.89 47.64 -44.77
N SER E 262 -22.59 46.60 -44.33
CA SER E 262 -22.02 45.26 -44.39
C SER E 262 -21.96 44.70 -45.81
N LYS E 263 -23.01 44.93 -46.61
CA LYS E 263 -22.99 44.47 -47.99
C LYS E 263 -21.79 45.13 -48.67
N GLU E 264 -21.65 46.44 -48.43
CA GLU E 264 -20.51 47.20 -48.95
C GLU E 264 -19.50 46.93 -47.85
N ASP E 265 -18.31 47.52 -47.93
CA ASP E 265 -17.29 47.29 -46.90
C ASP E 265 -17.08 45.79 -46.62
N GLY E 266 -17.59 44.96 -47.54
CA GLY E 266 -17.50 43.50 -47.50
C GLY E 266 -17.10 42.68 -46.28
N GLY E 267 -17.87 42.78 -45.21
CA GLY E 267 -17.53 42.01 -44.04
C GLY E 267 -18.64 42.03 -43.01
N GLY E 268 -18.33 41.52 -41.82
CA GLY E 268 -19.27 41.50 -40.72
C GLY E 268 -18.60 42.25 -39.60
N TRP E 269 -19.25 43.28 -39.08
CA TRP E 269 -18.62 44.07 -38.03
C TRP E 269 -19.59 45.08 -37.47
N TRP E 270 -19.26 45.64 -36.31
CA TRP E 270 -20.14 46.63 -35.70
C TRP E 270 -20.19 47.86 -36.59
N TYR E 271 -21.14 47.84 -37.52
CA TYR E 271 -21.31 48.95 -38.45
C TYR E 271 -22.27 49.99 -37.92
N ASN E 272 -21.91 51.25 -38.16
CA ASN E 272 -22.67 52.43 -37.75
C ASN E 272 -22.63 53.37 -38.93
N ARG E 273 -23.61 53.26 -39.83
CA ARG E 273 -23.59 54.10 -41.02
C ARG E 273 -22.17 53.93 -41.53
N CYS E 274 -21.70 52.70 -41.33
CA CYS E 274 -20.40 52.22 -41.75
C CYS E 274 -19.25 52.28 -40.75
N HIS E 275 -18.15 52.95 -41.10
CA HIS E 275 -17.03 52.90 -40.17
C HIS E 275 -15.98 53.98 -40.19
N ALA E 276 -15.00 53.74 -39.35
CA ALA E 276 -13.83 54.57 -39.19
C ALA E 276 -12.70 53.57 -39.27
N ALA E 277 -13.01 52.36 -38.83
CA ALA E 277 -12.06 51.26 -38.82
C ALA E 277 -12.84 49.98 -39.14
N ASN E 278 -12.36 49.27 -40.15
CA ASN E 278 -13.03 48.06 -40.55
C ASN E 278 -12.14 46.83 -40.68
N PRO E 279 -11.83 46.16 -39.55
CA PRO E 279 -10.99 44.96 -39.64
C PRO E 279 -11.97 43.98 -40.28
N ASN E 280 -11.58 42.72 -40.45
CA ASN E 280 -12.51 41.77 -41.06
C ASN E 280 -12.98 42.30 -42.42
N GLY E 281 -12.34 43.36 -42.88
CA GLY E 281 -12.70 43.92 -44.16
C GLY E 281 -12.20 42.99 -45.26
N ARG E 282 -11.81 43.58 -46.37
CA ARG E 282 -11.30 42.84 -47.51
C ARG E 282 -9.79 42.93 -47.40
N TYR E 283 -9.10 41.84 -47.72
CA TYR E 283 -7.65 41.84 -47.63
C TYR E 283 -6.96 42.19 -48.96
N TYR E 284 -6.86 43.48 -49.28
CA TYR E 284 -6.21 43.90 -50.53
C TYR E 284 -4.70 43.79 -50.40
N TRP E 285 -4.07 43.08 -51.33
CA TRP E 285 -2.64 42.90 -51.25
C TRP E 285 -1.94 44.22 -51.55
N GLY E 286 -0.80 44.45 -50.89
CA GLY E 286 -0.06 45.68 -51.12
C GLY E 286 -0.45 46.82 -50.20
N GLY E 287 -1.73 46.89 -49.83
CA GLY E 287 -2.18 47.96 -48.95
C GLY E 287 -2.79 49.14 -49.68
N GLN E 288 -2.13 49.56 -50.76
CA GLN E 288 -2.61 50.67 -51.56
C GLN E 288 -3.76 50.22 -52.45
N TYR E 289 -4.97 50.71 -52.19
CA TYR E 289 -6.09 50.33 -53.03
C TYR E 289 -6.99 51.54 -53.35
N THR E 290 -7.73 51.44 -54.46
CA THR E 290 -8.61 52.50 -54.93
C THR E 290 -10.08 52.11 -55.03
N TRP E 291 -10.94 53.12 -55.18
CA TRP E 291 -12.38 52.89 -55.29
C TRP E 291 -12.76 52.09 -56.55
N ASP E 292 -12.13 52.42 -57.68
CA ASP E 292 -12.42 51.74 -58.94
C ASP E 292 -11.79 50.37 -58.93
N MET E 293 -11.69 49.80 -57.73
CA MET E 293 -11.07 48.51 -57.51
C MET E 293 -11.97 47.68 -56.57
N ALA E 294 -12.76 48.39 -55.79
CA ALA E 294 -13.67 47.77 -54.83
C ALA E 294 -14.98 47.31 -55.43
N LYS E 295 -15.33 46.06 -55.16
CA LYS E 295 -16.57 45.49 -55.67
C LYS E 295 -17.75 46.44 -55.56
N HIS E 296 -17.72 47.33 -54.56
CA HIS E 296 -18.83 48.26 -54.36
C HIS E 296 -18.42 49.73 -54.34
N GLY E 297 -17.17 50.00 -54.67
CA GLY E 297 -16.70 51.37 -54.68
C GLY E 297 -16.58 52.03 -53.31
N THR E 298 -16.75 51.22 -52.27
CA THR E 298 -16.64 51.71 -50.90
C THR E 298 -15.23 51.44 -50.42
N ASP E 299 -14.85 52.05 -49.32
CA ASP E 299 -13.52 51.83 -48.77
C ASP E 299 -13.45 50.49 -48.02
N ASP E 300 -14.05 49.44 -48.58
CA ASP E 300 -14.02 48.12 -47.95
C ASP E 300 -12.60 47.60 -47.95
N GLY E 301 -12.20 46.95 -46.88
CA GLY E 301 -10.85 46.45 -46.80
C GLY E 301 -10.34 46.64 -45.39
N VAL E 302 -9.26 45.92 -45.07
CA VAL E 302 -8.64 46.00 -43.76
C VAL E 302 -8.14 47.40 -43.49
N VAL E 303 -9.07 48.27 -43.10
CA VAL E 303 -8.74 49.66 -42.86
C VAL E 303 -9.01 50.21 -41.48
N TRP E 304 -8.12 51.12 -41.08
CA TRP E 304 -8.19 51.83 -39.81
C TRP E 304 -7.92 53.25 -40.29
N MET E 305 -8.99 53.96 -40.61
CA MET E 305 -8.88 55.32 -41.12
C MET E 305 -7.94 56.18 -40.29
N ASN E 306 -8.21 56.27 -38.99
CA ASN E 306 -7.41 57.12 -38.11
C ASN E 306 -5.89 56.93 -38.18
N TRP E 307 -5.42 56.12 -39.12
CA TRP E 307 -3.99 55.91 -39.24
C TRP E 307 -3.48 55.82 -40.67
N LYS E 308 -4.36 55.53 -41.62
CA LYS E 308 -3.92 55.41 -43.01
C LYS E 308 -4.97 55.87 -44.01
N GLY E 309 -6.13 56.25 -43.48
CA GLY E 309 -7.23 56.70 -44.32
C GLY E 309 -8.01 55.53 -44.89
N SER E 310 -9.20 55.82 -45.41
CA SER E 310 -10.05 54.78 -45.98
C SER E 310 -9.41 53.94 -47.07
N TRP E 311 -8.34 54.44 -47.68
CA TRP E 311 -7.73 53.70 -48.79
C TRP E 311 -6.44 52.94 -48.55
N TYR E 312 -6.43 52.07 -47.54
CA TYR E 312 -5.24 51.28 -47.24
C TYR E 312 -5.57 50.08 -46.34
N SER E 313 -5.52 48.88 -46.91
CA SER E 313 -5.79 47.64 -46.18
C SER E 313 -4.49 47.16 -45.59
N MET E 314 -4.47 46.90 -44.29
CA MET E 314 -3.26 46.45 -43.61
C MET E 314 -2.68 45.16 -44.18
N ARG E 315 -1.52 44.76 -43.65
CA ARG E 315 -0.85 43.54 -44.04
C ARG E 315 -1.06 42.57 -42.87
N LYS E 316 -1.41 43.14 -41.71
CA LYS E 316 -1.68 42.37 -40.49
C LYS E 316 -2.59 43.16 -39.55
N MET E 317 -3.65 42.52 -39.06
CA MET E 317 -4.61 43.15 -38.16
C MET E 317 -5.12 42.09 -37.19
N SER E 318 -5.09 42.38 -35.89
CA SER E 318 -5.52 41.41 -34.88
C SER E 318 -6.11 41.96 -33.60
N MET E 319 -7.24 41.37 -33.20
CA MET E 319 -7.94 41.74 -31.98
C MET E 319 -7.80 40.67 -30.88
N LYS E 320 -7.03 40.99 -29.84
CA LYS E 320 -6.79 40.08 -28.74
C LYS E 320 -7.27 40.66 -27.42
N ILE E 321 -7.75 39.80 -26.52
CA ILE E 321 -8.27 40.22 -25.23
C ILE E 321 -7.51 39.67 -24.02
N ARG E 322 -7.90 40.16 -22.85
CA ARG E 322 -7.31 39.79 -21.56
C ARG E 322 -8.25 40.33 -20.50
N PRO E 323 -8.17 39.81 -19.26
CA PRO E 323 -9.08 40.34 -18.24
C PRO E 323 -8.70 41.70 -17.62
N PHE E 324 -7.60 41.75 -16.87
CA PHE E 324 -7.15 43.00 -16.23
C PHE E 324 -7.85 43.31 -14.88
N GLU F 10 -14.25 57.90 -101.16
CA GLU F 10 -14.68 58.68 -99.96
C GLU F 10 -15.88 58.00 -99.27
N ALA F 11 -17.06 58.17 -99.87
CA ALA F 11 -18.27 57.58 -99.33
C ALA F 11 -18.33 56.08 -99.66
N SER F 12 -17.32 55.60 -100.39
CA SER F 12 -17.24 54.18 -100.75
C SER F 12 -16.75 53.43 -99.51
N ILE F 13 -17.40 53.70 -98.38
CA ILE F 13 -17.08 53.10 -97.08
C ILE F 13 -18.14 52.13 -96.52
N LEU F 14 -17.95 50.85 -96.85
CA LEU F 14 -18.80 49.76 -96.39
C LEU F 14 -17.79 48.66 -96.08
N THR F 15 -16.53 49.12 -95.99
CA THR F 15 -15.35 48.32 -95.70
C THR F 15 -14.96 48.65 -94.26
N HIS F 16 -15.55 49.74 -93.77
CA HIS F 16 -15.32 50.24 -92.41
C HIS F 16 -16.46 49.73 -91.52
N ASP F 17 -17.59 49.42 -92.14
CA ASP F 17 -18.76 48.92 -91.43
C ASP F 17 -18.63 47.41 -91.23
N SER F 18 -17.57 46.85 -91.80
CA SER F 18 -17.28 45.42 -91.67
C SER F 18 -16.41 45.21 -90.42
N SER F 19 -15.79 46.29 -89.97
CA SER F 19 -14.92 46.27 -88.78
C SER F 19 -15.80 46.50 -87.55
N ILE F 20 -16.52 47.61 -87.55
CA ILE F 20 -17.41 47.98 -86.47
C ILE F 20 -18.27 46.81 -86.01
N ARG F 21 -18.61 45.92 -86.96
CA ARG F 21 -19.41 44.75 -86.66
C ARG F 21 -18.67 43.84 -85.68
N TYR F 22 -17.37 43.66 -85.93
CA TYR F 22 -16.50 42.81 -85.10
C TYR F 22 -16.50 43.18 -83.63
N LEU F 23 -16.36 44.48 -83.35
CA LEU F 23 -16.32 44.97 -81.98
C LEU F 23 -17.55 44.62 -81.17
N GLN F 24 -18.72 44.66 -81.80
CA GLN F 24 -19.96 44.31 -81.12
C GLN F 24 -19.99 42.79 -80.96
N GLU F 25 -19.24 42.10 -81.81
CA GLU F 25 -19.17 40.64 -81.79
C GLU F 25 -18.60 40.09 -80.48
N ILE F 26 -17.27 40.10 -80.34
CA ILE F 26 -16.64 39.60 -79.12
C ILE F 26 -17.05 40.36 -77.87
N TYR F 27 -17.41 41.63 -78.02
CA TYR F 27 -17.85 42.42 -76.86
C TYR F 27 -18.99 41.70 -76.18
N ASN F 28 -20.03 41.42 -76.95
CA ASN F 28 -21.18 40.73 -76.40
C ASN F 28 -20.83 39.30 -76.09
N SER F 29 -19.68 38.84 -76.58
CA SER F 29 -19.18 37.50 -76.31
C SER F 29 -18.51 37.58 -74.94
N ASN F 30 -17.89 38.73 -74.69
CA ASN F 30 -17.20 39.01 -73.44
C ASN F 30 -18.24 39.17 -72.35
N ASN F 31 -19.03 40.23 -72.46
CA ASN F 31 -20.07 40.54 -71.48
C ASN F 31 -20.94 39.32 -71.19
N GLN F 32 -20.60 38.19 -71.80
CA GLN F 32 -21.32 36.94 -71.59
C GLN F 32 -20.35 36.11 -70.79
N LYS F 33 -19.18 35.85 -71.37
CA LYS F 33 -18.13 35.06 -70.73
C LYS F 33 -17.93 35.57 -69.31
N ILE F 34 -18.02 36.88 -69.15
CA ILE F 34 -17.86 37.51 -67.85
C ILE F 34 -18.93 36.92 -66.92
N VAL F 35 -20.13 37.49 -66.98
CA VAL F 35 -21.22 37.05 -66.14
C VAL F 35 -21.25 35.54 -65.93
N ASN F 36 -20.89 34.78 -66.96
CA ASN F 36 -20.85 33.33 -66.80
C ASN F 36 -19.82 33.01 -65.73
N LEU F 37 -18.65 33.61 -65.87
CA LEU F 37 -17.56 33.42 -64.95
C LEU F 37 -18.01 33.78 -63.54
N LYS F 38 -18.60 34.97 -63.39
CA LYS F 38 -19.07 35.39 -62.07
C LYS F 38 -19.70 34.21 -61.37
N GLU F 39 -20.52 33.47 -62.11
CA GLU F 39 -21.20 32.30 -61.56
C GLU F 39 -20.21 31.29 -60.98
N LYS F 40 -19.15 30.97 -61.72
CA LYS F 40 -18.14 30.02 -61.24
C LYS F 40 -17.40 30.52 -60.01
N VAL F 41 -16.91 31.75 -60.06
CA VAL F 41 -16.23 32.31 -58.90
C VAL F 41 -17.14 32.06 -57.70
N ALA F 42 -18.42 32.44 -57.84
CA ALA F 42 -19.40 32.23 -56.79
C ALA F 42 -19.24 30.80 -56.28
N GLN F 43 -19.40 29.84 -57.18
CA GLN F 43 -19.26 28.45 -56.83
C GLN F 43 -17.88 28.23 -56.26
N LEU F 44 -16.93 29.03 -56.70
CA LEU F 44 -15.60 28.87 -56.16
C LEU F 44 -15.59 29.24 -54.69
N GLU F 45 -15.97 30.46 -54.37
CA GLU F 45 -16.04 30.95 -52.99
C GLU F 45 -16.70 29.88 -52.12
N ALA F 46 -17.79 29.38 -52.67
CA ALA F 46 -18.63 28.36 -52.03
C ALA F 46 -17.78 27.21 -51.48
N GLN F 47 -16.81 26.75 -52.25
CA GLN F 47 -15.97 25.61 -51.80
C GLN F 47 -14.58 26.11 -51.34
N CYS F 48 -14.64 27.21 -50.59
CA CYS F 48 -13.47 27.87 -49.98
C CYS F 48 -13.87 28.49 -48.65
N GLN F 49 -14.73 27.79 -47.95
CA GLN F 49 -15.28 28.26 -46.66
C GLN F 49 -14.97 27.28 -45.53
N GLU F 50 -14.08 26.31 -45.85
CA GLU F 50 -13.70 25.33 -44.85
C GLU F 50 -12.27 25.50 -44.33
N PRO F 51 -12.09 25.48 -43.02
CA PRO F 51 -10.77 25.62 -42.40
C PRO F 51 -9.94 24.38 -42.72
N CYS F 52 -8.61 24.43 -42.59
CA CYS F 52 -7.82 23.25 -42.91
C CYS F 52 -8.34 22.11 -42.06
N LYS F 53 -8.25 20.88 -42.57
CA LYS F 53 -8.70 19.75 -41.82
C LYS F 53 -7.61 19.38 -40.81
N ASP F 54 -7.94 19.45 -39.53
CA ASP F 54 -7.00 19.13 -38.46
C ASP F 54 -7.11 17.65 -38.11
N THR F 55 -5.98 16.95 -38.08
CA THR F 55 -5.96 15.52 -37.78
C THR F 55 -6.32 15.19 -36.34
N VAL F 56 -6.02 16.10 -35.41
CA VAL F 56 -6.37 15.85 -34.02
C VAL F 56 -7.84 16.10 -33.82
N GLN F 57 -8.50 15.15 -33.17
CA GLN F 57 -9.91 15.29 -32.88
C GLN F 57 -10.22 14.67 -31.53
N ILE F 58 -11.40 14.96 -30.98
CA ILE F 58 -11.77 14.47 -29.66
C ILE F 58 -13.05 13.67 -29.61
N HIS F 59 -12.92 12.39 -29.30
CA HIS F 59 -14.09 11.53 -29.23
C HIS F 59 -15.14 12.18 -28.34
N ASP F 60 -16.41 12.02 -28.71
CA ASP F 60 -17.52 12.63 -27.99
C ASP F 60 -17.82 12.09 -26.60
N ILE F 61 -17.60 10.80 -26.38
CA ILE F 61 -17.87 10.19 -25.08
C ILE F 61 -17.08 10.80 -23.92
N THR F 62 -17.69 10.82 -22.73
CA THR F 62 -17.06 11.38 -21.54
C THR F 62 -17.21 10.43 -20.38
N GLY F 63 -16.64 10.80 -19.24
CA GLY F 63 -16.72 9.97 -18.05
C GLY F 63 -15.75 10.36 -16.95
N LYS F 64 -15.77 9.57 -15.86
CA LYS F 64 -14.91 9.81 -14.70
C LYS F 64 -13.46 9.49 -15.01
N ASP F 65 -13.23 8.31 -15.57
CA ASP F 65 -11.90 7.89 -15.94
C ASP F 65 -11.92 7.27 -17.35
N CYS F 66 -10.74 6.97 -17.89
CA CYS F 66 -10.67 6.37 -19.22
C CYS F 66 -11.42 5.07 -19.29
N GLN F 67 -11.33 4.27 -18.22
CA GLN F 67 -12.03 3.00 -18.17
C GLN F 67 -13.54 3.22 -18.29
N ASP F 68 -14.06 4.17 -17.50
CA ASP F 68 -15.49 4.47 -17.53
C ASP F 68 -15.87 4.62 -19.01
N ILE F 69 -15.05 5.35 -19.75
CA ILE F 69 -15.28 5.59 -21.17
C ILE F 69 -15.29 4.30 -21.97
N ALA F 70 -14.27 3.48 -21.79
CA ALA F 70 -14.22 2.23 -22.51
C ALA F 70 -15.56 1.54 -22.30
N ASN F 71 -15.97 1.44 -21.03
CA ASN F 71 -17.23 0.81 -20.69
C ASN F 71 -18.39 1.40 -21.47
N LYS F 72 -18.44 2.72 -21.52
CA LYS F 72 -19.51 3.40 -22.22
C LYS F 72 -19.54 3.07 -23.73
N GLY F 73 -18.56 2.30 -24.21
CA GLY F 73 -18.55 1.93 -25.61
C GLY F 73 -17.44 2.46 -26.51
N ALA F 74 -16.58 3.34 -25.98
CA ALA F 74 -15.48 3.86 -26.78
C ALA F 74 -14.59 2.69 -27.13
N LYS F 75 -13.98 2.76 -28.31
CA LYS F 75 -13.12 1.66 -28.75
C LYS F 75 -11.73 2.09 -29.18
N GLN F 76 -11.61 3.31 -29.69
CA GLN F 76 -10.31 3.79 -30.17
C GLN F 76 -9.52 4.53 -29.10
N SER F 77 -8.23 4.21 -28.99
CA SER F 77 -7.38 4.88 -28.03
C SER F 77 -7.15 6.28 -28.58
N GLY F 78 -7.36 7.29 -27.76
CA GLY F 78 -7.17 8.64 -28.26
C GLY F 78 -7.41 9.72 -27.21
N LEU F 79 -7.78 10.90 -27.68
CA LEU F 79 -8.02 11.99 -26.77
C LEU F 79 -9.47 12.04 -26.38
N TYR F 80 -9.69 12.15 -25.07
CA TYR F 80 -11.02 12.20 -24.48
C TYR F 80 -11.13 13.21 -23.34
N PHE F 81 -12.36 13.47 -22.93
CA PHE F 81 -12.61 14.38 -21.83
C PHE F 81 -13.17 13.60 -20.64
N ILE F 82 -12.47 13.64 -19.52
CA ILE F 82 -12.95 12.97 -18.34
C ILE F 82 -13.32 14.03 -17.32
N LYS F 83 -14.35 13.75 -16.56
CA LYS F 83 -14.80 14.66 -15.53
C LYS F 83 -14.95 13.81 -14.29
N PRO F 84 -13.86 13.70 -13.51
CA PRO F 84 -13.78 12.93 -12.28
C PRO F 84 -14.73 13.49 -11.23
N LEU F 85 -15.18 12.63 -10.32
CA LEU F 85 -16.11 13.03 -9.28
C LEU F 85 -15.87 14.44 -8.68
N LYS F 86 -15.17 14.48 -7.56
CA LYS F 86 -14.91 15.73 -6.85
C LYS F 86 -14.13 16.79 -7.61
N ALA F 87 -14.30 16.85 -8.93
CA ALA F 87 -13.55 17.82 -9.73
C ALA F 87 -14.44 18.85 -10.40
N ASN F 88 -13.87 20.05 -10.61
CA ASN F 88 -14.59 21.16 -11.24
C ASN F 88 -14.63 21.00 -12.75
N GLN F 89 -13.83 21.82 -13.44
CA GLN F 89 -13.74 21.81 -14.90
C GLN F 89 -13.13 20.53 -15.47
N GLN F 90 -13.93 19.74 -16.20
CA GLN F 90 -13.45 18.52 -16.84
C GLN F 90 -12.18 18.85 -17.63
N PHE F 91 -11.33 17.86 -17.82
CA PHE F 91 -10.09 18.08 -18.55
C PHE F 91 -9.83 16.99 -19.57
N LEU F 92 -9.01 17.34 -20.55
CA LEU F 92 -8.68 16.42 -21.62
C LEU F 92 -7.60 15.48 -21.16
N VAL F 93 -7.61 14.26 -21.72
CA VAL F 93 -6.61 13.24 -21.41
C VAL F 93 -6.46 12.27 -22.59
N TYR F 94 -5.47 11.40 -22.52
CA TYR F 94 -5.26 10.41 -23.58
C TYR F 94 -5.59 9.03 -23.08
N CYS F 95 -6.65 8.43 -23.61
CA CYS F 95 -7.01 7.09 -23.18
C CYS F 95 -6.36 6.05 -24.05
N GLU F 96 -6.11 4.87 -23.47
CA GLU F 96 -5.50 3.77 -24.19
C GLU F 96 -6.44 2.57 -23.99
N ILE F 97 -7.05 2.12 -25.06
CA ILE F 97 -8.01 1.03 -24.97
C ILE F 97 -7.63 -0.23 -25.73
N ASP F 98 -7.61 -1.37 -25.04
CA ASP F 98 -7.26 -2.62 -25.69
C ASP F 98 -8.46 -3.38 -26.22
N GLY F 99 -8.19 -4.35 -27.08
CA GLY F 99 -9.27 -5.14 -27.65
C GLY F 99 -10.14 -5.75 -26.58
N SER F 100 -9.51 -6.11 -25.48
CA SER F 100 -10.19 -6.70 -24.34
C SER F 100 -11.21 -5.72 -23.77
N GLY F 101 -10.95 -4.42 -23.96
CA GLY F 101 -11.86 -3.40 -23.46
C GLY F 101 -11.40 -2.69 -22.20
N ASN F 102 -10.10 -2.66 -21.97
CA ASN F 102 -9.55 -2.00 -20.78
C ASN F 102 -9.22 -0.57 -21.12
N GLY F 103 -9.58 0.33 -20.21
CA GLY F 103 -9.34 1.74 -20.46
C GLY F 103 -8.24 2.38 -19.65
N TRP F 104 -7.04 2.36 -20.20
CA TRP F 104 -5.90 2.97 -19.54
C TRP F 104 -5.92 4.49 -19.68
N THR F 105 -5.72 5.19 -18.58
CA THR F 105 -5.69 6.64 -18.63
C THR F 105 -4.28 7.04 -18.23
N VAL F 106 -3.57 7.66 -19.17
CA VAL F 106 -2.17 8.04 -19.01
C VAL F 106 -1.83 9.39 -18.42
N PHE F 107 -0.90 9.45 -17.47
CA PHE F 107 -0.53 10.76 -16.93
C PHE F 107 0.89 11.16 -17.22
N GLN F 108 1.61 10.30 -17.93
CA GLN F 108 2.99 10.62 -18.28
C GLN F 108 3.50 9.75 -19.42
N LYS F 109 4.18 10.38 -20.38
CA LYS F 109 4.75 9.67 -21.52
C LYS F 109 6.06 10.31 -22.00
N ARG F 110 7.08 9.47 -22.17
CA ARG F 110 8.39 9.92 -22.65
C ARG F 110 8.72 9.08 -23.87
N LEU F 111 9.44 9.64 -24.84
CA LEU F 111 9.76 8.86 -26.03
C LEU F 111 10.73 9.49 -27.02
N ASP F 112 11.07 10.76 -26.84
CA ASP F 112 12.01 11.34 -27.77
C ASP F 112 12.76 12.51 -27.19
N GLY F 113 12.32 12.99 -26.03
CA GLY F 113 12.97 14.12 -25.41
C GLY F 113 12.65 15.41 -26.17
N SER F 114 11.40 15.55 -26.55
CA SER F 114 10.97 16.73 -27.27
C SER F 114 10.68 17.79 -26.23
N VAL F 115 10.20 17.35 -25.08
CA VAL F 115 9.83 18.23 -23.99
C VAL F 115 10.92 18.41 -22.95
N ASP F 116 10.95 19.61 -22.38
CA ASP F 116 11.89 20.01 -21.33
C ASP F 116 11.22 19.67 -19.99
N PHE F 117 11.65 18.58 -19.36
CA PHE F 117 11.03 18.20 -18.10
C PHE F 117 11.54 18.91 -16.85
N LYS F 118 12.47 19.82 -17.05
CA LYS F 118 13.01 20.61 -15.95
C LYS F 118 12.01 21.75 -15.73
N LYS F 119 10.79 21.40 -15.35
CA LYS F 119 9.73 22.38 -15.14
C LYS F 119 9.54 22.68 -13.66
N ASN F 120 8.83 23.77 -13.37
CA ASN F 120 8.58 24.21 -12.00
C ASN F 120 7.40 23.53 -11.32
N TRP F 121 7.17 23.91 -10.07
CA TRP F 121 6.08 23.33 -9.28
C TRP F 121 4.70 23.47 -9.90
N ILE F 122 4.25 24.69 -10.04
CA ILE F 122 2.95 24.97 -10.62
C ILE F 122 2.77 24.15 -11.88
N GLN F 123 3.73 24.28 -12.78
CA GLN F 123 3.69 23.55 -14.03
C GLN F 123 3.33 22.09 -13.77
N TYR F 124 4.11 21.43 -12.93
CA TYR F 124 3.84 20.03 -12.62
C TYR F 124 2.48 19.82 -12.01
N LYS F 125 1.93 20.87 -11.40
CA LYS F 125 0.61 20.78 -10.78
C LYS F 125 -0.47 20.66 -11.88
N GLU F 126 -0.49 21.67 -12.75
CA GLU F 126 -1.45 21.75 -13.84
C GLU F 126 -1.08 20.85 -15.00
N GLY F 127 0.22 20.61 -15.16
CA GLY F 127 0.67 19.75 -16.25
C GLY F 127 1.30 20.53 -17.39
N PHE F 128 1.92 19.81 -18.31
CA PHE F 128 2.58 20.42 -19.46
C PHE F 128 2.84 19.40 -20.55
N GLY F 129 3.31 19.86 -21.71
CA GLY F 129 3.57 18.96 -22.82
C GLY F 129 2.34 18.94 -23.69
N HIS F 130 2.29 18.04 -24.68
CA HIS F 130 1.14 17.95 -25.58
C HIS F 130 0.48 16.58 -25.65
N LEU F 131 -0.75 16.54 -26.11
CA LEU F 131 -1.49 15.29 -26.23
C LEU F 131 -1.87 15.04 -27.68
N SER F 132 -1.63 13.82 -28.16
CA SER F 132 -1.94 13.46 -29.53
C SER F 132 -2.86 12.24 -29.52
N PRO F 133 -3.66 12.07 -30.56
CA PRO F 133 -4.57 10.92 -30.63
C PRO F 133 -3.74 9.69 -30.84
N THR F 134 -2.63 9.86 -31.55
CA THR F 134 -1.74 8.74 -31.84
C THR F 134 -0.97 8.32 -30.61
N GLY F 135 -0.85 9.23 -29.64
CA GLY F 135 -0.11 8.90 -28.43
C GLY F 135 1.33 8.78 -28.82
N THR F 136 1.82 9.82 -29.49
CA THR F 136 3.19 9.88 -29.96
C THR F 136 3.84 11.17 -29.48
N THR F 137 3.29 11.73 -28.42
CA THR F 137 3.80 12.97 -27.89
C THR F 137 4.11 12.88 -26.40
N GLU F 138 5.15 13.57 -25.94
CA GLU F 138 5.54 13.56 -24.53
C GLU F 138 4.64 14.48 -23.70
N PHE F 139 4.46 14.15 -22.42
CA PHE F 139 3.64 14.98 -21.55
C PHE F 139 3.58 14.52 -20.10
N TRP F 140 3.03 15.40 -19.27
CA TRP F 140 2.83 15.14 -17.86
C TRP F 140 1.43 15.68 -17.56
N LEU F 141 0.47 14.78 -17.38
CA LEU F 141 -0.90 15.18 -17.15
C LEU F 141 -1.15 16.26 -16.10
N GLY F 142 -0.39 16.26 -15.02
CA GLY F 142 -0.61 17.26 -13.98
C GLY F 142 -1.01 16.68 -12.62
N ASN F 143 -0.09 16.74 -11.66
CA ASN F 143 -0.31 16.25 -10.30
C ASN F 143 -1.73 16.42 -9.86
N GLU F 144 -2.20 17.66 -9.86
CA GLU F 144 -3.56 17.97 -9.43
C GLU F 144 -4.57 17.08 -10.15
N LYS F 145 -4.53 17.08 -11.47
CA LYS F 145 -5.43 16.25 -12.26
C LYS F 145 -5.29 14.79 -11.78
N ILE F 146 -4.06 14.30 -11.78
CA ILE F 146 -3.80 12.93 -11.34
C ILE F 146 -4.46 12.64 -10.01
N HIS F 147 -4.32 13.58 -9.09
CA HIS F 147 -4.91 13.42 -7.76
C HIS F 147 -6.37 13.08 -7.91
N LEU F 148 -7.11 14.03 -8.45
CA LEU F 148 -8.56 13.91 -8.66
C LEU F 148 -8.95 12.56 -9.21
N ILE F 149 -8.24 12.14 -10.25
CA ILE F 149 -8.53 10.86 -10.89
C ILE F 149 -8.37 9.67 -9.95
N SER F 150 -7.24 9.62 -9.25
CA SER F 150 -6.92 8.53 -8.33
C SER F 150 -7.72 8.53 -7.04
N THR F 151 -8.44 9.62 -6.76
CA THR F 151 -9.22 9.70 -5.54
C THR F 151 -10.72 10.01 -5.75
N GLN F 152 -11.52 8.94 -5.75
CA GLN F 152 -12.97 9.00 -5.93
C GLN F 152 -13.57 7.80 -5.19
N SER F 153 -14.48 8.07 -4.25
CA SER F 153 -15.14 7.04 -3.41
C SER F 153 -14.26 5.80 -3.25
N ALA F 154 -12.97 6.07 -3.10
CA ALA F 154 -11.96 5.05 -2.89
C ALA F 154 -11.91 3.81 -3.78
N ILE F 155 -12.39 3.86 -5.02
CA ILE F 155 -12.26 2.67 -5.84
C ILE F 155 -10.76 2.70 -6.13
N PRO F 156 -10.09 1.56 -5.94
CA PRO F 156 -8.65 1.49 -6.16
C PRO F 156 -8.24 1.41 -7.62
N TYR F 157 -7.20 2.15 -7.96
CA TYR F 157 -6.67 2.13 -9.32
C TYR F 157 -5.36 1.35 -9.26
N ALA F 158 -4.69 1.26 -10.39
CA ALA F 158 -3.41 0.58 -10.46
C ALA F 158 -2.48 1.36 -11.37
N LEU F 159 -1.25 1.54 -10.93
CA LEU F 159 -0.29 2.25 -11.73
C LEU F 159 0.55 1.27 -12.49
N ARG F 160 0.50 1.34 -13.82
CA ARG F 160 1.33 0.46 -14.62
C ARG F 160 2.42 1.29 -15.23
N VAL F 161 3.66 0.94 -14.88
CA VAL F 161 4.78 1.65 -15.43
C VAL F 161 5.24 0.79 -16.57
N GLU F 162 5.27 1.35 -17.77
CA GLU F 162 5.73 0.61 -18.95
C GLU F 162 6.96 1.28 -19.53
N LEU F 163 8.06 0.54 -19.53
CA LEU F 163 9.34 1.04 -20.01
C LEU F 163 9.79 0.34 -21.28
N GLU F 164 10.48 1.08 -22.15
CA GLU F 164 11.02 0.52 -23.38
C GLU F 164 12.45 1.02 -23.56
N ASP F 165 13.41 0.09 -23.67
CA ASP F 165 14.80 0.47 -23.85
C ASP F 165 15.13 0.82 -25.30
N TRP F 166 16.41 1.05 -25.56
CA TRP F 166 16.87 1.39 -26.90
C TRP F 166 17.24 0.11 -27.65
N ASN F 167 16.33 -0.86 -27.57
CA ASN F 167 16.49 -2.14 -28.22
C ASN F 167 15.14 -2.80 -28.28
N GLY F 168 14.10 -1.99 -28.36
CA GLY F 168 12.76 -2.53 -28.45
C GLY F 168 12.42 -3.55 -27.37
N ARG F 169 13.19 -3.58 -26.30
CA ARG F 169 12.88 -4.49 -25.21
C ARG F 169 12.00 -3.66 -24.28
N THR F 170 10.88 -4.24 -23.85
CA THR F 170 9.99 -3.52 -22.95
C THR F 170 9.75 -4.34 -21.69
N SER F 171 9.23 -3.67 -20.67
CA SER F 171 8.94 -4.32 -19.40
C SER F 171 7.92 -3.46 -18.68
N THR F 172 7.29 -4.01 -17.66
CA THR F 172 6.30 -3.26 -16.91
C THR F 172 6.47 -3.41 -15.41
N ALA F 173 5.83 -2.50 -14.69
CA ALA F 173 5.85 -2.48 -13.24
C ALA F 173 4.45 -2.09 -12.81
N ASP F 174 3.80 -2.96 -12.06
CA ASP F 174 2.46 -2.67 -11.60
C ASP F 174 2.40 -2.31 -10.12
N TYR F 175 1.57 -1.33 -9.78
CA TYR F 175 1.42 -0.89 -8.42
C TYR F 175 -0.08 -0.84 -8.06
N ALA F 176 -0.47 -1.63 -7.06
CA ALA F 176 -1.87 -1.70 -6.61
C ALA F 176 -2.28 -0.62 -5.61
N MET F 177 -3.54 -0.21 -5.71
CA MET F 177 -4.05 0.82 -4.82
C MET F 177 -3.21 2.07 -4.97
N PHE F 178 -3.09 2.53 -6.20
CA PHE F 178 -2.33 3.73 -6.52
C PHE F 178 -3.15 4.99 -6.22
N LYS F 179 -2.51 5.94 -5.56
CA LYS F 179 -3.14 7.21 -5.21
C LYS F 179 -2.09 8.31 -5.24
N VAL F 180 -2.53 9.55 -5.35
CA VAL F 180 -1.63 10.68 -5.34
C VAL F 180 -2.31 11.71 -4.46
N GLY F 181 -1.65 12.12 -3.40
CA GLY F 181 -2.24 13.08 -2.48
C GLY F 181 -2.58 14.47 -2.98
N PRO F 182 -3.48 15.18 -2.27
CA PRO F 182 -3.92 16.54 -2.59
C PRO F 182 -2.81 17.56 -2.33
N GLU F 183 -2.71 18.56 -3.20
CA GLU F 183 -1.68 19.59 -3.08
C GLU F 183 -1.33 19.92 -1.63
N ALA F 184 -2.31 19.85 -0.75
CA ALA F 184 -2.10 20.13 0.67
C ALA F 184 -0.85 19.40 1.17
N ASP F 185 -0.98 18.07 1.31
CA ASP F 185 0.11 17.19 1.74
C ASP F 185 1.02 17.01 0.53
N LYS F 186 1.37 18.12 -0.09
CA LYS F 186 2.18 18.12 -1.30
C LYS F 186 1.51 17.09 -2.18
N TYR F 187 2.26 16.37 -3.01
CA TYR F 187 1.57 15.40 -3.83
C TYR F 187 1.98 13.99 -3.52
N ARG F 188 2.27 13.79 -2.25
CA ARG F 188 2.69 12.50 -1.73
C ARG F 188 2.05 11.33 -2.51
N LEU F 189 2.91 10.47 -3.03
CA LEU F 189 2.49 9.29 -3.78
C LEU F 189 2.48 8.09 -2.84
N THR F 190 1.42 7.30 -2.90
CA THR F 190 1.33 6.12 -2.05
C THR F 190 0.69 4.97 -2.78
N TYR F 191 1.14 3.77 -2.45
CA TYR F 191 0.59 2.59 -3.08
C TYR F 191 0.55 1.40 -2.12
N ALA F 192 -0.44 0.54 -2.32
CA ALA F 192 -0.62 -0.63 -1.49
C ALA F 192 0.59 -1.56 -1.50
N TYR F 193 0.94 -2.02 -2.69
CA TYR F 193 2.06 -2.93 -2.88
C TYR F 193 2.40 -3.10 -4.34
N PHE F 194 3.54 -3.71 -4.60
CA PHE F 194 4.00 -3.95 -5.96
C PHE F 194 3.22 -5.15 -6.49
N ALA F 195 2.43 -4.97 -7.54
CA ALA F 195 1.63 -6.06 -8.09
C ALA F 195 2.42 -7.09 -8.89
N GLY F 196 3.43 -6.63 -9.62
CA GLY F 196 4.23 -7.53 -10.41
C GLY F 196 4.76 -6.88 -11.68
N GLY F 197 5.68 -7.56 -12.35
CA GLY F 197 6.24 -7.03 -13.58
C GLY F 197 7.73 -7.29 -13.73
N ASP F 198 8.15 -7.62 -14.94
CA ASP F 198 9.56 -7.90 -15.19
C ASP F 198 10.43 -6.66 -15.03
N ALA F 199 9.80 -5.50 -14.98
CA ALA F 199 10.54 -4.27 -14.82
C ALA F 199 11.20 -4.12 -13.43
N GLY F 200 10.70 -4.87 -12.45
CA GLY F 200 11.25 -4.77 -11.11
C GLY F 200 10.67 -3.61 -10.31
N ASP F 201 10.50 -3.80 -9.00
CA ASP F 201 9.96 -2.77 -8.13
C ASP F 201 11.00 -1.71 -7.71
N ALA F 202 11.14 -0.68 -8.53
CA ALA F 202 12.08 0.38 -8.23
C ALA F 202 11.61 1.23 -7.07
N PHE F 203 10.36 1.68 -7.11
CA PHE F 203 9.81 2.50 -6.04
C PHE F 203 10.12 1.95 -4.66
N ASP F 204 10.43 0.66 -4.58
CA ASP F 204 10.74 0.06 -3.30
C ASP F 204 12.15 0.37 -2.87
N GLY F 205 12.81 1.22 -3.64
CA GLY F 205 14.18 1.55 -3.32
C GLY F 205 15.11 0.50 -3.93
N PHE F 206 16.33 0.91 -4.26
CA PHE F 206 17.28 0.00 -4.87
C PHE F 206 18.58 -0.05 -4.11
N ASP F 207 19.19 -1.26 -4.02
CA ASP F 207 20.47 -1.42 -3.31
C ASP F 207 21.57 -0.98 -4.25
N PHE F 208 21.69 0.32 -4.47
CA PHE F 208 22.71 0.80 -5.37
C PHE F 208 24.09 0.23 -5.09
N GLY F 209 24.44 0.12 -3.81
CA GLY F 209 25.73 -0.43 -3.47
C GLY F 209 26.81 0.52 -3.00
N ASP F 210 26.50 1.81 -2.96
CA ASP F 210 27.48 2.79 -2.49
C ASP F 210 27.34 2.95 -0.99
N ASP F 211 26.21 2.50 -0.45
CA ASP F 211 25.92 2.55 0.98
C ASP F 211 24.64 1.79 1.30
N PRO F 212 24.62 1.10 2.45
CA PRO F 212 23.44 0.33 2.86
C PRO F 212 22.18 1.16 2.84
N SER F 213 22.25 2.35 3.40
CA SER F 213 21.10 3.24 3.45
C SER F 213 20.42 3.47 2.10
N ASP F 214 21.17 3.28 1.02
CA ASP F 214 20.63 3.51 -0.32
C ASP F 214 19.21 3.02 -0.55
N LYS F 215 19.03 1.70 -0.54
CA LYS F 215 17.70 1.17 -0.78
C LYS F 215 16.67 1.93 0.01
N PHE F 216 16.97 2.19 1.28
CA PHE F 216 16.03 2.93 2.12
C PHE F 216 15.82 4.34 1.62
N PHE F 217 16.90 5.00 1.25
CA PHE F 217 16.82 6.35 0.78
C PHE F 217 16.32 6.51 -0.64
N THR F 218 16.27 5.42 -1.40
CA THR F 218 15.81 5.50 -2.77
C THR F 218 14.42 4.93 -3.02
N SER F 219 13.67 4.72 -1.95
CA SER F 219 12.32 4.22 -2.10
C SER F 219 11.45 5.42 -2.44
N HIS F 220 10.33 5.19 -3.11
CA HIS F 220 9.44 6.29 -3.45
C HIS F 220 8.07 6.21 -2.78
N ASN F 221 7.66 5.03 -2.32
CA ASN F 221 6.35 4.95 -1.69
C ASN F 221 6.36 5.86 -0.48
N GLY F 222 5.33 6.71 -0.38
CA GLY F 222 5.24 7.62 0.75
C GLY F 222 5.96 8.94 0.59
N MET F 223 6.67 9.12 -0.51
CA MET F 223 7.38 10.37 -0.73
C MET F 223 6.44 11.47 -1.22
N GLN F 224 6.83 12.72 -0.97
CA GLN F 224 6.06 13.85 -1.44
C GLN F 224 6.69 14.31 -2.75
N PHE F 225 5.92 14.96 -3.60
CA PHE F 225 6.49 15.39 -4.87
C PHE F 225 7.41 16.60 -4.66
N SER F 226 8.44 16.74 -5.48
CA SER F 226 9.38 17.85 -5.36
C SER F 226 9.78 18.44 -6.70
N THR F 227 9.92 19.77 -6.71
CA THR F 227 10.32 20.55 -7.87
C THR F 227 11.36 21.55 -7.40
N TRP F 228 12.31 21.91 -8.25
CA TRP F 228 13.34 22.85 -7.84
C TRP F 228 12.76 23.96 -6.94
N ASP F 229 11.56 24.43 -7.26
CA ASP F 229 10.96 25.52 -6.48
C ASP F 229 10.09 25.06 -5.29
N ASN F 230 10.17 23.77 -4.95
CA ASN F 230 9.36 23.24 -3.86
C ASN F 230 9.98 21.96 -3.29
N ASP F 231 11.14 22.09 -2.64
CA ASP F 231 11.85 20.94 -2.06
C ASP F 231 11.10 20.20 -0.93
N ASN F 232 10.82 18.92 -1.14
CA ASN F 232 10.15 18.12 -0.12
C ASN F 232 10.80 16.74 -0.04
N ASP F 233 12.04 16.68 -0.50
CA ASP F 233 12.80 15.44 -0.50
C ASP F 233 13.44 15.22 0.85
N LYS F 234 13.66 13.94 1.17
CA LYS F 234 14.27 13.55 2.42
C LYS F 234 15.76 13.78 2.33
N PHE F 235 16.15 14.66 1.43
CA PHE F 235 17.56 14.96 1.23
C PHE F 235 17.95 16.34 1.74
N GLU F 236 19.10 16.41 2.40
CA GLU F 236 19.65 17.65 2.95
C GLU F 236 19.56 18.77 1.92
N GLY F 237 20.11 18.51 0.74
CA GLY F 237 20.06 19.48 -0.33
C GLY F 237 18.74 19.48 -1.06
N ASN F 238 18.82 19.42 -2.39
CA ASN F 238 17.61 19.44 -3.21
C ASN F 238 17.74 18.56 -4.45
N CYS F 239 17.16 17.36 -4.38
CA CYS F 239 17.22 16.43 -5.50
C CYS F 239 16.59 17.07 -6.73
N ALA F 240 15.37 17.57 -6.59
CA ALA F 240 14.67 18.20 -7.70
C ALA F 240 15.58 19.11 -8.51
N GLU F 241 16.21 20.06 -7.84
CA GLU F 241 17.09 21.00 -8.52
C GLU F 241 18.26 20.28 -9.17
N GLN F 242 18.98 19.49 -8.38
CA GLN F 242 20.13 18.78 -8.88
C GLN F 242 19.82 17.99 -10.15
N ASP F 243 19.11 16.87 -9.99
CA ASP F 243 18.77 16.01 -11.12
C ASP F 243 18.00 16.73 -12.24
N GLY F 244 17.41 17.88 -11.91
CA GLY F 244 16.68 18.63 -12.90
C GLY F 244 15.37 18.04 -13.37
N SER F 245 14.38 18.01 -12.48
CA SER F 245 13.07 17.47 -12.83
C SER F 245 12.01 17.76 -11.77
N GLY F 246 10.95 16.97 -11.83
CA GLY F 246 9.87 17.07 -10.88
C GLY F 246 9.61 15.61 -10.59
N TRP F 247 9.55 15.23 -9.32
CA TRP F 247 9.33 13.83 -9.00
C TRP F 247 9.34 13.56 -7.52
N TRP F 248 8.71 12.47 -7.13
CA TRP F 248 8.65 12.07 -5.73
C TRP F 248 10.04 11.66 -5.26
N MET F 249 10.87 12.63 -4.89
CA MET F 249 12.21 12.32 -4.43
C MET F 249 12.21 11.91 -2.97
N ASN F 250 13.27 11.23 -2.58
CA ASN F 250 13.51 10.76 -1.22
C ASN F 250 14.91 11.29 -1.05
N LYS F 251 15.88 10.41 -0.83
CA LYS F 251 17.26 10.86 -0.79
C LYS F 251 17.56 10.66 -2.25
N CYS F 252 16.67 11.29 -3.01
CA CYS F 252 16.67 11.32 -4.45
C CYS F 252 15.87 10.22 -5.17
N HIS F 253 16.48 9.14 -5.64
CA HIS F 253 15.65 8.17 -6.37
C HIS F 253 16.23 6.87 -6.85
N ALA F 254 15.33 5.95 -7.14
CA ALA F 254 15.68 4.65 -7.64
C ALA F 254 14.96 4.58 -8.97
N GLY F 255 13.88 5.37 -9.06
CA GLY F 255 13.08 5.45 -10.26
C GLY F 255 12.91 6.92 -10.58
N HIS F 256 13.31 7.32 -11.78
CA HIS F 256 13.24 8.72 -12.17
C HIS F 256 12.70 8.88 -13.57
N LEU F 257 11.42 8.56 -13.76
CA LEU F 257 10.86 8.63 -15.10
C LEU F 257 10.79 10.03 -15.66
N ASN F 258 10.72 11.03 -14.79
CA ASN F 258 10.63 12.39 -15.30
C ASN F 258 12.01 12.96 -15.52
N GLY F 259 12.99 12.07 -15.52
CA GLY F 259 14.37 12.50 -15.69
C GLY F 259 14.73 13.23 -16.97
N VAL F 260 16.03 13.33 -17.21
CA VAL F 260 16.54 13.99 -18.39
C VAL F 260 16.67 12.97 -19.51
N TYR F 261 16.00 13.23 -20.63
CA TYR F 261 16.05 12.33 -21.76
C TYR F 261 17.47 12.26 -22.33
N TYR F 262 18.01 11.06 -22.43
CA TYR F 262 19.36 10.87 -22.95
C TYR F 262 19.32 10.02 -24.20
N GLN F 263 19.52 10.65 -25.35
CA GLN F 263 19.48 9.94 -26.63
C GLN F 263 20.53 8.86 -26.58
N GLY F 264 20.24 7.71 -27.19
CA GLY F 264 21.20 6.63 -27.21
C GLY F 264 21.07 5.69 -26.04
N GLY F 265 20.47 6.18 -24.97
CA GLY F 265 20.27 5.33 -23.80
C GLY F 265 21.34 5.38 -22.73
N THR F 266 22.59 5.21 -23.12
CA THR F 266 23.66 5.23 -22.14
C THR F 266 24.25 6.62 -21.93
N TYR F 267 24.77 6.84 -20.72
CA TYR F 267 25.42 8.11 -20.39
C TYR F 267 26.39 7.87 -19.23
N SER F 268 27.06 8.94 -18.77
CA SER F 268 28.01 8.80 -17.67
C SER F 268 28.23 10.09 -16.90
N LYS F 269 28.78 9.95 -15.69
CA LYS F 269 29.05 11.10 -14.83
C LYS F 269 29.47 12.31 -15.67
N ALA F 270 30.38 12.07 -16.61
CA ALA F 270 30.91 13.12 -17.47
C ALA F 270 29.83 14.03 -18.02
N SER F 271 28.85 13.42 -18.68
CA SER F 271 27.75 14.14 -19.31
C SER F 271 26.70 14.75 -18.38
N THR F 272 26.82 14.47 -17.08
CA THR F 272 25.87 14.99 -16.11
C THR F 272 26.30 16.31 -15.45
N PRO F 273 25.34 17.22 -15.25
CA PRO F 273 25.59 18.52 -14.63
C PRO F 273 26.38 18.41 -13.34
N ASN F 274 25.77 17.82 -12.32
CA ASN F 274 26.42 17.66 -11.03
C ASN F 274 26.71 16.20 -10.69
N GLY F 275 27.56 15.55 -11.48
CA GLY F 275 27.95 14.17 -11.27
C GLY F 275 26.93 13.12 -10.82
N TYR F 276 25.66 13.48 -10.80
CA TYR F 276 24.63 12.54 -10.37
C TYR F 276 23.75 12.09 -11.52
N ASP F 277 23.44 10.80 -11.52
CA ASP F 277 22.58 10.20 -12.52
C ASP F 277 21.22 10.88 -12.46
N ASN F 278 20.87 11.60 -13.54
CA ASN F 278 19.61 12.33 -13.62
C ASN F 278 18.74 11.83 -14.77
N GLY F 279 19.21 10.80 -15.46
CA GLY F 279 18.46 10.26 -16.57
C GLY F 279 17.18 9.55 -16.17
N ILE F 280 16.37 9.27 -17.17
CA ILE F 280 15.12 8.57 -16.96
C ILE F 280 15.53 7.14 -16.65
N ILE F 281 15.69 6.86 -15.36
CA ILE F 281 16.16 5.53 -14.94
C ILE F 281 15.19 4.71 -14.11
N TRP F 282 15.42 3.41 -14.10
CA TRP F 282 14.59 2.50 -13.33
C TRP F 282 15.55 1.41 -12.84
N ALA F 283 16.39 1.82 -11.89
CA ALA F 283 17.42 1.00 -11.28
C ALA F 283 17.24 -0.52 -11.20
N THR F 284 16.03 -1.00 -10.92
CA THR F 284 15.83 -2.45 -10.82
C THR F 284 15.94 -3.18 -12.18
N TRP F 285 15.82 -2.44 -13.28
CA TRP F 285 15.87 -3.05 -14.61
C TRP F 285 17.20 -2.85 -15.32
N LYS F 286 17.53 -1.60 -15.57
CA LYS F 286 18.79 -1.28 -16.23
C LYS F 286 19.59 -0.56 -15.16
N THR F 287 20.85 -0.23 -15.45
CA THR F 287 21.65 0.46 -14.46
C THR F 287 21.22 1.90 -14.32
N ARG F 288 21.84 2.61 -13.38
CA ARG F 288 21.51 4.00 -13.15
C ARG F 288 21.99 4.88 -14.28
N TRP F 289 22.83 4.31 -15.15
CA TRP F 289 23.37 5.09 -16.26
C TRP F 289 22.85 4.72 -17.63
N TYR F 290 21.63 4.24 -17.66
CA TYR F 290 20.97 3.88 -18.90
C TYR F 290 19.64 4.60 -18.74
N SER F 291 19.25 5.40 -19.73
CA SER F 291 18.00 6.12 -19.65
C SER F 291 17.02 5.77 -20.79
N MET F 292 16.05 4.94 -20.44
CA MET F 292 14.97 4.47 -21.32
C MET F 292 14.72 5.29 -22.57
N LYS F 293 14.21 4.63 -23.60
CA LYS F 293 13.91 5.30 -24.84
C LYS F 293 12.46 5.75 -24.73
N LYS F 294 11.65 4.92 -24.10
CA LYS F 294 10.24 5.21 -23.91
C LYS F 294 9.79 4.98 -22.48
N THR F 295 8.93 5.87 -21.99
CA THR F 295 8.42 5.80 -20.63
C THR F 295 6.94 6.07 -20.70
N THR F 296 6.18 5.46 -19.82
CA THR F 296 4.75 5.69 -19.83
C THR F 296 4.08 5.30 -18.51
N MET F 297 3.43 6.26 -17.87
CA MET F 297 2.78 6.01 -16.60
C MET F 297 1.28 6.15 -16.75
N LYS F 298 0.58 5.02 -16.62
CA LYS F 298 -0.87 5.02 -16.79
C LYS F 298 -1.59 4.34 -15.66
N ILE F 299 -2.87 4.62 -15.50
CA ILE F 299 -3.64 3.99 -14.44
C ILE F 299 -4.97 3.43 -14.90
N ILE F 300 -5.47 2.48 -14.12
CA ILE F 300 -6.70 1.81 -14.45
C ILE F 300 -7.23 1.20 -13.18
N PRO F 301 -8.55 1.25 -12.99
CA PRO F 301 -9.16 0.68 -11.79
C PRO F 301 -8.58 -0.73 -11.54
N PHE F 302 -8.09 -0.95 -10.33
CA PHE F 302 -7.48 -2.21 -9.98
C PHE F 302 -8.34 -3.44 -10.26
N ASN F 303 -9.65 -3.28 -10.24
CA ASN F 303 -10.51 -4.42 -10.49
C ASN F 303 -10.33 -4.89 -11.92
N ARG F 304 -9.13 -4.76 -12.44
CA ARG F 304 -8.87 -5.14 -13.82
C ARG F 304 -7.53 -5.84 -14.10
N GLY G 1 16.86 10.42 24.09
CA GLY G 1 16.62 11.48 23.05
C GLY G 1 17.84 11.72 22.19
N PRO G 2 18.32 12.97 22.11
CA PRO G 2 19.49 13.34 21.31
C PRO G 2 20.73 13.26 22.17
N ARG G 3 21.89 13.59 21.61
CA ARG G 3 23.12 13.56 22.39
C ARG G 3 24.09 14.70 22.04
N GLY H 1 20.12 8.60 -8.36
CA GLY H 1 19.99 7.44 -7.46
C GLY H 1 20.02 7.87 -6.00
N PRO H 2 21.05 7.45 -5.26
CA PRO H 2 21.26 7.74 -3.84
C PRO H 2 22.12 8.98 -3.63
N ARG H 3 22.59 9.15 -2.40
CA ARG H 3 23.43 10.28 -2.03
C ARG H 3 24.38 9.89 -0.91
N GLY I 1 15.27 -54.65 43.26
CA GLY I 1 14.66 -55.94 43.71
C GLY I 1 14.83 -57.08 42.72
N HIS I 2 15.17 -58.25 43.24
CA HIS I 2 15.33 -59.42 42.38
C HIS I 2 14.30 -60.50 42.74
N ARG I 3 14.23 -61.54 41.90
CA ARG I 3 13.30 -62.65 42.12
C ARG I 3 13.94 -63.97 41.69
N PRO I 4 14.58 -64.66 42.64
CA PRO I 4 15.25 -65.95 42.37
C PRO I 4 14.30 -67.12 42.09
N GLY J 1 -15.66 54.45 -43.97
CA GLY J 1 -16.80 54.66 -44.89
C GLY J 1 -17.89 55.54 -44.27
N HIS J 2 -18.25 56.63 -44.94
CA HIS J 2 -19.28 57.53 -44.45
C HIS J 2 -20.34 57.84 -45.51
N ARG J 3 -21.60 57.90 -45.08
CA ARG J 3 -22.74 58.18 -45.95
C ARG J 3 -23.45 59.47 -45.51
N PRO J 4 -23.49 60.49 -46.39
CA PRO J 4 -24.13 61.78 -46.10
C PRO J 4 -25.66 61.82 -46.15
#